data_3ZMH
# 
_entry.id   3ZMH 
# 
_audit_conform.dict_name       mmcif_pdbx.dic 
_audit_conform.dict_version    5.397 
_audit_conform.dict_location   http://mmcif.pdb.org/dictionaries/ascii/mmcif_pdbx.dic 
# 
loop_
_database_2.database_id 
_database_2.database_code 
_database_2.pdbx_database_accession 
_database_2.pdbx_DOI 
PDB   3ZMH         pdb_00003zmh 10.2210/pdb3zmh/pdb 
PDBE  EBI-55777    ?            ?                   
WWPDB D_1290055777 ?            ?                   
# 
loop_
_pdbx_audit_revision_history.ordinal 
_pdbx_audit_revision_history.data_content_type 
_pdbx_audit_revision_history.major_revision 
_pdbx_audit_revision_history.minor_revision 
_pdbx_audit_revision_history.revision_date 
1 'Structure model' 1 0 2013-05-22 
2 'Structure model' 1 1 2013-05-29 
3 'Structure model' 1 2 2013-08-28 
4 'Structure model' 1 3 2019-02-27 
5 'Structure model' 1 4 2020-07-29 
6 'Structure model' 1 5 2023-12-20 
7 'Structure model' 1 6 2024-10-16 
# 
loop_
_pdbx_audit_revision_details.ordinal 
_pdbx_audit_revision_details.revision_ordinal 
_pdbx_audit_revision_details.data_content_type 
_pdbx_audit_revision_details.provider 
_pdbx_audit_revision_details.type 
_pdbx_audit_revision_details.description 
_pdbx_audit_revision_details.details 
1 1 'Structure model' repository 'Initial release' ?                          ? 
2 5 'Structure model' repository Remediation       'Carbohydrate remediation' ? 
# 
loop_
_pdbx_audit_revision_group.ordinal 
_pdbx_audit_revision_group.revision_ordinal 
_pdbx_audit_revision_group.data_content_type 
_pdbx_audit_revision_group.group 
1  2 'Structure model' 'Database references'      
2  3 'Structure model' 'Database references'      
3  4 'Structure model' 'Data collection'          
4  4 'Structure model' 'Database references'      
5  4 'Structure model' 'Derived calculations'     
6  4 'Structure model' 'Experimental preparation' 
7  4 'Structure model' Other                      
8  5 'Structure model' 'Data collection'          
9  5 'Structure model' 'Derived calculations'     
10 5 'Structure model' Other                      
11 5 'Structure model' 'Structure summary'        
12 6 'Structure model' 'Data collection'          
13 6 'Structure model' 'Database references'      
14 6 'Structure model' 'Refinement description'   
15 6 'Structure model' 'Structure summary'        
16 7 'Structure model' 'Structure summary'        
# 
loop_
_pdbx_audit_revision_category.ordinal 
_pdbx_audit_revision_category.revision_ordinal 
_pdbx_audit_revision_category.data_content_type 
_pdbx_audit_revision_category.category 
1  4 'Structure model' citation                      
2  4 'Structure model' exptl_crystal_grow            
3  4 'Structure model' pdbx_database_proc            
4  4 'Structure model' pdbx_database_status          
5  4 'Structure model' struct_biol                   
6  4 'Structure model' struct_conn                   
7  5 'Structure model' chem_comp                     
8  5 'Structure model' entity                        
9  5 'Structure model' pdbx_chem_comp_identifier     
10 5 'Structure model' pdbx_database_status          
11 5 'Structure model' pdbx_entity_nonpoly           
12 5 'Structure model' struct_conn                   
13 5 'Structure model' struct_site                   
14 5 'Structure model' struct_site_gen               
15 6 'Structure model' chem_comp                     
16 6 'Structure model' chem_comp_atom                
17 6 'Structure model' chem_comp_bond                
18 6 'Structure model' database_2                    
19 6 'Structure model' pdbx_initial_refinement_model 
20 7 'Structure model' pdbx_entry_details            
21 7 'Structure model' pdbx_modification_feature     
# 
loop_
_pdbx_audit_revision_item.ordinal 
_pdbx_audit_revision_item.revision_ordinal 
_pdbx_audit_revision_item.data_content_type 
_pdbx_audit_revision_item.item 
1  4 'Structure model' '_citation.journal_id_ISSN'                    
2  4 'Structure model' '_citation.page_last'                          
3  4 'Structure model' '_citation.pdbx_database_id_DOI'               
4  4 'Structure model' '_citation.title'                              
5  4 'Structure model' '_exptl_crystal_grow.method'                   
6  4 'Structure model' '_exptl_crystal_grow.temp'                     
7  4 'Structure model' '_pdbx_database_status.recvd_author_approval'  
8  4 'Structure model' '_struct_conn.pdbx_leaving_atom_flag'          
9  5 'Structure model' '_chem_comp.mon_nstd_flag'                     
10 5 'Structure model' '_chem_comp.name'                              
11 5 'Structure model' '_chem_comp.type'                              
12 5 'Structure model' '_entity.pdbx_description'                     
13 5 'Structure model' '_pdbx_database_status.status_code_sf'         
14 5 'Structure model' '_pdbx_entity_nonpoly.name'                    
15 5 'Structure model' '_struct_conn.ptnr1_auth_comp_id'              
16 5 'Structure model' '_struct_conn.ptnr1_auth_seq_id'               
17 5 'Structure model' '_struct_conn.ptnr1_label_asym_id'             
18 5 'Structure model' '_struct_conn.ptnr1_label_atom_id'             
19 5 'Structure model' '_struct_conn.ptnr1_label_comp_id'             
20 5 'Structure model' '_struct_conn.ptnr1_label_seq_id'              
21 5 'Structure model' '_struct_conn.ptnr2_auth_comp_id'              
22 5 'Structure model' '_struct_conn.ptnr2_auth_seq_id'               
23 5 'Structure model' '_struct_conn.ptnr2_label_asym_id'             
24 5 'Structure model' '_struct_conn.ptnr2_label_atom_id'             
25 5 'Structure model' '_struct_conn.ptnr2_label_comp_id'             
26 5 'Structure model' '_struct_conn.ptnr2_label_seq_id'              
27 6 'Structure model' '_chem_comp.pdbx_synonyms'                     
28 6 'Structure model' '_database_2.pdbx_DOI'                         
29 6 'Structure model' '_database_2.pdbx_database_accession'          
30 7 'Structure model' '_pdbx_entry_details.has_protein_modification' 
# 
_pdbx_database_status.status_code                     REL 
_pdbx_database_status.entry_id                        3ZMH 
_pdbx_database_status.deposit_site                    PDBE 
_pdbx_database_status.process_site                    PDBE 
_pdbx_database_status.SG_entry                        . 
_pdbx_database_status.recvd_initial_deposition_date   2013-02-11 
_pdbx_database_status.pdb_format_compatible           Y 
_pdbx_database_status.status_code_sf                  REL 
_pdbx_database_status.status_code_mr                  ? 
_pdbx_database_status.status_code_cs                  ? 
_pdbx_database_status.methods_development_category    ? 
_pdbx_database_status.status_code_nmr_data            ? 
# 
loop_
_pdbx_database_related.db_name 
_pdbx_database_related.db_id 
_pdbx_database_related.content_type 
_pdbx_database_related.details 
PDB 3ZMI unspecified 'STRUCTURE OF E.COLI RHOMBOID PROTEASE GLPG IN COMPLEX WITH MONOBACTAM L29'              
PDB 3ZMJ unspecified 'STRUCTURE OF E.COLI RHOMBOID PROTEASE GLPG IN COMPLEX WITH MONOBACTAM L61'              
PDB 3ZOT unspecified 'STRUCTURE OF E.COLI RHOMBOID PROTEASE GLPG IN COMPLEX WITH MONOBACTAM L29 (DATA SET 2)' 
# 
loop_
_audit_author.name 
_audit_author.pdbx_ordinal 
_audit_author.identifier_ORCID 
'Vinothkumar, K.R.' 1 ? 
'Pierrat, O.A.'     2 ? 
'Large, J.M.'       3 ? 
'Freeman, M.'       4 ? 
# 
_citation.id                        primary 
_citation.title                     
;Structure of rhomboid protease in complex with beta-lactam inhibitors defines the S2' cavity.
;
_citation.journal_abbrev            Structure 
_citation.journal_volume            21 
_citation.page_first                1051 
_citation.page_last                 1058 
_citation.year                      2013 
_citation.journal_id_ASTM           STRUE6 
_citation.country                   UK 
_citation.journal_id_ISSN           1878-4186 
_citation.journal_id_CSD            2005 
_citation.book_publisher            ? 
_citation.pdbx_database_id_PubMed   23665170 
_citation.pdbx_database_id_DOI      10.1016/j.str.2013.03.013 
# 
loop_
_citation_author.citation_id 
_citation_author.name 
_citation_author.ordinal 
_citation_author.identifier_ORCID 
primary 'Vinothkumar, K.R.' 1 ? 
primary 'Pierrat, O.A.'     2 ? 
primary 'Large, J.M.'       3 ? 
primary 'Freeman, M.'       4 ? 
# 
loop_
_entity.id 
_entity.type 
_entity.src_method 
_entity.pdbx_description 
_entity.formula_weight 
_entity.pdbx_number_of_molecules 
_entity.pdbx_ec 
_entity.pdbx_mutation 
_entity.pdbx_fragment 
_entity.details 
1 polymer     man 'RHOMBOID PROTEASE GLPG'                                        20343.133 1  3.4.21.105 ? 
'CORE TM DOMAIN, RESIDUES 91-270' 
'THE BETA LACTAM RING IS OPENED BY THE NUCLEOPHILIC ATTACK OF S201 ON C2-O1 TO FORM A COVALENT BOND' 
2 non-polymer syn 'cyclopentyl N-[(1R)-3-oxidanylidene-1-phenyl-propyl]carbamate' 261.316   1  ?          ? ? ? 
3 non-polymer syn 'CYCLOPENTYL 2-OXO-4-PHENYLAZETIDINE-1-CARBOXYLATE'             259.300   1  ?          ? ? ? 
4 non-polymer man 'nonyl beta-D-glucopyranoside'                                  306.395   6  ?          ? ? ? 
5 non-polymer syn 'CHLORIDE ION'                                                  35.453    2  ?          ? ? ? 
6 water       nat water                                                           18.015    38 ?          ? ? ? 
# 
_entity_name_com.entity_id   1 
_entity_name_com.name        'GLPG, INTRAMEMBRANE SERINE PROTEASE' 
# 
_entity_poly.entity_id                      1 
_entity_poly.type                           'polypeptide(L)' 
_entity_poly.nstd_linkage                   no 
_entity_poly.nstd_monomer                   no 
_entity_poly.pdbx_seq_one_letter_code       
;ERAGPVTWVMMIACVVVFIAMQILGDQEVMLWLAWPFDPTLKFEFWRYFTHALMHFSLMHILFNLLWWWYLGGAVEKRLG
SGKLIVITLISALLSGYVQQKFSGPWFGGLSGVVYALMGYVWLRGERDPQSGIYLQRGLIIFALIWIVAGWFDLFGMSMA
NGAHIAGLAVGLAMAFVDSL
;
_entity_poly.pdbx_seq_one_letter_code_can   
;ERAGPVTWVMMIACVVVFIAMQILGDQEVMLWLAWPFDPTLKFEFWRYFTHALMHFSLMHILFNLLWWWYLGGAVEKRLG
SGKLIVITLISALLSGYVQQKFSGPWFGGLSGVVYALMGYVWLRGERDPQSGIYLQRGLIIFALIWIVAGWFDLFGMSMA
NGAHIAGLAVGLAMAFVDSL
;
_entity_poly.pdbx_strand_id                 A 
_entity_poly.pdbx_target_identifier         ? 
# 
loop_
_pdbx_entity_nonpoly.entity_id 
_pdbx_entity_nonpoly.name 
_pdbx_entity_nonpoly.comp_id 
2 'cyclopentyl N-[(1R)-3-oxidanylidene-1-phenyl-propyl]carbamate' L62 
3 'CYCLOPENTYL 2-OXO-4-PHENYLAZETIDINE-1-CARBOXYLATE'             78C 
4 'nonyl beta-D-glucopyranoside'                                  BNG 
5 'CHLORIDE ION'                                                  CL  
6 water                                                           HOH 
# 
loop_
_entity_poly_seq.entity_id 
_entity_poly_seq.num 
_entity_poly_seq.mon_id 
_entity_poly_seq.hetero 
1 1   GLU n 
1 2   ARG n 
1 3   ALA n 
1 4   GLY n 
1 5   PRO n 
1 6   VAL n 
1 7   THR n 
1 8   TRP n 
1 9   VAL n 
1 10  MET n 
1 11  MET n 
1 12  ILE n 
1 13  ALA n 
1 14  CYS n 
1 15  VAL n 
1 16  VAL n 
1 17  VAL n 
1 18  PHE n 
1 19  ILE n 
1 20  ALA n 
1 21  MET n 
1 22  GLN n 
1 23  ILE n 
1 24  LEU n 
1 25  GLY n 
1 26  ASP n 
1 27  GLN n 
1 28  GLU n 
1 29  VAL n 
1 30  MET n 
1 31  LEU n 
1 32  TRP n 
1 33  LEU n 
1 34  ALA n 
1 35  TRP n 
1 36  PRO n 
1 37  PHE n 
1 38  ASP n 
1 39  PRO n 
1 40  THR n 
1 41  LEU n 
1 42  LYS n 
1 43  PHE n 
1 44  GLU n 
1 45  PHE n 
1 46  TRP n 
1 47  ARG n 
1 48  TYR n 
1 49  PHE n 
1 50  THR n 
1 51  HIS n 
1 52  ALA n 
1 53  LEU n 
1 54  MET n 
1 55  HIS n 
1 56  PHE n 
1 57  SER n 
1 58  LEU n 
1 59  MET n 
1 60  HIS n 
1 61  ILE n 
1 62  LEU n 
1 63  PHE n 
1 64  ASN n 
1 65  LEU n 
1 66  LEU n 
1 67  TRP n 
1 68  TRP n 
1 69  TRP n 
1 70  TYR n 
1 71  LEU n 
1 72  GLY n 
1 73  GLY n 
1 74  ALA n 
1 75  VAL n 
1 76  GLU n 
1 77  LYS n 
1 78  ARG n 
1 79  LEU n 
1 80  GLY n 
1 81  SER n 
1 82  GLY n 
1 83  LYS n 
1 84  LEU n 
1 85  ILE n 
1 86  VAL n 
1 87  ILE n 
1 88  THR n 
1 89  LEU n 
1 90  ILE n 
1 91  SER n 
1 92  ALA n 
1 93  LEU n 
1 94  LEU n 
1 95  SER n 
1 96  GLY n 
1 97  TYR n 
1 98  VAL n 
1 99  GLN n 
1 100 GLN n 
1 101 LYS n 
1 102 PHE n 
1 103 SER n 
1 104 GLY n 
1 105 PRO n 
1 106 TRP n 
1 107 PHE n 
1 108 GLY n 
1 109 GLY n 
1 110 LEU n 
1 111 SER n 
1 112 GLY n 
1 113 VAL n 
1 114 VAL n 
1 115 TYR n 
1 116 ALA n 
1 117 LEU n 
1 118 MET n 
1 119 GLY n 
1 120 TYR n 
1 121 VAL n 
1 122 TRP n 
1 123 LEU n 
1 124 ARG n 
1 125 GLY n 
1 126 GLU n 
1 127 ARG n 
1 128 ASP n 
1 129 PRO n 
1 130 GLN n 
1 131 SER n 
1 132 GLY n 
1 133 ILE n 
1 134 TYR n 
1 135 LEU n 
1 136 GLN n 
1 137 ARG n 
1 138 GLY n 
1 139 LEU n 
1 140 ILE n 
1 141 ILE n 
1 142 PHE n 
1 143 ALA n 
1 144 LEU n 
1 145 ILE n 
1 146 TRP n 
1 147 ILE n 
1 148 VAL n 
1 149 ALA n 
1 150 GLY n 
1 151 TRP n 
1 152 PHE n 
1 153 ASP n 
1 154 LEU n 
1 155 PHE n 
1 156 GLY n 
1 157 MET n 
1 158 SER n 
1 159 MET n 
1 160 ALA n 
1 161 ASN n 
1 162 GLY n 
1 163 ALA n 
1 164 HIS n 
1 165 ILE n 
1 166 ALA n 
1 167 GLY n 
1 168 LEU n 
1 169 ALA n 
1 170 VAL n 
1 171 GLY n 
1 172 LEU n 
1 173 ALA n 
1 174 MET n 
1 175 ALA n 
1 176 PHE n 
1 177 VAL n 
1 178 ASP n 
1 179 SER n 
1 180 LEU n 
# 
_entity_src_gen.entity_id                          1 
_entity_src_gen.pdbx_src_id                        1 
_entity_src_gen.pdbx_alt_source_flag               sample 
_entity_src_gen.pdbx_seq_type                      ? 
_entity_src_gen.pdbx_beg_seq_num                   ? 
_entity_src_gen.pdbx_end_seq_num                   ? 
_entity_src_gen.gene_src_common_name               ? 
_entity_src_gen.gene_src_genus                     ? 
_entity_src_gen.pdbx_gene_src_gene                 ? 
_entity_src_gen.gene_src_species                   ? 
_entity_src_gen.gene_src_strain                    ? 
_entity_src_gen.gene_src_tissue                    ? 
_entity_src_gen.gene_src_tissue_fraction           ? 
_entity_src_gen.gene_src_details                   ? 
_entity_src_gen.pdbx_gene_src_fragment             ? 
_entity_src_gen.pdbx_gene_src_scientific_name      'ESCHERICHIA COLI' 
_entity_src_gen.pdbx_gene_src_ncbi_taxonomy_id     562 
_entity_src_gen.pdbx_gene_src_variant              ? 
_entity_src_gen.pdbx_gene_src_cell_line            ? 
_entity_src_gen.pdbx_gene_src_atcc                 ? 
_entity_src_gen.pdbx_gene_src_organ                ? 
_entity_src_gen.pdbx_gene_src_organelle            ? 
_entity_src_gen.pdbx_gene_src_cell                 ? 
_entity_src_gen.pdbx_gene_src_cellular_location    ? 
_entity_src_gen.host_org_common_name               ? 
_entity_src_gen.pdbx_host_org_scientific_name      'ESCHERICHIA COLI' 
_entity_src_gen.pdbx_host_org_ncbi_taxonomy_id     469008 
_entity_src_gen.host_org_genus                     ? 
_entity_src_gen.pdbx_host_org_gene                 ? 
_entity_src_gen.pdbx_host_org_organ                ? 
_entity_src_gen.host_org_species                   ? 
_entity_src_gen.pdbx_host_org_tissue               ? 
_entity_src_gen.pdbx_host_org_tissue_fraction      ? 
_entity_src_gen.pdbx_host_org_strain               'BL21(DE3)' 
_entity_src_gen.pdbx_host_org_variant              C41 
_entity_src_gen.pdbx_host_org_cell_line            ? 
_entity_src_gen.pdbx_host_org_atcc                 ? 
_entity_src_gen.pdbx_host_org_culture_collection   ? 
_entity_src_gen.pdbx_host_org_cell                 ? 
_entity_src_gen.pdbx_host_org_organelle            ? 
_entity_src_gen.pdbx_host_org_cellular_location    ? 
_entity_src_gen.pdbx_host_org_vector_type          PLASMID 
_entity_src_gen.pdbx_host_org_vector               PET 
_entity_src_gen.host_org_details                   ? 
_entity_src_gen.expression_system_id               ? 
_entity_src_gen.plasmid_name                       ? 
_entity_src_gen.plasmid_details                    ? 
_entity_src_gen.pdbx_description                   ? 
# 
loop_
_chem_comp.id 
_chem_comp.type 
_chem_comp.mon_nstd_flag 
_chem_comp.name 
_chem_comp.pdbx_synonyms 
_chem_comp.formula 
_chem_comp.formula_weight 
78C non-polymer         . 'CYCLOPENTYL 2-OXO-4-PHENYLAZETIDINE-1-CARBOXYLATE'             ? 'C15 H17 N O3'   259.300 
ALA 'L-peptide linking' y ALANINE                                                         ? 'C3 H7 N O2'     89.093  
ARG 'L-peptide linking' y ARGININE                                                        ? 'C6 H15 N4 O2 1' 175.209 
ASN 'L-peptide linking' y ASPARAGINE                                                      ? 'C4 H8 N2 O3'    132.118 
ASP 'L-peptide linking' y 'ASPARTIC ACID'                                                 ? 'C4 H7 N O4'     133.103 
BNG D-saccharide        n 'nonyl beta-D-glucopyranoside'                                  
'Beta-NONYLGLUCOSIDE; nonyl beta-D-glucoside; nonyl D-glucoside; nonyl glucoside' 'C15 H30 O6'     306.395 
CL  non-polymer         . 'CHLORIDE ION'                                                  ? 'Cl -1'          35.453  
CYS 'L-peptide linking' y CYSTEINE                                                        ? 'C3 H7 N O2 S'   121.158 
GLN 'L-peptide linking' y GLUTAMINE                                                       ? 'C5 H10 N2 O3'   146.144 
GLU 'L-peptide linking' y 'GLUTAMIC ACID'                                                 ? 'C5 H9 N O4'     147.129 
GLY 'peptide linking'   y GLYCINE                                                         ? 'C2 H5 N O2'     75.067  
HIS 'L-peptide linking' y HISTIDINE                                                       ? 'C6 H10 N3 O2 1' 156.162 
HOH non-polymer         . WATER                                                           ? 'H2 O'           18.015  
ILE 'L-peptide linking' y ISOLEUCINE                                                      ? 'C6 H13 N O2'    131.173 
L62 non-polymer         . 'cyclopentyl N-[(1R)-3-oxidanylidene-1-phenyl-propyl]carbamate' ? 'C15 H19 N O3'   261.316 
LEU 'L-peptide linking' y LEUCINE                                                         ? 'C6 H13 N O2'    131.173 
LYS 'L-peptide linking' y LYSINE                                                          ? 'C6 H15 N2 O2 1' 147.195 
MET 'L-peptide linking' y METHIONINE                                                      ? 'C5 H11 N O2 S'  149.211 
PHE 'L-peptide linking' y PHENYLALANINE                                                   ? 'C9 H11 N O2'    165.189 
PRO 'L-peptide linking' y PROLINE                                                         ? 'C5 H9 N O2'     115.130 
SER 'L-peptide linking' y SERINE                                                          ? 'C3 H7 N O3'     105.093 
THR 'L-peptide linking' y THREONINE                                                       ? 'C4 H9 N O3'     119.119 
TRP 'L-peptide linking' y TRYPTOPHAN                                                      ? 'C11 H12 N2 O2'  204.225 
TYR 'L-peptide linking' y TYROSINE                                                        ? 'C9 H11 N O3'    181.189 
VAL 'L-peptide linking' y VALINE                                                          ? 'C5 H11 N O2'    117.146 
# 
_pdbx_chem_comp_identifier.comp_id           BNG 
_pdbx_chem_comp_identifier.type              'IUPAC CARBOHYDRATE SYMBOL' 
_pdbx_chem_comp_identifier.program           PDB-CARE 
_pdbx_chem_comp_identifier.program_version   1.0 
_pdbx_chem_comp_identifier.identifier        b-nonylglucoside 
# 
loop_
_pdbx_poly_seq_scheme.asym_id 
_pdbx_poly_seq_scheme.entity_id 
_pdbx_poly_seq_scheme.seq_id 
_pdbx_poly_seq_scheme.mon_id 
_pdbx_poly_seq_scheme.ndb_seq_num 
_pdbx_poly_seq_scheme.pdb_seq_num 
_pdbx_poly_seq_scheme.auth_seq_num 
_pdbx_poly_seq_scheme.pdb_mon_id 
_pdbx_poly_seq_scheme.auth_mon_id 
_pdbx_poly_seq_scheme.pdb_strand_id 
_pdbx_poly_seq_scheme.pdb_ins_code 
_pdbx_poly_seq_scheme.hetero 
A 1 1   GLU 1   91  91  GLU GLU A . n 
A 1 2   ARG 2   92  92  ARG ARG A . n 
A 1 3   ALA 3   93  93  ALA ALA A . n 
A 1 4   GLY 4   94  94  GLY GLY A . n 
A 1 5   PRO 5   95  95  PRO PRO A . n 
A 1 6   VAL 6   96  96  VAL VAL A . n 
A 1 7   THR 7   97  97  THR THR A . n 
A 1 8   TRP 8   98  98  TRP TRP A . n 
A 1 9   VAL 9   99  99  VAL VAL A . n 
A 1 10  MET 10  100 100 MET MET A . n 
A 1 11  MET 11  101 101 MET MET A . n 
A 1 12  ILE 12  102 102 ILE ILE A . n 
A 1 13  ALA 13  103 103 ALA ALA A . n 
A 1 14  CYS 14  104 104 CYS CYS A . n 
A 1 15  VAL 15  105 105 VAL VAL A . n 
A 1 16  VAL 16  106 106 VAL VAL A . n 
A 1 17  VAL 17  107 107 VAL VAL A . n 
A 1 18  PHE 18  108 108 PHE PHE A . n 
A 1 19  ILE 19  109 109 ILE ILE A . n 
A 1 20  ALA 20  110 110 ALA ALA A . n 
A 1 21  MET 21  111 111 MET MET A . n 
A 1 22  GLN 22  112 112 GLN GLN A . n 
A 1 23  ILE 23  113 113 ILE ILE A . n 
A 1 24  LEU 24  114 114 LEU LEU A . n 
A 1 25  GLY 25  115 115 GLY GLY A . n 
A 1 26  ASP 26  116 116 ASP ASP A . n 
A 1 27  GLN 27  117 117 GLN GLN A . n 
A 1 28  GLU 28  118 118 GLU GLU A . n 
A 1 29  VAL 29  119 119 VAL VAL A . n 
A 1 30  MET 30  120 120 MET MET A . n 
A 1 31  LEU 31  121 121 LEU LEU A . n 
A 1 32  TRP 32  122 122 TRP TRP A . n 
A 1 33  LEU 33  123 123 LEU LEU A . n 
A 1 34  ALA 34  124 124 ALA ALA A . n 
A 1 35  TRP 35  125 125 TRP TRP A . n 
A 1 36  PRO 36  126 126 PRO PRO A . n 
A 1 37  PHE 37  127 127 PHE PHE A . n 
A 1 38  ASP 38  128 128 ASP ASP A . n 
A 1 39  PRO 39  129 129 PRO PRO A . n 
A 1 40  THR 40  130 130 THR THR A . n 
A 1 41  LEU 41  131 131 LEU LEU A . n 
A 1 42  LYS 42  132 132 LYS LYS A . n 
A 1 43  PHE 43  133 133 PHE PHE A . n 
A 1 44  GLU 44  134 134 GLU GLU A . n 
A 1 45  PHE 45  135 135 PHE PHE A . n 
A 1 46  TRP 46  136 136 TRP TRP A . n 
A 1 47  ARG 47  137 137 ARG ARG A . n 
A 1 48  TYR 48  138 138 TYR TYR A . n 
A 1 49  PHE 49  139 139 PHE PHE A . n 
A 1 50  THR 50  140 140 THR THR A . n 
A 1 51  HIS 51  141 141 HIS HIS A . n 
A 1 52  ALA 52  142 142 ALA ALA A . n 
A 1 53  LEU 53  143 143 LEU LEU A . n 
A 1 54  MET 54  144 144 MET MET A . n 
A 1 55  HIS 55  145 145 HIS HIS A . n 
A 1 56  PHE 56  146 146 PHE PHE A . n 
A 1 57  SER 57  147 147 SER SER A . n 
A 1 58  LEU 58  148 148 LEU LEU A . n 
A 1 59  MET 59  149 149 MET MET A . n 
A 1 60  HIS 60  150 150 HIS HIS A . n 
A 1 61  ILE 61  151 151 ILE ILE A . n 
A 1 62  LEU 62  152 152 LEU LEU A . n 
A 1 63  PHE 63  153 153 PHE PHE A . n 
A 1 64  ASN 64  154 154 ASN ASN A . n 
A 1 65  LEU 65  155 155 LEU LEU A . n 
A 1 66  LEU 66  156 156 LEU LEU A . n 
A 1 67  TRP 67  157 157 TRP TRP A . n 
A 1 68  TRP 68  158 158 TRP TRP A . n 
A 1 69  TRP 69  159 159 TRP TRP A . n 
A 1 70  TYR 70  160 160 TYR TYR A . n 
A 1 71  LEU 71  161 161 LEU LEU A . n 
A 1 72  GLY 72  162 162 GLY GLY A . n 
A 1 73  GLY 73  163 163 GLY GLY A . n 
A 1 74  ALA 74  164 164 ALA ALA A . n 
A 1 75  VAL 75  165 165 VAL VAL A . n 
A 1 76  GLU 76  166 166 GLU GLU A . n 
A 1 77  LYS 77  167 167 LYS LYS A . n 
A 1 78  ARG 78  168 168 ARG ARG A . n 
A 1 79  LEU 79  169 169 LEU LEU A . n 
A 1 80  GLY 80  170 170 GLY GLY A . n 
A 1 81  SER 81  171 171 SER SER A . n 
A 1 82  GLY 82  172 172 GLY GLY A . n 
A 1 83  LYS 83  173 173 LYS LYS A . n 
A 1 84  LEU 84  174 174 LEU LEU A . n 
A 1 85  ILE 85  175 175 ILE ILE A . n 
A 1 86  VAL 86  176 176 VAL VAL A . n 
A 1 87  ILE 87  177 177 ILE ILE A . n 
A 1 88  THR 88  178 178 THR THR A . n 
A 1 89  LEU 89  179 179 LEU LEU A . n 
A 1 90  ILE 90  180 180 ILE ILE A . n 
A 1 91  SER 91  181 181 SER SER A . n 
A 1 92  ALA 92  182 182 ALA ALA A . n 
A 1 93  LEU 93  183 183 LEU LEU A . n 
A 1 94  LEU 94  184 184 LEU LEU A . n 
A 1 95  SER 95  185 185 SER SER A . n 
A 1 96  GLY 96  186 186 GLY GLY A . n 
A 1 97  TYR 97  187 187 TYR TYR A . n 
A 1 98  VAL 98  188 188 VAL VAL A . n 
A 1 99  GLN 99  189 189 GLN GLN A . n 
A 1 100 GLN 100 190 190 GLN GLN A . n 
A 1 101 LYS 101 191 191 LYS LYS A . n 
A 1 102 PHE 102 192 192 PHE PHE A . n 
A 1 103 SER 103 193 193 SER SER A . n 
A 1 104 GLY 104 194 194 GLY GLY A . n 
A 1 105 PRO 105 195 195 PRO PRO A . n 
A 1 106 TRP 106 196 196 TRP TRP A . n 
A 1 107 PHE 107 197 197 PHE PHE A . n 
A 1 108 GLY 108 198 198 GLY GLY A . n 
A 1 109 GLY 109 199 199 GLY GLY A . n 
A 1 110 LEU 110 200 200 LEU LEU A . n 
A 1 111 SER 111 201 201 SER SER A . n 
A 1 112 GLY 112 202 202 GLY GLY A . n 
A 1 113 VAL 113 203 203 VAL VAL A . n 
A 1 114 VAL 114 204 204 VAL VAL A . n 
A 1 115 TYR 115 205 205 TYR TYR A . n 
A 1 116 ALA 116 206 206 ALA ALA A . n 
A 1 117 LEU 117 207 207 LEU LEU A . n 
A 1 118 MET 118 208 208 MET MET A . n 
A 1 119 GLY 119 209 209 GLY GLY A . n 
A 1 120 TYR 120 210 210 TYR TYR A . n 
A 1 121 VAL 121 211 211 VAL VAL A . n 
A 1 122 TRP 122 212 212 TRP TRP A . n 
A 1 123 LEU 123 213 213 LEU LEU A . n 
A 1 124 ARG 124 214 214 ARG ARG A . n 
A 1 125 GLY 125 215 215 GLY GLY A . n 
A 1 126 GLU 126 216 216 GLU GLU A . n 
A 1 127 ARG 127 217 217 ARG ARG A . n 
A 1 128 ASP 128 218 218 ASP ASP A . n 
A 1 129 PRO 129 219 219 PRO PRO A . n 
A 1 130 GLN 130 220 220 GLN GLN A . n 
A 1 131 SER 131 221 221 SER SER A . n 
A 1 132 GLY 132 222 222 GLY GLY A . n 
A 1 133 ILE 133 223 223 ILE ILE A . n 
A 1 134 TYR 134 224 224 TYR TYR A . n 
A 1 135 LEU 135 225 225 LEU LEU A . n 
A 1 136 GLN 136 226 226 GLN GLN A . n 
A 1 137 ARG 137 227 227 ARG ARG A . n 
A 1 138 GLY 138 228 228 GLY GLY A . n 
A 1 139 LEU 139 229 229 LEU LEU A . n 
A 1 140 ILE 140 230 230 ILE ILE A . n 
A 1 141 ILE 141 231 231 ILE ILE A . n 
A 1 142 PHE 142 232 232 PHE PHE A . n 
A 1 143 ALA 143 233 233 ALA ALA A . n 
A 1 144 LEU 144 234 234 LEU LEU A . n 
A 1 145 ILE 145 235 235 ILE ILE A . n 
A 1 146 TRP 146 236 236 TRP TRP A . n 
A 1 147 ILE 147 237 237 ILE ILE A . n 
A 1 148 VAL 148 238 238 VAL VAL A . n 
A 1 149 ALA 149 239 239 ALA ALA A . n 
A 1 150 GLY 150 240 240 GLY GLY A . n 
A 1 151 TRP 151 241 241 TRP TRP A . n 
A 1 152 PHE 152 242 242 PHE PHE A . n 
A 1 153 ASP 153 243 243 ASP ASP A . n 
A 1 154 LEU 154 244 244 LEU LEU A . n 
A 1 155 PHE 155 245 245 PHE PHE A . n 
A 1 156 GLY 156 246 246 GLY GLY A . n 
A 1 157 MET 157 247 247 MET MET A . n 
A 1 158 SER 158 248 248 SER SER A . n 
A 1 159 MET 159 249 249 MET MET A . n 
A 1 160 ALA 160 250 250 ALA ALA A . n 
A 1 161 ASN 161 251 251 ASN ASN A . n 
A 1 162 GLY 162 252 252 GLY GLY A . n 
A 1 163 ALA 163 253 253 ALA ALA A . n 
A 1 164 HIS 164 254 254 HIS HIS A . n 
A 1 165 ILE 165 255 255 ILE ILE A . n 
A 1 166 ALA 166 256 256 ALA ALA A . n 
A 1 167 GLY 167 257 257 GLY GLY A . n 
A 1 168 LEU 168 258 258 LEU LEU A . n 
A 1 169 ALA 169 259 259 ALA ALA A . n 
A 1 170 VAL 170 260 260 VAL VAL A . n 
A 1 171 GLY 171 261 261 GLY GLY A . n 
A 1 172 LEU 172 262 262 LEU LEU A . n 
A 1 173 ALA 173 263 263 ALA ALA A . n 
A 1 174 MET 174 264 264 MET MET A . n 
A 1 175 ALA 175 265 265 ALA ALA A . n 
A 1 176 PHE 176 266 266 PHE PHE A . n 
A 1 177 VAL 177 267 267 VAL VAL A . n 
A 1 178 ASP 178 268 268 ASP ASP A . n 
A 1 179 SER 179 269 269 SER SER A . n 
A 1 180 LEU 180 270 270 LEU LEU A . n 
# 
loop_
_pdbx_nonpoly_scheme.asym_id 
_pdbx_nonpoly_scheme.entity_id 
_pdbx_nonpoly_scheme.mon_id 
_pdbx_nonpoly_scheme.ndb_seq_num 
_pdbx_nonpoly_scheme.pdb_seq_num 
_pdbx_nonpoly_scheme.auth_seq_num 
_pdbx_nonpoly_scheme.pdb_mon_id 
_pdbx_nonpoly_scheme.auth_mon_id 
_pdbx_nonpoly_scheme.pdb_strand_id 
_pdbx_nonpoly_scheme.pdb_ins_code 
B 2 L62 1  401  401  L62 L62 A . 
C 3 78C 1  402  402  78C 78C A . 
D 4 BNG 1  403  403  BNG BNG A . 
E 4 BNG 1  404  404  BNG BNG A . 
F 4 BNG 1  405  405  BNG BNG A . 
G 4 BNG 1  406  406  BNG BNG A . 
H 4 BNG 1  407  407  BNG BNG A . 
I 4 BNG 1  408  408  BNG BNG A . 
J 5 CL  1  409  409  CL  CL  A . 
K 5 CL  1  410  410  CL  CL  A . 
L 6 HOH 1  2001 2001 HOH HOH A . 
L 6 HOH 2  2002 2002 HOH HOH A . 
L 6 HOH 3  2003 2003 HOH HOH A . 
L 6 HOH 4  2004 2004 HOH HOH A . 
L 6 HOH 5  2005 2005 HOH HOH A . 
L 6 HOH 6  2006 2006 HOH HOH A . 
L 6 HOH 7  2007 2007 HOH HOH A . 
L 6 HOH 8  2008 2008 HOH HOH A . 
L 6 HOH 9  2009 2009 HOH HOH A . 
L 6 HOH 10 2010 2010 HOH HOH A . 
L 6 HOH 11 2011 2011 HOH HOH A . 
L 6 HOH 12 2012 2012 HOH HOH A . 
L 6 HOH 13 2013 2013 HOH HOH A . 
L 6 HOH 14 2014 2014 HOH HOH A . 
L 6 HOH 15 2015 2015 HOH HOH A . 
L 6 HOH 16 2016 2016 HOH HOH A . 
L 6 HOH 17 2017 2017 HOH HOH A . 
L 6 HOH 18 2018 2018 HOH HOH A . 
L 6 HOH 19 2019 2019 HOH HOH A . 
L 6 HOH 20 2020 2020 HOH HOH A . 
L 6 HOH 21 2021 2021 HOH HOH A . 
L 6 HOH 22 2022 2022 HOH HOH A . 
L 6 HOH 23 2023 2023 HOH HOH A . 
L 6 HOH 24 2024 2024 HOH HOH A . 
L 6 HOH 25 2025 2025 HOH HOH A . 
L 6 HOH 26 2026 2026 HOH HOH A . 
L 6 HOH 27 2027 2027 HOH HOH A . 
L 6 HOH 28 2028 2028 HOH HOH A . 
L 6 HOH 29 2029 2029 HOH HOH A . 
L 6 HOH 30 2030 2030 HOH HOH A . 
L 6 HOH 31 2031 2031 HOH HOH A . 
L 6 HOH 32 2032 2032 HOH HOH A . 
L 6 HOH 33 2033 2033 HOH HOH A . 
L 6 HOH 34 2034 2034 HOH HOH A . 
L 6 HOH 35 2035 2035 HOH HOH A . 
L 6 HOH 36 2036 2036 HOH HOH A . 
L 6 HOH 37 2037 2037 HOH HOH A . 
L 6 HOH 38 2038 2038 HOH HOH A . 
# 
loop_
_pdbx_unobs_or_zero_occ_atoms.id 
_pdbx_unobs_or_zero_occ_atoms.PDB_model_num 
_pdbx_unobs_or_zero_occ_atoms.polymer_flag 
_pdbx_unobs_or_zero_occ_atoms.occupancy_flag 
_pdbx_unobs_or_zero_occ_atoms.auth_asym_id 
_pdbx_unobs_or_zero_occ_atoms.auth_comp_id 
_pdbx_unobs_or_zero_occ_atoms.auth_seq_id 
_pdbx_unobs_or_zero_occ_atoms.PDB_ins_code 
_pdbx_unobs_or_zero_occ_atoms.auth_atom_id 
_pdbx_unobs_or_zero_occ_atoms.label_alt_id 
_pdbx_unobs_or_zero_occ_atoms.label_asym_id 
_pdbx_unobs_or_zero_occ_atoms.label_comp_id 
_pdbx_unobs_or_zero_occ_atoms.label_seq_id 
_pdbx_unobs_or_zero_occ_atoms.label_atom_id 
1  1 Y 1 A GLU 91  ? CG    ? A GLU 1   CG    
2  1 Y 1 A GLU 91  ? CD    ? A GLU 1   CD    
3  1 Y 1 A GLU 91  ? OE1   ? A GLU 1   OE1   
4  1 Y 1 A GLU 91  ? OE2   ? A GLU 1   OE2   
5  1 Y 1 A GLN 220 ? CG    ? A GLN 130 CG    
6  1 Y 1 A GLN 220 ? CD    ? A GLN 130 CD    
7  1 Y 1 A GLN 220 ? OE1   ? A GLN 130 OE1   
8  1 Y 1 A GLN 220 ? NE2   ? A GLN 130 NE2   
9  1 Y 1 A PHE 245 ? CG    ? A PHE 155 CG    
10 1 Y 1 A PHE 245 ? CD1   ? A PHE 155 CD1   
11 1 Y 1 A PHE 245 ? CD2   ? A PHE 155 CD2   
12 1 Y 1 A PHE 245 ? CE1   ? A PHE 155 CE1   
13 1 Y 1 A PHE 245 ? CE2   ? A PHE 155 CE2   
14 1 Y 1 A PHE 245 ? CZ    ? A PHE 155 CZ    
15 1 N 1 A BNG 403 ? C1    ? D BNG 1   C1    
16 1 N 1 A BNG 403 ? C2    ? D BNG 1   C2    
17 1 N 1 A BNG 403 ? C3    ? D BNG 1   C3    
18 1 N 1 A BNG 403 ? C4    ? D BNG 1   C4    
19 1 N 1 A BNG 403 ? C5    ? D BNG 1   C5    
20 1 N 1 A BNG 403 ? C6    ? D BNG 1   C6    
21 1 N 1 A BNG 403 ? "C7'" ? D BNG 1   "C7'" 
22 1 N 1 A BNG 403 ? "C8'" ? D BNG 1   "C8'" 
23 1 N 1 A BNG 403 ? "C9'" ? D BNG 1   "C9'" 
24 1 N 1 A BNG 403 ? O1    ? D BNG 1   O1    
25 1 N 1 A BNG 403 ? O2    ? D BNG 1   O2    
26 1 N 1 A BNG 403 ? O3    ? D BNG 1   O3    
27 1 N 1 A BNG 403 ? O4    ? D BNG 1   O4    
28 1 N 1 A BNG 403 ? O5    ? D BNG 1   O5    
29 1 N 1 A BNG 403 ? O6    ? D BNG 1   O6    
30 1 N 1 A BNG 404 ? C1    ? E BNG 1   C1    
31 1 N 1 A BNG 404 ? C2    ? E BNG 1   C2    
32 1 N 1 A BNG 404 ? C3    ? E BNG 1   C3    
33 1 N 1 A BNG 404 ? C4    ? E BNG 1   C4    
34 1 N 1 A BNG 404 ? C5    ? E BNG 1   C5    
35 1 N 1 A BNG 404 ? C6    ? E BNG 1   C6    
36 1 N 1 A BNG 404 ? "C7'" ? E BNG 1   "C7'" 
37 1 N 1 A BNG 404 ? "C8'" ? E BNG 1   "C8'" 
38 1 N 1 A BNG 404 ? "C9'" ? E BNG 1   "C9'" 
39 1 N 1 A BNG 404 ? O1    ? E BNG 1   O1    
40 1 N 1 A BNG 404 ? O2    ? E BNG 1   O2    
41 1 N 1 A BNG 404 ? O3    ? E BNG 1   O3    
42 1 N 1 A BNG 404 ? O4    ? E BNG 1   O4    
43 1 N 1 A BNG 404 ? O5    ? E BNG 1   O5    
44 1 N 1 A BNG 404 ? O6    ? E BNG 1   O6    
45 1 N 1 A BNG 405 ? C1    ? F BNG 1   C1    
46 1 N 1 A BNG 405 ? C2    ? F BNG 1   C2    
47 1 N 1 A BNG 405 ? C3    ? F BNG 1   C3    
48 1 N 1 A BNG 405 ? C4    ? F BNG 1   C4    
49 1 N 1 A BNG 405 ? C5    ? F BNG 1   C5    
50 1 N 1 A BNG 405 ? C6    ? F BNG 1   C6    
51 1 N 1 A BNG 405 ? O2    ? F BNG 1   O2    
52 1 N 1 A BNG 405 ? O3    ? F BNG 1   O3    
53 1 N 1 A BNG 405 ? O4    ? F BNG 1   O4    
54 1 N 1 A BNG 405 ? O5    ? F BNG 1   O5    
55 1 N 1 A BNG 405 ? O6    ? F BNG 1   O6    
56 1 N 1 A BNG 406 ? C1    ? G BNG 1   C1    
57 1 N 1 A BNG 406 ? C2    ? G BNG 1   C2    
58 1 N 1 A BNG 406 ? C3    ? G BNG 1   C3    
59 1 N 1 A BNG 406 ? C4    ? G BNG 1   C4    
60 1 N 1 A BNG 406 ? C5    ? G BNG 1   C5    
61 1 N 1 A BNG 406 ? C6    ? G BNG 1   C6    
62 1 N 1 A BNG 406 ? O1    ? G BNG 1   O1    
63 1 N 1 A BNG 406 ? O2    ? G BNG 1   O2    
64 1 N 1 A BNG 406 ? O3    ? G BNG 1   O3    
65 1 N 1 A BNG 406 ? O4    ? G BNG 1   O4    
66 1 N 1 A BNG 406 ? O5    ? G BNG 1   O5    
67 1 N 1 A BNG 406 ? O6    ? G BNG 1   O6    
68 1 N 1 A BNG 407 ? C1    ? H BNG 1   C1    
69 1 N 1 A BNG 407 ? C2    ? H BNG 1   C2    
70 1 N 1 A BNG 407 ? C3    ? H BNG 1   C3    
71 1 N 1 A BNG 407 ? C4    ? H BNG 1   C4    
72 1 N 1 A BNG 407 ? C5    ? H BNG 1   C5    
73 1 N 1 A BNG 407 ? C6    ? H BNG 1   C6    
74 1 N 1 A BNG 407 ? "C7'" ? H BNG 1   "C7'" 
75 1 N 1 A BNG 407 ? "C8'" ? H BNG 1   "C8'" 
76 1 N 1 A BNG 407 ? "C9'" ? H BNG 1   "C9'" 
77 1 N 1 A BNG 407 ? O1    ? H BNG 1   O1    
78 1 N 1 A BNG 407 ? O2    ? H BNG 1   O2    
79 1 N 1 A BNG 407 ? O3    ? H BNG 1   O3    
80 1 N 1 A BNG 407 ? O4    ? H BNG 1   O4    
81 1 N 1 A BNG 407 ? O5    ? H BNG 1   O5    
82 1 N 1 A BNG 407 ? O6    ? H BNG 1   O6    
83 1 N 1 A BNG 408 ? C1    ? I BNG 1   C1    
84 1 N 1 A BNG 408 ? C2    ? I BNG 1   C2    
85 1 N 1 A BNG 408 ? C3    ? I BNG 1   C3    
86 1 N 1 A BNG 408 ? C4    ? I BNG 1   C4    
87 1 N 1 A BNG 408 ? C5    ? I BNG 1   C5    
88 1 N 1 A BNG 408 ? C6    ? I BNG 1   C6    
89 1 N 1 A BNG 408 ? "C5'" ? I BNG 1   "C5'" 
90 1 N 1 A BNG 408 ? "C6'" ? I BNG 1   "C6'" 
91 1 N 1 A BNG 408 ? "C7'" ? I BNG 1   "C7'" 
92 1 N 1 A BNG 408 ? "C8'" ? I BNG 1   "C8'" 
93 1 N 1 A BNG 408 ? "C9'" ? I BNG 1   "C9'" 
94 1 N 1 A BNG 408 ? O1    ? I BNG 1   O1    
95 1 N 1 A BNG 408 ? O2    ? I BNG 1   O2    
96 1 N 1 A BNG 408 ? O3    ? I BNG 1   O3    
97 1 N 1 A BNG 408 ? O4    ? I BNG 1   O4    
98 1 N 1 A BNG 408 ? O5    ? I BNG 1   O5    
99 1 N 1 A BNG 408 ? O6    ? I BNG 1   O6    
# 
loop_
_software.name 
_software.classification 
_software.version 
_software.citation_id 
_software.pdbx_ordinal 
_software.date 
_software.type 
_software.location 
_software.language 
PHENIX refinement       '(PHENIX.REFINE)' ? 1 ? ? ? ? 
MOSFLM 'data reduction' .                 ? 2 ? ? ? ? 
SCALA  'data scaling'   .                 ? 3 ? ? ? ? 
PHASER phasing          .                 ? 4 ? ? ? ? 
# 
_cell.entry_id           3ZMH 
_cell.length_a           110.150 
_cell.length_b           110.150 
_cell.length_c           128.630 
_cell.angle_alpha        90.00 
_cell.angle_beta         90.00 
_cell.angle_gamma        120.00 
_cell.Z_PDB              18 
_cell.pdbx_unique_axis   ? 
# 
_symmetry.entry_id                         3ZMH 
_symmetry.space_group_name_H-M             'H 3 2' 
_symmetry.pdbx_full_space_group_name_H-M   ? 
_symmetry.cell_setting                     ? 
_symmetry.Int_Tables_number                155 
# 
_exptl.entry_id          3ZMH 
_exptl.method            'X-RAY DIFFRACTION' 
_exptl.crystals_number   1 
# 
_exptl_crystal.id                    1 
_exptl_crystal.density_meas          ? 
_exptl_crystal.density_Matthews      3.56 
_exptl_crystal.density_percent_sol   65.6 
_exptl_crystal.description           NONE 
_exptl_crystal.preparation           ? 
# 
_exptl_crystal_grow.crystal_id      1 
_exptl_crystal_grow.method          'VAPOR DIFFUSION, HANGING DROP' 
_exptl_crystal_grow.temp            298 
_exptl_crystal_grow.temp_details    ? 
_exptl_crystal_grow.pH              7.0 
_exptl_crystal_grow.pdbx_pH_range   ? 
_exptl_crystal_grow.pdbx_details    '2M NACL, 0.1M BIS-TRIS PH7.0, 298K' 
# 
_diffrn.id                               1 
_diffrn.ambient_temp                     100 
_diffrn.ambient_temp_details             ? 
_diffrn.crystal_id                       1 
_diffrn.pdbx_serial_crystal_experiment   ? 
# 
_diffrn_detector.diffrn_id              1 
_diffrn_detector.detector               PIXEL 
_diffrn_detector.type                   'DECTRIS PILATUS 6M' 
_diffrn_detector.pdbx_collection_date   2011-08-08 
_diffrn_detector.details                ? 
# 
_diffrn_radiation.diffrn_id                        1 
_diffrn_radiation.wavelength_id                    1 
_diffrn_radiation.pdbx_monochromatic_or_laue_m_l   M 
_diffrn_radiation.monochromator                    ? 
_diffrn_radiation.pdbx_diffrn_protocol             'SINGLE WAVELENGTH' 
_diffrn_radiation.pdbx_scattering_type             x-ray 
# 
_diffrn_radiation_wavelength.id           1 
_diffrn_radiation_wavelength.wavelength   0.9687 
_diffrn_radiation_wavelength.wt           1.0 
# 
_diffrn_source.diffrn_id                   1 
_diffrn_source.source                      SYNCHROTRON 
_diffrn_source.type                        'DIAMOND BEAMLINE I24' 
_diffrn_source.pdbx_synchrotron_site       Diamond 
_diffrn_source.pdbx_synchrotron_beamline   I24 
_diffrn_source.pdbx_wavelength             0.9687 
_diffrn_source.pdbx_wavelength_list        ? 
# 
_reflns.pdbx_diffrn_id               1 
_reflns.pdbx_ordinal                 1 
_reflns.entry_id                     3ZMH 
_reflns.observed_criterion_sigma_I   ? 
_reflns.observed_criterion_sigma_F   ? 
_reflns.d_resolution_low             76.62 
_reflns.d_resolution_high            2.30 
_reflns.number_obs                   13547 
_reflns.number_all                   ? 
_reflns.percent_possible_obs         100.0 
_reflns.pdbx_Rmerge_I_obs            0.11 
_reflns.pdbx_Rsym_value              ? 
_reflns.pdbx_netI_over_sigmaI        10.90 
_reflns.B_iso_Wilson_estimate        34.18 
_reflns.pdbx_redundancy              5.9 
# 
_reflns_shell.pdbx_diffrn_id         1 
_reflns_shell.pdbx_ordinal           1 
_reflns_shell.d_res_high             2.30 
_reflns_shell.d_res_low              2.42 
_reflns_shell.percent_possible_all   99.9 
_reflns_shell.Rmerge_I_obs           0.68 
_reflns_shell.pdbx_Rsym_value        ? 
_reflns_shell.meanI_over_sigI_obs    2.60 
_reflns_shell.pdbx_redundancy        6.1 
# 
_refine.pdbx_refine_id                           'X-RAY DIFFRACTION' 
_refine.entry_id                                 3ZMH 
_refine.pdbx_diffrn_id                           1 
_refine.pdbx_TLS_residual_ADP_flag               ? 
_refine.ls_number_reflns_obs                     13542 
_refine.ls_number_reflns_all                     ? 
_refine.pdbx_ls_sigma_I                          ? 
_refine.pdbx_ls_sigma_F                          1.35 
_refine.pdbx_data_cutoff_high_absF               ? 
_refine.pdbx_data_cutoff_low_absF                ? 
_refine.pdbx_data_cutoff_high_rms_absF           ? 
_refine.ls_d_res_low                             76.622 
_refine.ls_d_res_high                            2.300 
_refine.ls_percent_reflns_obs                    99.86 
_refine.ls_R_factor_obs                          0.1900 
_refine.ls_R_factor_all                          ? 
_refine.ls_R_factor_R_work                       0.1881 
_refine.ls_R_factor_R_free                       0.2288 
_refine.ls_R_factor_R_free_error                 ? 
_refine.ls_R_factor_R_free_error_details         ? 
_refine.ls_percent_reflns_R_free                 5.0 
_refine.ls_number_reflns_R_free                  672 
_refine.ls_number_parameters                     ? 
_refine.ls_number_restraints                     ? 
_refine.occupancy_min                            ? 
_refine.occupancy_max                            ? 
_refine.correlation_coeff_Fo_to_Fc               ? 
_refine.correlation_coeff_Fo_to_Fc_free          ? 
_refine.B_iso_mean                               34.7 
_refine.aniso_B[1][1]                            ? 
_refine.aniso_B[2][2]                            ? 
_refine.aniso_B[3][3]                            ? 
_refine.aniso_B[1][2]                            ? 
_refine.aniso_B[1][3]                            ? 
_refine.aniso_B[2][3]                            ? 
_refine.solvent_model_details                    'FLAT BULK SOLVENT MODEL' 
_refine.solvent_model_param_ksol                 ? 
_refine.solvent_model_param_bsol                 ? 
_refine.pdbx_solvent_vdw_probe_radii             1.11 
_refine.pdbx_solvent_ion_probe_radii             ? 
_refine.pdbx_solvent_shrinkage_radii             0.90 
_refine.pdbx_ls_cross_valid_method               ? 
_refine.details                                  
;BNG 405 IS IN SPECIAL POSITION. L62 IS COVALENTLY LINKED TO S201. EXTERNAL RESTRAINTS USED BETWEEN C2 OF 401 AND CL 409. A RACEMIC MIXTURE OF L62 WAS USED IN THE SOAKS. NOTE THAT THE EXTERNALLY BOUND BETA LACTAM HAS THE OPPOSITE CHIRALITY OF THE BETA LACTAM BOUND TO S201.
;
_refine.pdbx_starting_model                      'PDB ENTRY 2XOV' 
_refine.pdbx_method_to_determine_struct          'MOLECULAR REPLACEMENT' 
_refine.pdbx_isotropic_thermal_model             ? 
_refine.pdbx_stereochemistry_target_values       ML 
_refine.pdbx_stereochem_target_val_spec_case     ? 
_refine.pdbx_R_Free_selection_details            ? 
_refine.pdbx_overall_ESU_R                       ? 
_refine.pdbx_overall_ESU_R_Free                  ? 
_refine.overall_SU_ML                            0.25 
_refine.pdbx_overall_phase_error                 21.76 
_refine.overall_SU_B                             ? 
_refine.overall_SU_R_Cruickshank_DPI             ? 
_refine.pdbx_overall_SU_R_free_Cruickshank_DPI   ? 
_refine.pdbx_overall_SU_R_Blow_DPI               ? 
_refine.pdbx_overall_SU_R_free_Blow_DPI          ? 
# 
_refine_hist.pdbx_refine_id                   'X-RAY DIFFRACTION' 
_refine_hist.cycle_id                         LAST 
_refine_hist.pdbx_number_atoms_protein        1425 
_refine_hist.pdbx_number_atoms_nucleic_acid   0 
_refine_hist.pdbx_number_atoms_ligand         81 
_refine_hist.number_atoms_solvent             38 
_refine_hist.number_atoms_total               1544 
_refine_hist.d_res_high                       2.300 
_refine_hist.d_res_low                        76.622 
# 
loop_
_refine_ls_restr.type 
_refine_ls_restr.dev_ideal 
_refine_ls_restr.dev_ideal_target 
_refine_ls_restr.weight 
_refine_ls_restr.number 
_refine_ls_restr.pdbx_refine_id 
_refine_ls_restr.pdbx_restraint_function 
f_bond_d           0.007  ? ? 1576 'X-RAY DIFFRACTION' ? 
f_angle_d          1.022  ? ? 2132 'X-RAY DIFFRACTION' ? 
f_dihedral_angle_d 12.069 ? ? 541  'X-RAY DIFFRACTION' ? 
f_chiral_restr     0.075  ? ? 225  'X-RAY DIFFRACTION' ? 
f_plane_restr      0.004  ? ? 247  'X-RAY DIFFRACTION' ? 
# 
loop_
_refine_ls_shell.pdbx_refine_id 
_refine_ls_shell.pdbx_total_number_of_bins_used 
_refine_ls_shell.d_res_high 
_refine_ls_shell.d_res_low 
_refine_ls_shell.number_reflns_R_work 
_refine_ls_shell.R_factor_R_work 
_refine_ls_shell.percent_reflns_obs 
_refine_ls_shell.R_factor_R_free 
_refine_ls_shell.R_factor_R_free_error 
_refine_ls_shell.percent_reflns_R_free 
_refine_ls_shell.number_reflns_R_free 
_refine_ls_shell.number_reflns_all 
_refine_ls_shell.R_factor_all 
'X-RAY DIFFRACTION' . 2.3000 2.4776  2551 0.2011 100.00 0.2447 . . 142 . . 
'X-RAY DIFFRACTION' . 2.4776 2.7270  2526 0.1755 100.00 0.2173 . . 135 . . 
'X-RAY DIFFRACTION' . 2.7270 3.1216  2529 0.1667 100.00 0.2446 . . 145 . . 
'X-RAY DIFFRACTION' . 3.1216 3.9328  2602 0.1791 100.00 0.2154 . . 117 . . 
'X-RAY DIFFRACTION' . 3.9328 76.6642 2662 0.2024 100.00 0.2290 . . 133 . . 
# 
_struct.entry_id                  3ZMH 
_struct.title                     'Structure of E.coli rhomboid protease GlpG in complex with monobactam L62' 
_struct.pdbx_model_details        ? 
_struct.pdbx_CASP_flag            ? 
_struct.pdbx_model_type_details   ? 
# 
_struct_keywords.entry_id        3ZMH 
_struct_keywords.pdbx_keywords   HYDROLASE 
_struct_keywords.text            'HYDROLASE, INTRA-MEMBRANE PROTEASE, ACYL ENZYME, BETA LACTAMS, ANITBIOTIC' 
# 
loop_
_struct_asym.id 
_struct_asym.pdbx_blank_PDB_chainid_flag 
_struct_asym.pdbx_modified 
_struct_asym.entity_id 
_struct_asym.details 
A N N 1 ? 
B N N 2 ? 
C N N 3 ? 
D N N 4 ? 
E N N 4 ? 
F N N 4 ? 
G N N 4 ? 
H N N 4 ? 
I N N 4 ? 
J N N 5 ? 
K N N 5 ? 
L N N 6 ? 
# 
_struct_ref.id                         1 
_struct_ref.db_name                    UNP 
_struct_ref.db_code                    GLPG_ECOLI 
_struct_ref.entity_id                  1 
_struct_ref.pdbx_seq_one_letter_code   ? 
_struct_ref.pdbx_align_begin           ? 
_struct_ref.pdbx_db_accession          P09391 
_struct_ref.pdbx_db_isoform            ? 
# 
_struct_ref_seq.align_id                      1 
_struct_ref_seq.ref_id                        1 
_struct_ref_seq.pdbx_PDB_id_code              3ZMH 
_struct_ref_seq.pdbx_strand_id                A 
_struct_ref_seq.seq_align_beg                 1 
_struct_ref_seq.pdbx_seq_align_beg_ins_code   ? 
_struct_ref_seq.seq_align_end                 180 
_struct_ref_seq.pdbx_seq_align_end_ins_code   ? 
_struct_ref_seq.pdbx_db_accession             P09391 
_struct_ref_seq.db_align_beg                  91 
_struct_ref_seq.pdbx_db_align_beg_ins_code    ? 
_struct_ref_seq.db_align_end                  270 
_struct_ref_seq.pdbx_db_align_end_ins_code    ? 
_struct_ref_seq.pdbx_auth_seq_align_beg       91 
_struct_ref_seq.pdbx_auth_seq_align_end       270 
# 
_pdbx_struct_assembly.id                   1 
_pdbx_struct_assembly.details              author_and_software_defined_assembly 
_pdbx_struct_assembly.method_details       PISA 
_pdbx_struct_assembly.oligomeric_details   monomeric 
_pdbx_struct_assembly.oligomeric_count     1 
# 
_pdbx_struct_assembly_gen.assembly_id       1 
_pdbx_struct_assembly_gen.oper_expression   1 
_pdbx_struct_assembly_gen.asym_id_list      A,B,C,D,E,F,G,H,I,J,K,L 
# 
_pdbx_struct_oper_list.id                   1 
_pdbx_struct_oper_list.type                 'identity operation' 
_pdbx_struct_oper_list.name                 1_555 
_pdbx_struct_oper_list.symmetry_operation   x,y,z 
_pdbx_struct_oper_list.matrix[1][1]         1.0000000000 
_pdbx_struct_oper_list.matrix[1][2]         0.0000000000 
_pdbx_struct_oper_list.matrix[1][3]         0.0000000000 
_pdbx_struct_oper_list.vector[1]            0.0000000000 
_pdbx_struct_oper_list.matrix[2][1]         0.0000000000 
_pdbx_struct_oper_list.matrix[2][2]         1.0000000000 
_pdbx_struct_oper_list.matrix[2][3]         0.0000000000 
_pdbx_struct_oper_list.vector[2]            0.0000000000 
_pdbx_struct_oper_list.matrix[3][1]         0.0000000000 
_pdbx_struct_oper_list.matrix[3][2]         0.0000000000 
_pdbx_struct_oper_list.matrix[3][3]         1.0000000000 
_pdbx_struct_oper_list.vector[3]            0.0000000000 
# 
loop_
_struct_conf.conf_type_id 
_struct_conf.id 
_struct_conf.pdbx_PDB_helix_id 
_struct_conf.beg_label_comp_id 
_struct_conf.beg_label_asym_id 
_struct_conf.beg_label_seq_id 
_struct_conf.pdbx_beg_PDB_ins_code 
_struct_conf.end_label_comp_id 
_struct_conf.end_label_asym_id 
_struct_conf.end_label_seq_id 
_struct_conf.pdbx_end_PDB_ins_code 
_struct_conf.beg_auth_comp_id 
_struct_conf.beg_auth_asym_id 
_struct_conf.beg_auth_seq_id 
_struct_conf.end_auth_comp_id 
_struct_conf.end_auth_asym_id 
_struct_conf.end_auth_seq_id 
_struct_conf.pdbx_PDB_helix_class 
_struct_conf.details 
_struct_conf.pdbx_PDB_helix_length 
HELX_P HELX_P1  1  GLY A 4   ? GLY A 25  ? GLY A 94  GLY A 115 1 ? 22 
HELX_P HELX_P2  2  GLY A 25  ? ALA A 34  ? GLY A 115 ALA A 124 1 ? 10 
HELX_P HELX_P3  3  ASP A 38  ? LYS A 42  ? ASP A 128 LYS A 132 5 ? 5  
HELX_P HELX_P4  4  TRP A 46  ? HIS A 51  ? TRP A 136 HIS A 141 1 ? 6  
HELX_P HELX_P5  5  ALA A 52  ? MET A 54  ? ALA A 142 MET A 144 5 ? 3  
HELX_P HELX_P6  6  SER A 57  ? GLY A 80  ? SER A 147 GLY A 170 1 ? 24 
HELX_P HELX_P7  7  GLY A 80  ? GLY A 104 ? GLY A 170 GLY A 194 1 ? 25 
HELX_P HELX_P8  8  LEU A 110 ? ASP A 128 ? LEU A 200 ASP A 218 1 ? 19 
HELX_P HELX_P9  9  PRO A 129 ? GLY A 132 ? PRO A 219 GLY A 222 5 ? 4  
HELX_P HELX_P10 10 GLN A 136 ? PHE A 152 ? GLN A 226 PHE A 242 1 ? 17 
HELX_P HELX_P11 11 ALA A 160 ? SER A 179 ? ALA A 250 SER A 269 1 ? 20 
# 
_struct_conf_type.id          HELX_P 
_struct_conf_type.criteria    ? 
_struct_conf_type.reference   ? 
# 
_struct_conn.id                            covale1 
_struct_conn.conn_type_id                  covale 
_struct_conn.pdbx_leaving_atom_flag        none 
_struct_conn.pdbx_PDB_id                   ? 
_struct_conn.ptnr1_label_asym_id           A 
_struct_conn.ptnr1_label_comp_id           SER 
_struct_conn.ptnr1_label_seq_id            111 
_struct_conn.ptnr1_label_atom_id           OG 
_struct_conn.pdbx_ptnr1_label_alt_id       ? 
_struct_conn.pdbx_ptnr1_PDB_ins_code       ? 
_struct_conn.pdbx_ptnr1_standard_comp_id   ? 
_struct_conn.ptnr1_symmetry                1_555 
_struct_conn.ptnr2_label_asym_id           B 
_struct_conn.ptnr2_label_comp_id           L62 
_struct_conn.ptnr2_label_seq_id            . 
_struct_conn.ptnr2_label_atom_id           C2 
_struct_conn.pdbx_ptnr2_label_alt_id       ? 
_struct_conn.pdbx_ptnr2_PDB_ins_code       ? 
_struct_conn.ptnr1_auth_asym_id            A 
_struct_conn.ptnr1_auth_comp_id            SER 
_struct_conn.ptnr1_auth_seq_id             201 
_struct_conn.ptnr2_auth_asym_id            A 
_struct_conn.ptnr2_auth_comp_id            L62 
_struct_conn.ptnr2_auth_seq_id             401 
_struct_conn.ptnr2_symmetry                1_555 
_struct_conn.pdbx_ptnr3_label_atom_id      ? 
_struct_conn.pdbx_ptnr3_label_seq_id       ? 
_struct_conn.pdbx_ptnr3_label_comp_id      ? 
_struct_conn.pdbx_ptnr3_label_asym_id      ? 
_struct_conn.pdbx_ptnr3_label_alt_id       ? 
_struct_conn.pdbx_ptnr3_PDB_ins_code       ? 
_struct_conn.details                       ? 
_struct_conn.pdbx_dist_value               1.394 
_struct_conn.pdbx_value_order              ? 
_struct_conn.pdbx_role                     ? 
# 
_struct_conn_type.id          covale 
_struct_conn_type.criteria    ? 
_struct_conn_type.reference   ? 
# 
_pdbx_modification_feature.ordinal                            1 
_pdbx_modification_feature.label_comp_id                      L62 
_pdbx_modification_feature.label_asym_id                      B 
_pdbx_modification_feature.label_seq_id                       . 
_pdbx_modification_feature.label_alt_id                       ? 
_pdbx_modification_feature.modified_residue_label_comp_id     SER 
_pdbx_modification_feature.modified_residue_label_asym_id     A 
_pdbx_modification_feature.modified_residue_label_seq_id      111 
_pdbx_modification_feature.modified_residue_label_alt_id      ? 
_pdbx_modification_feature.auth_comp_id                       L62 
_pdbx_modification_feature.auth_asym_id                       A 
_pdbx_modification_feature.auth_seq_id                        401 
_pdbx_modification_feature.PDB_ins_code                       ? 
_pdbx_modification_feature.symmetry                           1_555 
_pdbx_modification_feature.modified_residue_auth_comp_id      SER 
_pdbx_modification_feature.modified_residue_auth_asym_id      A 
_pdbx_modification_feature.modified_residue_auth_seq_id       201 
_pdbx_modification_feature.modified_residue_PDB_ins_code      ? 
_pdbx_modification_feature.modified_residue_symmetry          1_555 
_pdbx_modification_feature.comp_id_linking_atom               C2 
_pdbx_modification_feature.modified_residue_id_linking_atom   OG 
_pdbx_modification_feature.modified_residue_id                SER 
_pdbx_modification_feature.ref_pcm_id                         1 
_pdbx_modification_feature.ref_comp_id                        L62 
_pdbx_modification_feature.type                               None 
_pdbx_modification_feature.category                           'Covalent chemical modification' 
# 
_pdbx_entry_details.entry_id                   3ZMH 
_pdbx_entry_details.compound_details           ? 
_pdbx_entry_details.source_details             ? 
_pdbx_entry_details.nonpolymer_details         
;CYCLOPENTYL (1-PHENYLBUT-3-EN-1YL)CARBAMATE (L62): L62 IS
 COVALENTLY BONDED TO S201
;
_pdbx_entry_details.sequence_details           ? 
_pdbx_entry_details.has_ligand_of_interest     ? 
_pdbx_entry_details.has_protein_modification   Y 
# 
loop_
_pdbx_validate_torsion.id 
_pdbx_validate_torsion.PDB_model_num 
_pdbx_validate_torsion.auth_comp_id 
_pdbx_validate_torsion.auth_asym_id 
_pdbx_validate_torsion.auth_seq_id 
_pdbx_validate_torsion.PDB_ins_code 
_pdbx_validate_torsion.label_alt_id 
_pdbx_validate_torsion.phi 
_pdbx_validate_torsion.psi 
1 1 ASP A 218 ? ? -151.00 68.24  
2 1 GLN A 220 ? ? -56.31  -4.70  
3 1 GLN A 226 ? ? -46.68  151.22 
# 
loop_
_chem_comp_atom.comp_id 
_chem_comp_atom.atom_id 
_chem_comp_atom.type_symbol 
_chem_comp_atom.pdbx_aromatic_flag 
_chem_comp_atom.pdbx_stereo_config 
_chem_comp_atom.pdbx_ordinal 
78C O1     O  N N 1   
78C C2     C  N N 2   
78C C3     C  N N 3   
78C C4     C  N S 4   
78C C11    C  Y N 5   
78C C12    C  Y N 6   
78C C13    C  Y N 7   
78C C14    C  Y N 8   
78C C15    C  Y N 9   
78C C16    C  Y N 10  
78C N1     N  N N 11  
78C C5     C  N N 12  
78C O2     O  N N 13  
78C O3     O  N N 14  
78C C6     C  N N 15  
78C C7     C  N N 16  
78C C8     C  N N 17  
78C C9     C  N N 18  
78C C10    C  N N 19  
78C H31C   H  N N 20  
78C H32C   H  N N 21  
78C H4     H  N N 22  
78C H12    H  N N 23  
78C H16    H  N N 24  
78C H13    H  N N 25  
78C H14    H  N N 26  
78C H15    H  N N 27  
78C H6     H  N N 28  
78C H71C   H  N N 29  
78C H72C   H  N N 30  
78C H101   H  N N 31  
78C H102   H  N N 32  
78C H81C   H  N N 33  
78C H82C   H  N N 34  
78C H91C   H  N N 35  
78C H92C   H  N N 36  
ALA N      N  N N 37  
ALA CA     C  N S 38  
ALA C      C  N N 39  
ALA O      O  N N 40  
ALA CB     C  N N 41  
ALA OXT    O  N N 42  
ALA H      H  N N 43  
ALA H2     H  N N 44  
ALA HA     H  N N 45  
ALA HB1    H  N N 46  
ALA HB2    H  N N 47  
ALA HB3    H  N N 48  
ALA HXT    H  N N 49  
ARG N      N  N N 50  
ARG CA     C  N S 51  
ARG C      C  N N 52  
ARG O      O  N N 53  
ARG CB     C  N N 54  
ARG CG     C  N N 55  
ARG CD     C  N N 56  
ARG NE     N  N N 57  
ARG CZ     C  N N 58  
ARG NH1    N  N N 59  
ARG NH2    N  N N 60  
ARG OXT    O  N N 61  
ARG H      H  N N 62  
ARG H2     H  N N 63  
ARG HA     H  N N 64  
ARG HB2    H  N N 65  
ARG HB3    H  N N 66  
ARG HG2    H  N N 67  
ARG HG3    H  N N 68  
ARG HD2    H  N N 69  
ARG HD3    H  N N 70  
ARG HE     H  N N 71  
ARG HH11   H  N N 72  
ARG HH12   H  N N 73  
ARG HH21   H  N N 74  
ARG HH22   H  N N 75  
ARG HXT    H  N N 76  
ASN N      N  N N 77  
ASN CA     C  N S 78  
ASN C      C  N N 79  
ASN O      O  N N 80  
ASN CB     C  N N 81  
ASN CG     C  N N 82  
ASN OD1    O  N N 83  
ASN ND2    N  N N 84  
ASN OXT    O  N N 85  
ASN H      H  N N 86  
ASN H2     H  N N 87  
ASN HA     H  N N 88  
ASN HB2    H  N N 89  
ASN HB3    H  N N 90  
ASN HD21   H  N N 91  
ASN HD22   H  N N 92  
ASN HXT    H  N N 93  
ASP N      N  N N 94  
ASP CA     C  N S 95  
ASP C      C  N N 96  
ASP O      O  N N 97  
ASP CB     C  N N 98  
ASP CG     C  N N 99  
ASP OD1    O  N N 100 
ASP OD2    O  N N 101 
ASP OXT    O  N N 102 
ASP H      H  N N 103 
ASP H2     H  N N 104 
ASP HA     H  N N 105 
ASP HB2    H  N N 106 
ASP HB3    H  N N 107 
ASP HD2    H  N N 108 
ASP HXT    H  N N 109 
BNG C1     C  N R 110 
BNG C2     C  N R 111 
BNG C3     C  N S 112 
BNG C4     C  N S 113 
BNG C5     C  N R 114 
BNG C6     C  N N 115 
BNG "C1'"  C  N N 116 
BNG "C2'"  C  N N 117 
BNG "C3'"  C  N N 118 
BNG "C4'"  C  N N 119 
BNG "C5'"  C  N N 120 
BNG "C6'"  C  N N 121 
BNG "C7'"  C  N N 122 
BNG "C8'"  C  N N 123 
BNG "C9'"  C  N N 124 
BNG O1     O  N N 125 
BNG O2     O  N N 126 
BNG O3     O  N N 127 
BNG O4     O  N N 128 
BNG O5     O  N N 129 
BNG O6     O  N N 130 
BNG H1     H  N N 131 
BNG H2     H  N N 132 
BNG H3     H  N N 133 
BNG H4     H  N N 134 
BNG H5     H  N N 135 
BNG H61    H  N N 136 
BNG H62    H  N N 137 
BNG "H1'1" H  N N 138 
BNG "H1'2" H  N N 139 
BNG "H2'1" H  N N 140 
BNG "H2'2" H  N N 141 
BNG "H3'1" H  N N 142 
BNG "H3'2" H  N N 143 
BNG "H4'1" H  N N 144 
BNG "H4'2" H  N N 145 
BNG "H5'1" H  N N 146 
BNG "H5'2" H  N N 147 
BNG "H6'1" H  N N 148 
BNG "H6'2" H  N N 149 
BNG "H7'1" H  N N 150 
BNG "H7'2" H  N N 151 
BNG "H8'1" H  N N 152 
BNG "H8'2" H  N N 153 
BNG "H9'1" H  N N 154 
BNG "H9'2" H  N N 155 
BNG "H9'3" H  N N 156 
BNG HO2    H  N N 157 
BNG HO3    H  N N 158 
BNG HO4    H  N N 159 
BNG HO6    H  N N 160 
CL  CL     CL N N 161 
CYS N      N  N N 162 
CYS CA     C  N R 163 
CYS C      C  N N 164 
CYS O      O  N N 165 
CYS CB     C  N N 166 
CYS SG     S  N N 167 
CYS OXT    O  N N 168 
CYS H      H  N N 169 
CYS H2     H  N N 170 
CYS HA     H  N N 171 
CYS HB2    H  N N 172 
CYS HB3    H  N N 173 
CYS HG     H  N N 174 
CYS HXT    H  N N 175 
GLN N      N  N N 176 
GLN CA     C  N S 177 
GLN C      C  N N 178 
GLN O      O  N N 179 
GLN CB     C  N N 180 
GLN CG     C  N N 181 
GLN CD     C  N N 182 
GLN OE1    O  N N 183 
GLN NE2    N  N N 184 
GLN OXT    O  N N 185 
GLN H      H  N N 186 
GLN H2     H  N N 187 
GLN HA     H  N N 188 
GLN HB2    H  N N 189 
GLN HB3    H  N N 190 
GLN HG2    H  N N 191 
GLN HG3    H  N N 192 
GLN HE21   H  N N 193 
GLN HE22   H  N N 194 
GLN HXT    H  N N 195 
GLU N      N  N N 196 
GLU CA     C  N S 197 
GLU C      C  N N 198 
GLU O      O  N N 199 
GLU CB     C  N N 200 
GLU CG     C  N N 201 
GLU CD     C  N N 202 
GLU OE1    O  N N 203 
GLU OE2    O  N N 204 
GLU OXT    O  N N 205 
GLU H      H  N N 206 
GLU H2     H  N N 207 
GLU HA     H  N N 208 
GLU HB2    H  N N 209 
GLU HB3    H  N N 210 
GLU HG2    H  N N 211 
GLU HG3    H  N N 212 
GLU HE2    H  N N 213 
GLU HXT    H  N N 214 
GLY N      N  N N 215 
GLY CA     C  N N 216 
GLY C      C  N N 217 
GLY O      O  N N 218 
GLY OXT    O  N N 219 
GLY H      H  N N 220 
GLY H2     H  N N 221 
GLY HA2    H  N N 222 
GLY HA3    H  N N 223 
GLY HXT    H  N N 224 
HIS N      N  N N 225 
HIS CA     C  N S 226 
HIS C      C  N N 227 
HIS O      O  N N 228 
HIS CB     C  N N 229 
HIS CG     C  Y N 230 
HIS ND1    N  Y N 231 
HIS CD2    C  Y N 232 
HIS CE1    C  Y N 233 
HIS NE2    N  Y N 234 
HIS OXT    O  N N 235 
HIS H      H  N N 236 
HIS H2     H  N N 237 
HIS HA     H  N N 238 
HIS HB2    H  N N 239 
HIS HB3    H  N N 240 
HIS HD1    H  N N 241 
HIS HD2    H  N N 242 
HIS HE1    H  N N 243 
HIS HE2    H  N N 244 
HIS HXT    H  N N 245 
HOH O      O  N N 246 
HOH H1     H  N N 247 
HOH H2     H  N N 248 
ILE N      N  N N 249 
ILE CA     C  N S 250 
ILE C      C  N N 251 
ILE O      O  N N 252 
ILE CB     C  N S 253 
ILE CG1    C  N N 254 
ILE CG2    C  N N 255 
ILE CD1    C  N N 256 
ILE OXT    O  N N 257 
ILE H      H  N N 258 
ILE H2     H  N N 259 
ILE HA     H  N N 260 
ILE HB     H  N N 261 
ILE HG12   H  N N 262 
ILE HG13   H  N N 263 
ILE HG21   H  N N 264 
ILE HG22   H  N N 265 
ILE HG23   H  N N 266 
ILE HD11   H  N N 267 
ILE HD12   H  N N 268 
ILE HD13   H  N N 269 
ILE HXT    H  N N 270 
L62 O2     O  N N 271 
L62 C5     C  N N 272 
L62 O3     O  N N 273 
L62 C6     C  N N 274 
L62 C7     C  N N 275 
L62 C8     C  N N 276 
L62 C9     C  N N 277 
L62 C10    C  N N 278 
L62 N1     N  N N 279 
L62 C4     C  N R 280 
L62 C3     C  N N 281 
L62 C2     C  N N 282 
L62 O1     O  N N 283 
L62 C11    C  Y N 284 
L62 C12    C  Y N 285 
L62 C13    C  Y N 286 
L62 C14    C  Y N 287 
L62 C15    C  Y N 288 
L62 C16    C  Y N 289 
L62 H1     H  N N 290 
L62 H6     H  N N 291 
L62 H71C   H  N N 292 
L62 H72C   H  N N 293 
L62 H101   H  N N 294 
L62 H102   H  N N 295 
L62 H81C   H  N N 296 
L62 H82C   H  N N 297 
L62 H91C   H  N N 298 
L62 H92C   H  N N 299 
L62 H4     H  N N 300 
L62 H31C   H  N N 301 
L62 H32C   H  N N 302 
L62 HXT    H  N N 303 
L62 H12    H  N N 304 
L62 H16    H  N N 305 
L62 H13    H  N N 306 
L62 H14    H  N N 307 
L62 H15    H  N N 308 
LEU N      N  N N 309 
LEU CA     C  N S 310 
LEU C      C  N N 311 
LEU O      O  N N 312 
LEU CB     C  N N 313 
LEU CG     C  N N 314 
LEU CD1    C  N N 315 
LEU CD2    C  N N 316 
LEU OXT    O  N N 317 
LEU H      H  N N 318 
LEU H2     H  N N 319 
LEU HA     H  N N 320 
LEU HB2    H  N N 321 
LEU HB3    H  N N 322 
LEU HG     H  N N 323 
LEU HD11   H  N N 324 
LEU HD12   H  N N 325 
LEU HD13   H  N N 326 
LEU HD21   H  N N 327 
LEU HD22   H  N N 328 
LEU HD23   H  N N 329 
LEU HXT    H  N N 330 
LYS N      N  N N 331 
LYS CA     C  N S 332 
LYS C      C  N N 333 
LYS O      O  N N 334 
LYS CB     C  N N 335 
LYS CG     C  N N 336 
LYS CD     C  N N 337 
LYS CE     C  N N 338 
LYS NZ     N  N N 339 
LYS OXT    O  N N 340 
LYS H      H  N N 341 
LYS H2     H  N N 342 
LYS HA     H  N N 343 
LYS HB2    H  N N 344 
LYS HB3    H  N N 345 
LYS HG2    H  N N 346 
LYS HG3    H  N N 347 
LYS HD2    H  N N 348 
LYS HD3    H  N N 349 
LYS HE2    H  N N 350 
LYS HE3    H  N N 351 
LYS HZ1    H  N N 352 
LYS HZ2    H  N N 353 
LYS HZ3    H  N N 354 
LYS HXT    H  N N 355 
MET N      N  N N 356 
MET CA     C  N S 357 
MET C      C  N N 358 
MET O      O  N N 359 
MET CB     C  N N 360 
MET CG     C  N N 361 
MET SD     S  N N 362 
MET CE     C  N N 363 
MET OXT    O  N N 364 
MET H      H  N N 365 
MET H2     H  N N 366 
MET HA     H  N N 367 
MET HB2    H  N N 368 
MET HB3    H  N N 369 
MET HG2    H  N N 370 
MET HG3    H  N N 371 
MET HE1    H  N N 372 
MET HE2    H  N N 373 
MET HE3    H  N N 374 
MET HXT    H  N N 375 
PHE N      N  N N 376 
PHE CA     C  N S 377 
PHE C      C  N N 378 
PHE O      O  N N 379 
PHE CB     C  N N 380 
PHE CG     C  Y N 381 
PHE CD1    C  Y N 382 
PHE CD2    C  Y N 383 
PHE CE1    C  Y N 384 
PHE CE2    C  Y N 385 
PHE CZ     C  Y N 386 
PHE OXT    O  N N 387 
PHE H      H  N N 388 
PHE H2     H  N N 389 
PHE HA     H  N N 390 
PHE HB2    H  N N 391 
PHE HB3    H  N N 392 
PHE HD1    H  N N 393 
PHE HD2    H  N N 394 
PHE HE1    H  N N 395 
PHE HE2    H  N N 396 
PHE HZ     H  N N 397 
PHE HXT    H  N N 398 
PRO N      N  N N 399 
PRO CA     C  N S 400 
PRO C      C  N N 401 
PRO O      O  N N 402 
PRO CB     C  N N 403 
PRO CG     C  N N 404 
PRO CD     C  N N 405 
PRO OXT    O  N N 406 
PRO H      H  N N 407 
PRO HA     H  N N 408 
PRO HB2    H  N N 409 
PRO HB3    H  N N 410 
PRO HG2    H  N N 411 
PRO HG3    H  N N 412 
PRO HD2    H  N N 413 
PRO HD3    H  N N 414 
PRO HXT    H  N N 415 
SER N      N  N N 416 
SER CA     C  N S 417 
SER C      C  N N 418 
SER O      O  N N 419 
SER CB     C  N N 420 
SER OG     O  N N 421 
SER OXT    O  N N 422 
SER H      H  N N 423 
SER H2     H  N N 424 
SER HA     H  N N 425 
SER HB2    H  N N 426 
SER HB3    H  N N 427 
SER HG     H  N N 428 
SER HXT    H  N N 429 
THR N      N  N N 430 
THR CA     C  N S 431 
THR C      C  N N 432 
THR O      O  N N 433 
THR CB     C  N R 434 
THR OG1    O  N N 435 
THR CG2    C  N N 436 
THR OXT    O  N N 437 
THR H      H  N N 438 
THR H2     H  N N 439 
THR HA     H  N N 440 
THR HB     H  N N 441 
THR HG1    H  N N 442 
THR HG21   H  N N 443 
THR HG22   H  N N 444 
THR HG23   H  N N 445 
THR HXT    H  N N 446 
TRP N      N  N N 447 
TRP CA     C  N S 448 
TRP C      C  N N 449 
TRP O      O  N N 450 
TRP CB     C  N N 451 
TRP CG     C  Y N 452 
TRP CD1    C  Y N 453 
TRP CD2    C  Y N 454 
TRP NE1    N  Y N 455 
TRP CE2    C  Y N 456 
TRP CE3    C  Y N 457 
TRP CZ2    C  Y N 458 
TRP CZ3    C  Y N 459 
TRP CH2    C  Y N 460 
TRP OXT    O  N N 461 
TRP H      H  N N 462 
TRP H2     H  N N 463 
TRP HA     H  N N 464 
TRP HB2    H  N N 465 
TRP HB3    H  N N 466 
TRP HD1    H  N N 467 
TRP HE1    H  N N 468 
TRP HE3    H  N N 469 
TRP HZ2    H  N N 470 
TRP HZ3    H  N N 471 
TRP HH2    H  N N 472 
TRP HXT    H  N N 473 
TYR N      N  N N 474 
TYR CA     C  N S 475 
TYR C      C  N N 476 
TYR O      O  N N 477 
TYR CB     C  N N 478 
TYR CG     C  Y N 479 
TYR CD1    C  Y N 480 
TYR CD2    C  Y N 481 
TYR CE1    C  Y N 482 
TYR CE2    C  Y N 483 
TYR CZ     C  Y N 484 
TYR OH     O  N N 485 
TYR OXT    O  N N 486 
TYR H      H  N N 487 
TYR H2     H  N N 488 
TYR HA     H  N N 489 
TYR HB2    H  N N 490 
TYR HB3    H  N N 491 
TYR HD1    H  N N 492 
TYR HD2    H  N N 493 
TYR HE1    H  N N 494 
TYR HE2    H  N N 495 
TYR HH     H  N N 496 
TYR HXT    H  N N 497 
VAL N      N  N N 498 
VAL CA     C  N S 499 
VAL C      C  N N 500 
VAL O      O  N N 501 
VAL CB     C  N N 502 
VAL CG1    C  N N 503 
VAL CG2    C  N N 504 
VAL OXT    O  N N 505 
VAL H      H  N N 506 
VAL H2     H  N N 507 
VAL HA     H  N N 508 
VAL HB     H  N N 509 
VAL HG11   H  N N 510 
VAL HG12   H  N N 511 
VAL HG13   H  N N 512 
VAL HG21   H  N N 513 
VAL HG22   H  N N 514 
VAL HG23   H  N N 515 
VAL HXT    H  N N 516 
# 
loop_
_chem_comp_bond.comp_id 
_chem_comp_bond.atom_id_1 
_chem_comp_bond.atom_id_2 
_chem_comp_bond.value_order 
_chem_comp_bond.pdbx_aromatic_flag 
_chem_comp_bond.pdbx_stereo_config 
_chem_comp_bond.pdbx_ordinal 
78C O1    C2     doub N N 1   
78C C2    C3     sing N N 2   
78C C2    N1     sing N N 3   
78C C3    C4     sing N N 4   
78C C4    C11    sing N N 5   
78C C4    N1     sing N N 6   
78C C11   C12    sing Y N 7   
78C C11   C16    doub Y N 8   
78C C12   C13    doub Y N 9   
78C C13   C14    sing Y N 10  
78C C14   C15    doub Y N 11  
78C C15   C16    sing Y N 12  
78C N1    C5     sing N N 13  
78C C5    O2     doub N N 14  
78C C5    O3     sing N N 15  
78C O3    C6     sing N N 16  
78C C6    C7     sing N N 17  
78C C6    C10    sing N N 18  
78C C7    C8     sing N N 19  
78C C8    C9     sing N N 20  
78C C9    C10    sing N N 21  
78C C3    H31C   sing N N 22  
78C C3    H32C   sing N N 23  
78C C4    H4     sing N N 24  
78C C12   H12    sing N N 25  
78C C16   H16    sing N N 26  
78C C13   H13    sing N N 27  
78C C14   H14    sing N N 28  
78C C15   H15    sing N N 29  
78C C6    H6     sing N N 30  
78C C7    H71C   sing N N 31  
78C C7    H72C   sing N N 32  
78C C10   H101   sing N N 33  
78C C10   H102   sing N N 34  
78C C8    H81C   sing N N 35  
78C C8    H82C   sing N N 36  
78C C9    H91C   sing N N 37  
78C C9    H92C   sing N N 38  
ALA N     CA     sing N N 39  
ALA N     H      sing N N 40  
ALA N     H2     sing N N 41  
ALA CA    C      sing N N 42  
ALA CA    CB     sing N N 43  
ALA CA    HA     sing N N 44  
ALA C     O      doub N N 45  
ALA C     OXT    sing N N 46  
ALA CB    HB1    sing N N 47  
ALA CB    HB2    sing N N 48  
ALA CB    HB3    sing N N 49  
ALA OXT   HXT    sing N N 50  
ARG N     CA     sing N N 51  
ARG N     H      sing N N 52  
ARG N     H2     sing N N 53  
ARG CA    C      sing N N 54  
ARG CA    CB     sing N N 55  
ARG CA    HA     sing N N 56  
ARG C     O      doub N N 57  
ARG C     OXT    sing N N 58  
ARG CB    CG     sing N N 59  
ARG CB    HB2    sing N N 60  
ARG CB    HB3    sing N N 61  
ARG CG    CD     sing N N 62  
ARG CG    HG2    sing N N 63  
ARG CG    HG3    sing N N 64  
ARG CD    NE     sing N N 65  
ARG CD    HD2    sing N N 66  
ARG CD    HD3    sing N N 67  
ARG NE    CZ     sing N N 68  
ARG NE    HE     sing N N 69  
ARG CZ    NH1    sing N N 70  
ARG CZ    NH2    doub N N 71  
ARG NH1   HH11   sing N N 72  
ARG NH1   HH12   sing N N 73  
ARG NH2   HH21   sing N N 74  
ARG NH2   HH22   sing N N 75  
ARG OXT   HXT    sing N N 76  
ASN N     CA     sing N N 77  
ASN N     H      sing N N 78  
ASN N     H2     sing N N 79  
ASN CA    C      sing N N 80  
ASN CA    CB     sing N N 81  
ASN CA    HA     sing N N 82  
ASN C     O      doub N N 83  
ASN C     OXT    sing N N 84  
ASN CB    CG     sing N N 85  
ASN CB    HB2    sing N N 86  
ASN CB    HB3    sing N N 87  
ASN CG    OD1    doub N N 88  
ASN CG    ND2    sing N N 89  
ASN ND2   HD21   sing N N 90  
ASN ND2   HD22   sing N N 91  
ASN OXT   HXT    sing N N 92  
ASP N     CA     sing N N 93  
ASP N     H      sing N N 94  
ASP N     H2     sing N N 95  
ASP CA    C      sing N N 96  
ASP CA    CB     sing N N 97  
ASP CA    HA     sing N N 98  
ASP C     O      doub N N 99  
ASP C     OXT    sing N N 100 
ASP CB    CG     sing N N 101 
ASP CB    HB2    sing N N 102 
ASP CB    HB3    sing N N 103 
ASP CG    OD1    doub N N 104 
ASP CG    OD2    sing N N 105 
ASP OD2   HD2    sing N N 106 
ASP OXT   HXT    sing N N 107 
BNG C1    C2     sing N N 108 
BNG C1    O1     sing N N 109 
BNG C1    O5     sing N N 110 
BNG C1    H1     sing N N 111 
BNG C2    C3     sing N N 112 
BNG C2    O2     sing N N 113 
BNG C2    H2     sing N N 114 
BNG C3    C4     sing N N 115 
BNG C3    O3     sing N N 116 
BNG C3    H3     sing N N 117 
BNG C4    C5     sing N N 118 
BNG C4    O4     sing N N 119 
BNG C4    H4     sing N N 120 
BNG C5    C6     sing N N 121 
BNG C5    O5     sing N N 122 
BNG C5    H5     sing N N 123 
BNG C6    O6     sing N N 124 
BNG C6    H61    sing N N 125 
BNG C6    H62    sing N N 126 
BNG "C1'" "C2'"  sing N N 127 
BNG "C1'" O1     sing N N 128 
BNG "C1'" "H1'1" sing N N 129 
BNG "C1'" "H1'2" sing N N 130 
BNG "C2'" "C3'"  sing N N 131 
BNG "C2'" "H2'1" sing N N 132 
BNG "C2'" "H2'2" sing N N 133 
BNG "C3'" "C4'"  sing N N 134 
BNG "C3'" "H3'1" sing N N 135 
BNG "C3'" "H3'2" sing N N 136 
BNG "C4'" "C5'"  sing N N 137 
BNG "C4'" "H4'1" sing N N 138 
BNG "C4'" "H4'2" sing N N 139 
BNG "C5'" "C6'"  sing N N 140 
BNG "C5'" "H5'1" sing N N 141 
BNG "C5'" "H5'2" sing N N 142 
BNG "C6'" "C7'"  sing N N 143 
BNG "C6'" "H6'1" sing N N 144 
BNG "C6'" "H6'2" sing N N 145 
BNG "C7'" "C8'"  sing N N 146 
BNG "C7'" "H7'1" sing N N 147 
BNG "C7'" "H7'2" sing N N 148 
BNG "C8'" "C9'"  sing N N 149 
BNG "C8'" "H8'1" sing N N 150 
BNG "C8'" "H8'2" sing N N 151 
BNG "C9'" "H9'1" sing N N 152 
BNG "C9'" "H9'2" sing N N 153 
BNG "C9'" "H9'3" sing N N 154 
BNG O2    HO2    sing N N 155 
BNG O3    HO3    sing N N 156 
BNG O4    HO4    sing N N 157 
BNG O6    HO6    sing N N 158 
CYS N     CA     sing N N 159 
CYS N     H      sing N N 160 
CYS N     H2     sing N N 161 
CYS CA    C      sing N N 162 
CYS CA    CB     sing N N 163 
CYS CA    HA     sing N N 164 
CYS C     O      doub N N 165 
CYS C     OXT    sing N N 166 
CYS CB    SG     sing N N 167 
CYS CB    HB2    sing N N 168 
CYS CB    HB3    sing N N 169 
CYS SG    HG     sing N N 170 
CYS OXT   HXT    sing N N 171 
GLN N     CA     sing N N 172 
GLN N     H      sing N N 173 
GLN N     H2     sing N N 174 
GLN CA    C      sing N N 175 
GLN CA    CB     sing N N 176 
GLN CA    HA     sing N N 177 
GLN C     O      doub N N 178 
GLN C     OXT    sing N N 179 
GLN CB    CG     sing N N 180 
GLN CB    HB2    sing N N 181 
GLN CB    HB3    sing N N 182 
GLN CG    CD     sing N N 183 
GLN CG    HG2    sing N N 184 
GLN CG    HG3    sing N N 185 
GLN CD    OE1    doub N N 186 
GLN CD    NE2    sing N N 187 
GLN NE2   HE21   sing N N 188 
GLN NE2   HE22   sing N N 189 
GLN OXT   HXT    sing N N 190 
GLU N     CA     sing N N 191 
GLU N     H      sing N N 192 
GLU N     H2     sing N N 193 
GLU CA    C      sing N N 194 
GLU CA    CB     sing N N 195 
GLU CA    HA     sing N N 196 
GLU C     O      doub N N 197 
GLU C     OXT    sing N N 198 
GLU CB    CG     sing N N 199 
GLU CB    HB2    sing N N 200 
GLU CB    HB3    sing N N 201 
GLU CG    CD     sing N N 202 
GLU CG    HG2    sing N N 203 
GLU CG    HG3    sing N N 204 
GLU CD    OE1    doub N N 205 
GLU CD    OE2    sing N N 206 
GLU OE2   HE2    sing N N 207 
GLU OXT   HXT    sing N N 208 
GLY N     CA     sing N N 209 
GLY N     H      sing N N 210 
GLY N     H2     sing N N 211 
GLY CA    C      sing N N 212 
GLY CA    HA2    sing N N 213 
GLY CA    HA3    sing N N 214 
GLY C     O      doub N N 215 
GLY C     OXT    sing N N 216 
GLY OXT   HXT    sing N N 217 
HIS N     CA     sing N N 218 
HIS N     H      sing N N 219 
HIS N     H2     sing N N 220 
HIS CA    C      sing N N 221 
HIS CA    CB     sing N N 222 
HIS CA    HA     sing N N 223 
HIS C     O      doub N N 224 
HIS C     OXT    sing N N 225 
HIS CB    CG     sing N N 226 
HIS CB    HB2    sing N N 227 
HIS CB    HB3    sing N N 228 
HIS CG    ND1    sing Y N 229 
HIS CG    CD2    doub Y N 230 
HIS ND1   CE1    doub Y N 231 
HIS ND1   HD1    sing N N 232 
HIS CD2   NE2    sing Y N 233 
HIS CD2   HD2    sing N N 234 
HIS CE1   NE2    sing Y N 235 
HIS CE1   HE1    sing N N 236 
HIS NE2   HE2    sing N N 237 
HIS OXT   HXT    sing N N 238 
HOH O     H1     sing N N 239 
HOH O     H2     sing N N 240 
ILE N     CA     sing N N 241 
ILE N     H      sing N N 242 
ILE N     H2     sing N N 243 
ILE CA    C      sing N N 244 
ILE CA    CB     sing N N 245 
ILE CA    HA     sing N N 246 
ILE C     O      doub N N 247 
ILE C     OXT    sing N N 248 
ILE CB    CG1    sing N N 249 
ILE CB    CG2    sing N N 250 
ILE CB    HB     sing N N 251 
ILE CG1   CD1    sing N N 252 
ILE CG1   HG12   sing N N 253 
ILE CG1   HG13   sing N N 254 
ILE CG2   HG21   sing N N 255 
ILE CG2   HG22   sing N N 256 
ILE CG2   HG23   sing N N 257 
ILE CD1   HD11   sing N N 258 
ILE CD1   HD12   sing N N 259 
ILE CD1   HD13   sing N N 260 
ILE OXT   HXT    sing N N 261 
L62 O2    C5     doub N N 262 
L62 C5    O3     sing N N 263 
L62 C5    N1     sing N N 264 
L62 O3    C6     sing N N 265 
L62 C6    C7     sing N N 266 
L62 C6    C10    sing N N 267 
L62 C7    C8     sing N N 268 
L62 C8    C9     sing N N 269 
L62 C9    C10    sing N N 270 
L62 N1    C4     sing N N 271 
L62 C4    C3     sing N N 272 
L62 C4    C11    sing N N 273 
L62 C3    C2     sing N N 274 
L62 C2    O1     doub N N 275 
L62 C2    HXT    sing N N 276 
L62 C11   C12    sing Y N 277 
L62 C11   C16    doub Y N 278 
L62 C12   C13    doub Y N 279 
L62 C13   C14    sing Y N 280 
L62 C14   C15    doub Y N 281 
L62 C15   C16    sing Y N 282 
L62 N1    H1     sing N N 283 
L62 C6    H6     sing N N 284 
L62 C7    H71C   sing N N 285 
L62 C7    H72C   sing N N 286 
L62 C10   H101   sing N N 287 
L62 C10   H102   sing N N 288 
L62 C8    H81C   sing N N 289 
L62 C8    H82C   sing N N 290 
L62 C9    H91C   sing N N 291 
L62 C9    H92C   sing N N 292 
L62 C4    H4     sing N N 293 
L62 C3    H31C   sing N N 294 
L62 C3    H32C   sing N N 295 
L62 C12   H12    sing N N 296 
L62 C16   H16    sing N N 297 
L62 C13   H13    sing N N 298 
L62 C14   H14    sing N N 299 
L62 C15   H15    sing N N 300 
LEU N     CA     sing N N 301 
LEU N     H      sing N N 302 
LEU N     H2     sing N N 303 
LEU CA    C      sing N N 304 
LEU CA    CB     sing N N 305 
LEU CA    HA     sing N N 306 
LEU C     O      doub N N 307 
LEU C     OXT    sing N N 308 
LEU CB    CG     sing N N 309 
LEU CB    HB2    sing N N 310 
LEU CB    HB3    sing N N 311 
LEU CG    CD1    sing N N 312 
LEU CG    CD2    sing N N 313 
LEU CG    HG     sing N N 314 
LEU CD1   HD11   sing N N 315 
LEU CD1   HD12   sing N N 316 
LEU CD1   HD13   sing N N 317 
LEU CD2   HD21   sing N N 318 
LEU CD2   HD22   sing N N 319 
LEU CD2   HD23   sing N N 320 
LEU OXT   HXT    sing N N 321 
LYS N     CA     sing N N 322 
LYS N     H      sing N N 323 
LYS N     H2     sing N N 324 
LYS CA    C      sing N N 325 
LYS CA    CB     sing N N 326 
LYS CA    HA     sing N N 327 
LYS C     O      doub N N 328 
LYS C     OXT    sing N N 329 
LYS CB    CG     sing N N 330 
LYS CB    HB2    sing N N 331 
LYS CB    HB3    sing N N 332 
LYS CG    CD     sing N N 333 
LYS CG    HG2    sing N N 334 
LYS CG    HG3    sing N N 335 
LYS CD    CE     sing N N 336 
LYS CD    HD2    sing N N 337 
LYS CD    HD3    sing N N 338 
LYS CE    NZ     sing N N 339 
LYS CE    HE2    sing N N 340 
LYS CE    HE3    sing N N 341 
LYS NZ    HZ1    sing N N 342 
LYS NZ    HZ2    sing N N 343 
LYS NZ    HZ3    sing N N 344 
LYS OXT   HXT    sing N N 345 
MET N     CA     sing N N 346 
MET N     H      sing N N 347 
MET N     H2     sing N N 348 
MET CA    C      sing N N 349 
MET CA    CB     sing N N 350 
MET CA    HA     sing N N 351 
MET C     O      doub N N 352 
MET C     OXT    sing N N 353 
MET CB    CG     sing N N 354 
MET CB    HB2    sing N N 355 
MET CB    HB3    sing N N 356 
MET CG    SD     sing N N 357 
MET CG    HG2    sing N N 358 
MET CG    HG3    sing N N 359 
MET SD    CE     sing N N 360 
MET CE    HE1    sing N N 361 
MET CE    HE2    sing N N 362 
MET CE    HE3    sing N N 363 
MET OXT   HXT    sing N N 364 
PHE N     CA     sing N N 365 
PHE N     H      sing N N 366 
PHE N     H2     sing N N 367 
PHE CA    C      sing N N 368 
PHE CA    CB     sing N N 369 
PHE CA    HA     sing N N 370 
PHE C     O      doub N N 371 
PHE C     OXT    sing N N 372 
PHE CB    CG     sing N N 373 
PHE CB    HB2    sing N N 374 
PHE CB    HB3    sing N N 375 
PHE CG    CD1    doub Y N 376 
PHE CG    CD2    sing Y N 377 
PHE CD1   CE1    sing Y N 378 
PHE CD1   HD1    sing N N 379 
PHE CD2   CE2    doub Y N 380 
PHE CD2   HD2    sing N N 381 
PHE CE1   CZ     doub Y N 382 
PHE CE1   HE1    sing N N 383 
PHE CE2   CZ     sing Y N 384 
PHE CE2   HE2    sing N N 385 
PHE CZ    HZ     sing N N 386 
PHE OXT   HXT    sing N N 387 
PRO N     CA     sing N N 388 
PRO N     CD     sing N N 389 
PRO N     H      sing N N 390 
PRO CA    C      sing N N 391 
PRO CA    CB     sing N N 392 
PRO CA    HA     sing N N 393 
PRO C     O      doub N N 394 
PRO C     OXT    sing N N 395 
PRO CB    CG     sing N N 396 
PRO CB    HB2    sing N N 397 
PRO CB    HB3    sing N N 398 
PRO CG    CD     sing N N 399 
PRO CG    HG2    sing N N 400 
PRO CG    HG3    sing N N 401 
PRO CD    HD2    sing N N 402 
PRO CD    HD3    sing N N 403 
PRO OXT   HXT    sing N N 404 
SER N     CA     sing N N 405 
SER N     H      sing N N 406 
SER N     H2     sing N N 407 
SER CA    C      sing N N 408 
SER CA    CB     sing N N 409 
SER CA    HA     sing N N 410 
SER C     O      doub N N 411 
SER C     OXT    sing N N 412 
SER CB    OG     sing N N 413 
SER CB    HB2    sing N N 414 
SER CB    HB3    sing N N 415 
SER OG    HG     sing N N 416 
SER OXT   HXT    sing N N 417 
THR N     CA     sing N N 418 
THR N     H      sing N N 419 
THR N     H2     sing N N 420 
THR CA    C      sing N N 421 
THR CA    CB     sing N N 422 
THR CA    HA     sing N N 423 
THR C     O      doub N N 424 
THR C     OXT    sing N N 425 
THR CB    OG1    sing N N 426 
THR CB    CG2    sing N N 427 
THR CB    HB     sing N N 428 
THR OG1   HG1    sing N N 429 
THR CG2   HG21   sing N N 430 
THR CG2   HG22   sing N N 431 
THR CG2   HG23   sing N N 432 
THR OXT   HXT    sing N N 433 
TRP N     CA     sing N N 434 
TRP N     H      sing N N 435 
TRP N     H2     sing N N 436 
TRP CA    C      sing N N 437 
TRP CA    CB     sing N N 438 
TRP CA    HA     sing N N 439 
TRP C     O      doub N N 440 
TRP C     OXT    sing N N 441 
TRP CB    CG     sing N N 442 
TRP CB    HB2    sing N N 443 
TRP CB    HB3    sing N N 444 
TRP CG    CD1    doub Y N 445 
TRP CG    CD2    sing Y N 446 
TRP CD1   NE1    sing Y N 447 
TRP CD1   HD1    sing N N 448 
TRP CD2   CE2    doub Y N 449 
TRP CD2   CE3    sing Y N 450 
TRP NE1   CE2    sing Y N 451 
TRP NE1   HE1    sing N N 452 
TRP CE2   CZ2    sing Y N 453 
TRP CE3   CZ3    doub Y N 454 
TRP CE3   HE3    sing N N 455 
TRP CZ2   CH2    doub Y N 456 
TRP CZ2   HZ2    sing N N 457 
TRP CZ3   CH2    sing Y N 458 
TRP CZ3   HZ3    sing N N 459 
TRP CH2   HH2    sing N N 460 
TRP OXT   HXT    sing N N 461 
TYR N     CA     sing N N 462 
TYR N     H      sing N N 463 
TYR N     H2     sing N N 464 
TYR CA    C      sing N N 465 
TYR CA    CB     sing N N 466 
TYR CA    HA     sing N N 467 
TYR C     O      doub N N 468 
TYR C     OXT    sing N N 469 
TYR CB    CG     sing N N 470 
TYR CB    HB2    sing N N 471 
TYR CB    HB3    sing N N 472 
TYR CG    CD1    doub Y N 473 
TYR CG    CD2    sing Y N 474 
TYR CD1   CE1    sing Y N 475 
TYR CD1   HD1    sing N N 476 
TYR CD2   CE2    doub Y N 477 
TYR CD2   HD2    sing N N 478 
TYR CE1   CZ     doub Y N 479 
TYR CE1   HE1    sing N N 480 
TYR CE2   CZ     sing Y N 481 
TYR CE2   HE2    sing N N 482 
TYR CZ    OH     sing N N 483 
TYR OH    HH     sing N N 484 
TYR OXT   HXT    sing N N 485 
VAL N     CA     sing N N 486 
VAL N     H      sing N N 487 
VAL N     H2     sing N N 488 
VAL CA    C      sing N N 489 
VAL CA    CB     sing N N 490 
VAL CA    HA     sing N N 491 
VAL C     O      doub N N 492 
VAL C     OXT    sing N N 493 
VAL CB    CG1    sing N N 494 
VAL CB    CG2    sing N N 495 
VAL CB    HB     sing N N 496 
VAL CG1   HG11   sing N N 497 
VAL CG1   HG12   sing N N 498 
VAL CG1   HG13   sing N N 499 
VAL CG2   HG21   sing N N 500 
VAL CG2   HG22   sing N N 501 
VAL CG2   HG23   sing N N 502 
VAL OXT   HXT    sing N N 503 
# 
_pdbx_initial_refinement_model.id               1 
_pdbx_initial_refinement_model.entity_id_list   ? 
_pdbx_initial_refinement_model.type             'experimental model' 
_pdbx_initial_refinement_model.source_name      PDB 
_pdbx_initial_refinement_model.accession_code   2XOV 
_pdbx_initial_refinement_model.details          'PDB ENTRY 2XOV' 
# 
_atom_sites.entry_id                    3ZMH 
_atom_sites.fract_transf_matrix[1][1]   0.00012976 
_atom_sites.fract_transf_matrix[1][2]   -0.00475603 
_atom_sites.fract_transf_matrix[1][3]   -0.00934129 
_atom_sites.fract_transf_matrix[2][1]   0.00783802 
_atom_sites.fract_transf_matrix[2][2]   -0.00651342 
_atom_sites.fract_transf_matrix[2][3]   -0.00245644 
_atom_sites.fract_transf_matrix[3][1]   -0.00401551 
_atom_sites.fract_transf_matrix[3][2]   -0.00595442 
_atom_sites.fract_transf_matrix[3][3]   0.00297585 
_atom_sites.fract_transf_vector[1]      -0.122885 
_atom_sites.fract_transf_vector[2]      0.079118 
_atom_sites.fract_transf_vector[3]      -0.350815 
# 
loop_
_atom_type.symbol 
C  
CL 
N  
O  
S  
# 
loop_
_atom_site.group_PDB 
_atom_site.id 
_atom_site.type_symbol 
_atom_site.label_atom_id 
_atom_site.label_alt_id 
_atom_site.label_comp_id 
_atom_site.label_asym_id 
_atom_site.label_entity_id 
_atom_site.label_seq_id 
_atom_site.pdbx_PDB_ins_code 
_atom_site.Cartn_x 
_atom_site.Cartn_y 
_atom_site.Cartn_z 
_atom_site.occupancy 
_atom_site.B_iso_or_equiv 
_atom_site.pdbx_formal_charge 
_atom_site.auth_seq_id 
_atom_site.auth_comp_id 
_atom_site.auth_asym_id 
_atom_site.auth_atom_id 
_atom_site.pdbx_PDB_model_num 
ATOM   1    N  N     . GLU A 1 1   ? -23.469 -6.644  3.457   1.00 62.87 ? 91   GLU A N     1 
ATOM   2    C  CA    . GLU A 1 1   ? -22.163 -6.772  2.812   1.00 67.19 ? 91   GLU A CA    1 
ATOM   3    C  C     . GLU A 1 1   ? -21.315 -5.542  3.095   1.00 71.02 ? 91   GLU A C     1 
ATOM   4    O  O     . GLU A 1 1   ? -21.658 -4.444  2.647   1.00 67.45 ? 91   GLU A O     1 
ATOM   5    C  CB    . GLU A 1 1   ? -22.322 -6.945  1.297   1.00 66.73 ? 91   GLU A CB    1 
ATOM   6    N  N     . ARG A 1 2   ? -20.218 -5.712  3.835   1.00 58.95 ? 92   ARG A N     1 
ATOM   7    C  CA    . ARG A 1 2   ? -19.371 -4.564  4.145   1.00 51.93 ? 92   ARG A CA    1 
ATOM   8    C  C     . ARG A 1 2   ? -17.892 -4.859  4.442   1.00 55.25 ? 92   ARG A C     1 
ATOM   9    O  O     . ARG A 1 2   ? -17.546 -5.845  5.099   1.00 47.74 ? 92   ARG A O     1 
ATOM   10   C  CB    . ARG A 1 2   ? -20.002 -3.689  5.244   1.00 45.72 ? 92   ARG A CB    1 
ATOM   11   C  CG    . ARG A 1 2   ? -19.767 -4.117  6.682   1.00 51.97 ? 92   ARG A CG    1 
ATOM   12   C  CD    . ARG A 1 2   ? -20.543 -3.200  7.627   1.00 48.36 ? 92   ARG A CD    1 
ATOM   13   N  NE    . ARG A 1 2   ? -20.064 -3.253  9.006   1.00 55.26 ? 92   ARG A NE    1 
ATOM   14   C  CZ    . ARG A 1 2   ? -20.562 -2.514  9.996   1.00 64.35 ? 92   ARG A CZ    1 
ATOM   15   N  NH1   . ARG A 1 2   ? -21.555 -1.662  9.752   1.00 60.74 ? 92   ARG A NH1   1 
ATOM   16   N  NH2   . ARG A 1 2   ? -20.068 -2.622  11.227  1.00 60.69 ? 92   ARG A NH2   1 
ATOM   17   N  N     . ALA A 1 3   ? -17.038 -3.980  3.921   1.00 49.18 ? 93   ALA A N     1 
ATOM   18   C  CA    . ALA A 1 3   ? -15.617 -3.941  4.234   1.00 39.32 ? 93   ALA A CA    1 
ATOM   19   C  C     . ALA A 1 3   ? -15.380 -3.907  5.747   1.00 37.21 ? 93   ALA A C     1 
ATOM   20   O  O     . ALA A 1 3   ? -16.056 -3.161  6.470   1.00 30.31 ? 93   ALA A O     1 
ATOM   21   C  CB    . ALA A 1 3   ? -14.986 -2.705  3.581   1.00 30.65 ? 93   ALA A CB    1 
ATOM   22   N  N     . GLY A 1 4   ? -14.412 -4.699  6.214   1.00 31.29 ? 94   GLY A N     1 
ATOM   23   C  CA    . GLY A 1 4   ? -14.078 -4.755  7.630   1.00 31.25 ? 94   GLY A CA    1 
ATOM   24   C  C     . GLY A 1 4   ? -13.526 -3.456  8.191   1.00 29.37 ? 94   GLY A C     1 
ATOM   25   O  O     . GLY A 1 4   ? -13.257 -2.510  7.442   1.00 30.62 ? 94   GLY A O     1 
ATOM   26   N  N     . PRO A 1 5   ? -13.340 -3.402  9.520   1.00 32.00 ? 95   PRO A N     1 
ATOM   27   C  CA    . PRO A 1 5   ? -12.988 -2.153  10.206  1.00 27.25 ? 95   PRO A CA    1 
ATOM   28   C  C     . PRO A 1 5   ? -11.648 -1.552  9.787   1.00 31.42 ? 95   PRO A C     1 
ATOM   29   O  O     . PRO A 1 5   ? -11.554 -0.321  9.638   1.00 29.19 ? 95   PRO A O     1 
ATOM   30   C  CB    . PRO A 1 5   ? -12.976 -2.550  11.690  1.00 31.95 ? 95   PRO A CB    1 
ATOM   31   C  CG    . PRO A 1 5   ? -12.802 -4.037  11.696  1.00 33.88 ? 95   PRO A CG    1 
ATOM   32   C  CD    . PRO A 1 5   ? -13.519 -4.520  10.464  1.00 33.14 ? 95   PRO A CD    1 
ATOM   33   N  N     . VAL A 1 6   ? -10.631 -2.390  9.605   1.00 29.58 ? 96   VAL A N     1 
ATOM   34   C  CA    . VAL A 1 6   ? -9.334  -1.895  9.165   1.00 29.25 ? 96   VAL A CA    1 
ATOM   35   C  C     . VAL A 1 6   ? -9.429  -1.394  7.743   1.00 24.07 ? 96   VAL A C     1 
ATOM   36   O  O     . VAL A 1 6   ? -8.947  -0.301  7.431   1.00 22.75 ? 96   VAL A O     1 
ATOM   37   C  CB    . VAL A 1 6   ? -8.231  -2.981  9.193   1.00 29.94 ? 96   VAL A CB    1 
ATOM   38   C  CG1   . VAL A 1 6   ? -6.914  -2.386  8.720   1.00 19.54 ? 96   VAL A CG1   1 
ATOM   39   C  CG2   . VAL A 1 6   ? -8.084  -3.563  10.580  1.00 28.85 ? 96   VAL A CG2   1 
ATOM   40   N  N     . THR A 1 7   ? -10.022 -2.221  6.879   1.00 26.45 ? 97   THR A N     1 
ATOM   41   C  CA    . THR A 1 7   ? -10.214 -1.865  5.466   1.00 29.08 ? 97   THR A CA    1 
ATOM   42   C  C     . THR A 1 7   ? -10.936 -0.517  5.366   1.00 27.71 ? 97   THR A C     1 
ATOM   43   O  O     . THR A 1 7   ? -10.492 0.395   4.666   1.00 25.18 ? 97   THR A O     1 
ATOM   44   C  CB    . THR A 1 7   ? -11.028 -2.945  4.706   1.00 34.41 ? 97   THR A CB    1 
ATOM   45   O  OG1   . THR A 1 7   ? -10.323 -4.198  4.737   1.00 27.18 ? 97   THR A OG1   1 
ATOM   46   C  CG2   . THR A 1 7   ? -11.279 -2.521  3.240   1.00 30.02 ? 97   THR A CG2   1 
ATOM   47   N  N     . TRP A 1 8   ? -12.026 -0.401  6.120   1.00 26.00 ? 98   TRP A N     1 
ATOM   48   C  CA    . TRP A 1 8   ? -12.853 0.805   6.161   1.00 26.21 ? 98   TRP A CA    1 
ATOM   49   C  C     . TRP A 1 8   ? -12.121 2.008   6.750   1.00 28.98 ? 98   TRP A C     1 
ATOM   50   O  O     . TRP A 1 8   ? -12.092 3.078   6.130   1.00 30.09 ? 98   TRP A O     1 
ATOM   51   C  CB    . TRP A 1 8   ? -14.134 0.488   6.935   1.00 30.02 ? 98   TRP A CB    1 
ATOM   52   C  CG    . TRP A 1 8   ? -15.030 1.618   7.284   1.00 39.45 ? 98   TRP A CG    1 
ATOM   53   C  CD1   . TRP A 1 8   ? -15.387 2.011   8.545   1.00 43.07 ? 98   TRP A CD1   1 
ATOM   54   C  CD2   . TRP A 1 8   ? -15.727 2.487   6.382   1.00 35.59 ? 98   TRP A CD2   1 
ATOM   55   N  NE1   . TRP A 1 8   ? -16.255 3.071   8.485   1.00 43.66 ? 98   TRP A NE1   1 
ATOM   56   C  CE2   . TRP A 1 8   ? -16.486 3.384   7.171   1.00 45.54 ? 98   TRP A CE2   1 
ATOM   57   C  CE3   . TRP A 1 8   ? -15.783 2.599   4.992   1.00 33.28 ? 98   TRP A CE3   1 
ATOM   58   C  CZ2   . TRP A 1 8   ? -17.289 4.386   6.611   1.00 40.65 ? 98   TRP A CZ2   1 
ATOM   59   C  CZ3   . TRP A 1 8   ? -16.589 3.588   4.433   1.00 33.27 ? 98   TRP A CZ3   1 
ATOM   60   C  CH2   . TRP A 1 8   ? -17.324 4.474   5.247   1.00 34.39 ? 98   TRP A CH2   1 
ATOM   61   N  N     . VAL A 1 9   ? -11.501 1.843   7.923   1.00 28.36 ? 99   VAL A N     1 
ATOM   62   C  CA    . VAL A 1 9   ? -10.845 2.984   8.557   1.00 28.30 ? 99   VAL A CA    1 
ATOM   63   C  C     . VAL A 1 9   ? -9.693  3.522   7.711   1.00 23.40 ? 99   VAL A C     1 
ATOM   64   O  O     . VAL A 1 9   ? -9.492  4.731   7.621   1.00 25.80 ? 99   VAL A O     1 
ATOM   65   C  CB    . VAL A 1 9   ? -10.422 2.711   10.037  1.00 34.55 ? 99   VAL A CB    1 
ATOM   66   C  CG1   . VAL A 1 9   ? -9.657  3.889   10.598  1.00 30.76 ? 99   VAL A CG1   1 
ATOM   67   C  CG2   . VAL A 1 9   ? -11.653 2.481   10.901  1.00 33.96 ? 99   VAL A CG2   1 
ATOM   68   N  N     . MET A 1 10  ? -8.966  2.631   7.048   1.00 26.21 ? 100  MET A N     1 
ATOM   69   C  CA    . MET A 1 10  ? -7.901  3.065   6.151   1.00 26.04 ? 100  MET A CA    1 
ATOM   70   C  C     . MET A 1 10  ? -8.433  3.914   4.982   1.00 26.80 ? 100  MET A C     1 
ATOM   71   O  O     . MET A 1 10  ? -7.840  4.935   4.611   1.00 24.41 ? 100  MET A O     1 
ATOM   72   C  CB    . MET A 1 10  ? -7.124  1.859   5.628   1.00 25.42 ? 100  MET A CB    1 
ATOM   73   C  CG    . MET A 1 10  ? -6.153  2.199   4.506   1.00 24.75 ? 100  MET A CG    1 
ATOM   74   S  SD    . MET A 1 10  ? -4.758  3.222   5.040   1.00 36.53 ? 100  MET A SD    1 
ATOM   75   C  CE    . MET A 1 10  ? -3.665  1.984   5.756   1.00 31.12 ? 100  MET A CE    1 
ATOM   76   N  N     . MET A 1 11  ? -9.544  3.482   4.394   1.00 26.38 ? 101  MET A N     1 
ATOM   77   C  CA    . MET A 1 11  ? -10.150 4.231   3.294   1.00 28.83 ? 101  MET A CA    1 
ATOM   78   C  C     . MET A 1 11  ? -10.602 5.614   3.758   1.00 26.96 ? 101  MET A C     1 
ATOM   79   O  O     . MET A 1 11  ? -10.292 6.619   3.115   1.00 25.98 ? 101  MET A O     1 
ATOM   80   C  CB    . MET A 1 11  ? -11.307 3.447   2.669   1.00 27.92 ? 101  MET A CB    1 
ATOM   81   C  CG    . MET A 1 11  ? -10.851 2.134   2.044   1.00 27.63 ? 101  MET A CG    1 
ATOM   82   S  SD    . MET A 1 11  ? -12.163 1.138   1.319   1.00 31.58 ? 101  MET A SD    1 
ATOM   83   C  CE    . MET A 1 11  ? -12.340 1.918   -0.265  1.00 35.39 ? 101  MET A CE    1 
ATOM   84   N  N     . ILE A 1 12  ? -11.299 5.668   4.892   1.00 25.67 ? 102  ILE A N     1 
ATOM   85   C  CA    . ILE A 1 12  ? -11.730 6.951   5.459   1.00 24.76 ? 102  ILE A CA    1 
ATOM   86   C  C     . ILE A 1 12  ? -10.546 7.878   5.707   1.00 29.05 ? 102  ILE A C     1 
ATOM   87   O  O     . ILE A 1 12  ? -10.585 9.066   5.373   1.00 28.79 ? 102  ILE A O     1 
ATOM   88   C  CB    . ILE A 1 12  ? -12.433 6.778   6.811   1.00 33.03 ? 102  ILE A CB    1 
ATOM   89   C  CG1   . ILE A 1 12  ? -13.641 5.857   6.696   1.00 37.92 ? 102  ILE A CG1   1 
ATOM   90   C  CG2   . ILE A 1 12  ? -12.859 8.138   7.380   1.00 32.20 ? 102  ILE A CG2   1 
ATOM   91   C  CD1   . ILE A 1 12  ? -14.348 5.691   8.030   1.00 45.26 ? 102  ILE A CD1   1 
ATOM   92   N  N     . ALA A 1 13  ? -9.493  7.328   6.306   1.00 26.83 ? 103  ALA A N     1 
ATOM   93   C  CA    . ALA A 1 13  ? -8.316  8.116   6.656   1.00 26.55 ? 103  ALA A CA    1 
ATOM   94   C  C     . ALA A 1 13  ? -7.676  8.700   5.396   1.00 27.79 ? 103  ALA A C     1 
ATOM   95   O  O     . ALA A 1 13  ? -7.315  9.880   5.351   1.00 29.54 ? 103  ALA A O     1 
ATOM   96   C  CB    . ALA A 1 13  ? -7.302  7.253   7.455   1.00 23.87 ? 103  ALA A CB    1 
ATOM   97   N  N     . CYS A 1 14  ? -7.550  7.870   4.365   1.00 25.79 ? 104  CYS A N     1 
ATOM   98   C  CA    . CYS A 1 14  ? -6.974  8.322   3.105   1.00 29.31 ? 104  CYS A CA    1 
ATOM   99   C  C     . CYS A 1 14  ? -7.794  9.454   2.491   1.00 28.82 ? 104  CYS A C     1 
ATOM   100  O  O     . CYS A 1 14  ? -7.249  10.410  1.944   1.00 24.65 ? 104  CYS A O     1 
ATOM   101  C  CB    . CYS A 1 14  ? -6.835  7.154   2.127   1.00 26.61 ? 104  CYS A CB    1 
ATOM   102  S  SG    . CYS A 1 14  ? -5.452  6.023   2.533   1.00 28.50 ? 104  CYS A SG    1 
ATOM   103  N  N     . VAL A 1 15  ? -9.111  9.343   2.607   1.00 27.23 ? 105  VAL A N     1 
ATOM   104  C  CA    . VAL A 1 15  ? -10.014 10.337  2.048   1.00 27.45 ? 105  VAL A CA    1 
ATOM   105  C  C     . VAL A 1 15  ? -9.931  11.661  2.814   1.00 29.28 ? 105  VAL A C     1 
ATOM   106  O  O     . VAL A 1 15  ? -9.789  12.737  2.223   1.00 28.96 ? 105  VAL A O     1 
ATOM   107  C  CB    . VAL A 1 15  ? -11.462 9.784   1.999   1.00 31.70 ? 105  VAL A CB    1 
ATOM   108  C  CG1   . VAL A 1 15  ? -12.441 10.887  1.756   1.00 25.06 ? 105  VAL A CG1   1 
ATOM   109  C  CG2   . VAL A 1 15  ? -11.572 8.682   0.907   1.00 25.26 ? 105  VAL A CG2   1 
ATOM   110  N  N     . VAL A 1 16  ? -9.986  11.578  4.135   1.00 27.43 ? 106  VAL A N     1 
ATOM   111  C  CA    . VAL A 1 16  ? -9.784  12.756  4.970   1.00 30.06 ? 106  VAL A CA    1 
ATOM   112  C  C     . VAL A 1 16  ? -8.463  13.463  4.658   1.00 34.41 ? 106  VAL A C     1 
ATOM   113  O  O     . VAL A 1 16  ? -8.416  14.692  4.526   1.00 38.69 ? 106  VAL A O     1 
ATOM   114  C  CB    . VAL A 1 16  ? -9.848  12.395  6.454   1.00 32.66 ? 106  VAL A CB    1 
ATOM   115  C  CG1   . VAL A 1 16  ? -9.424  13.582  7.304   1.00 35.48 ? 106  VAL A CG1   1 
ATOM   116  C  CG2   . VAL A 1 16  ? -11.258 11.940  6.813   1.00 29.16 ? 106  VAL A CG2   1 
ATOM   117  N  N     . VAL A 1 17  ? -7.395  12.690  4.504   1.00 26.24 ? 107  VAL A N     1 
ATOM   118  C  CA    . VAL A 1 17  ? -6.102  13.287  4.224   1.00 28.93 ? 107  VAL A CA    1 
ATOM   119  C  C     . VAL A 1 17  ? -6.090  13.905  2.827   1.00 29.01 ? 107  VAL A C     1 
ATOM   120  O  O     . VAL A 1 17  ? -5.516  14.972  2.626   1.00 31.20 ? 107  VAL A O     1 
ATOM   121  C  CB    . VAL A 1 17  ? -4.936  12.261  4.414   1.00 32.94 ? 107  VAL A CB    1 
ATOM   122  C  CG1   . VAL A 1 17  ? -3.621  12.824  3.904   1.00 30.12 ? 107  VAL A CG1   1 
ATOM   123  C  CG2   . VAL A 1 17  ? -4.798  11.879  5.881   1.00 27.46 ? 107  VAL A CG2   1 
ATOM   124  N  N     . PHE A 1 18  ? -6.723  13.237  1.864   1.00 30.86 ? 108  PHE A N     1 
ATOM   125  C  CA    . PHE A 1 18  ? -6.781  13.748  0.495   1.00 30.47 ? 108  PHE A CA    1 
ATOM   126  C  C     . PHE A 1 18  ? -7.501  15.095  0.485   1.00 30.67 ? 108  PHE A C     1 
ATOM   127  O  O     . PHE A 1 18  ? -7.073  16.027  -0.188  1.00 34.13 ? 108  PHE A O     1 
ATOM   128  C  CB    . PHE A 1 18  ? -7.486  12.757  -0.442  1.00 29.29 ? 108  PHE A CB    1 
ATOM   129  C  CG    . PHE A 1 18  ? -7.399  13.127  -1.905  1.00 26.97 ? 108  PHE A CG    1 
ATOM   130  C  CD1   . PHE A 1 18  ? -6.196  13.020  -2.592  1.00 29.79 ? 108  PHE A CD1   1 
ATOM   131  C  CD2   . PHE A 1 18  ? -8.521  13.555  -2.595  1.00 33.67 ? 108  PHE A CD2   1 
ATOM   132  C  CE1   . PHE A 1 18  ? -6.103  13.344  -3.938  1.00 30.03 ? 108  PHE A CE1   1 
ATOM   133  C  CE2   . PHE A 1 18  ? -8.441  13.889  -3.951  1.00 30.29 ? 108  PHE A CE2   1 
ATOM   134  C  CZ    . PHE A 1 18  ? -7.227  13.776  -4.618  1.00 35.27 ? 108  PHE A CZ    1 
ATOM   135  N  N     . ILE A 1 19  ? -8.593  15.179  1.240   1.00 22.81 ? 109  ILE A N     1 
ATOM   136  C  CA    . ILE A 1 19  ? -9.322  16.434  1.436   1.00 33.81 ? 109  ILE A CA    1 
ATOM   137  C  C     . ILE A 1 19  ? -8.430  17.521  2.040   1.00 36.38 ? 109  ILE A C     1 
ATOM   138  O  O     . ILE A 1 19  ? -8.386  18.645  1.524   1.00 31.95 ? 109  ILE A O     1 
ATOM   139  C  CB    . ILE A 1 19  ? -10.546 16.228  2.364   1.00 34.46 ? 109  ILE A CB    1 
ATOM   140  C  CG1   . ILE A 1 19  ? -11.612 15.386  1.660   1.00 33.04 ? 109  ILE A CG1   1 
ATOM   141  C  CG2   . ILE A 1 19  ? -11.127 17.560  2.801   1.00 35.14 ? 109  ILE A CG2   1 
ATOM   142  C  CD1   . ILE A 1 19  ? -12.745 14.952  2.577   1.00 33.09 ? 109  ILE A CD1   1 
ATOM   143  N  N     . ALA A 1 20  ? -7.724  17.179  3.125   1.00 31.26 ? 110  ALA A N     1 
ATOM   144  C  CA    . ALA A 1 20  ? -6.785  18.107  3.778   1.00 32.39 ? 110  ALA A CA    1 
ATOM   145  C  C     . ALA A 1 20  ? -5.788  18.671  2.781   1.00 31.77 ? 110  ALA A C     1 
ATOM   146  O  O     . ALA A 1 20  ? -5.439  19.845  2.831   1.00 31.04 ? 110  ALA A O     1 
ATOM   147  C  CB    . ALA A 1 20  ? -6.047  17.421  4.942   1.00 29.47 ? 110  ALA A CB    1 
ATOM   148  N  N     . MET A 1 21  ? -5.350  17.816  1.863   1.00 31.08 ? 111  MET A N     1 
ATOM   149  C  CA    . MET A 1 21  ? -4.404  18.209  0.834   1.00 31.52 ? 111  MET A CA    1 
ATOM   150  C  C     . MET A 1 21  ? -5.014  19.170  -0.199  1.00 36.81 ? 111  MET A C     1 
ATOM   151  O  O     . MET A 1 21  ? -4.298  19.975  -0.798  1.00 35.56 ? 111  MET A O     1 
ATOM   152  C  CB    . MET A 1 21  ? -3.826  16.965  0.145   1.00 34.44 ? 111  MET A CB    1 
ATOM   153  C  CG    . MET A 1 21  ? -3.003  16.062  1.081   1.00 33.94 ? 111  MET A CG    1 
ATOM   154  S  SD    . MET A 1 21  ? -2.499  14.467  0.367   1.00 31.63 ? 111  MET A SD    1 
ATOM   155  C  CE    . MET A 1 21  ? -1.239  14.967  -0.793  1.00 25.94 ? 111  MET A CE    1 
ATOM   156  N  N     . GLN A 1 22  ? -6.325  19.080  -0.422  1.00 31.17 ? 112  GLN A N     1 
ATOM   157  C  CA    . GLN A 1 22  ? -6.974  19.997  -1.353  1.00 36.55 ? 112  GLN A CA    1 
ATOM   158  C  C     . GLN A 1 22  ? -7.138  21.367  -0.695  1.00 36.55 ? 112  GLN A C     1 
ATOM   159  O  O     . GLN A 1 22  ? -6.854  22.389  -1.309  1.00 36.97 ? 112  GLN A O     1 
ATOM   160  C  CB    . GLN A 1 22  ? -8.330  19.462  -1.841  1.00 35.56 ? 112  GLN A CB    1 
ATOM   161  C  CG    . GLN A 1 22  ? -8.295  18.073  -2.510  1.00 31.81 ? 112  GLN A CG    1 
ATOM   162  C  CD    . GLN A 1 22  ? -6.978  17.749  -3.205  1.00 35.18 ? 112  GLN A CD    1 
ATOM   163  O  OE1   . GLN A 1 22  ? -6.552  18.448  -4.126  1.00 39.76 ? 112  GLN A OE1   1 
ATOM   164  N  NE2   . GLN A 1 22  ? -6.327  16.676  -2.763  1.00 31.08 ? 112  GLN A NE2   1 
ATOM   165  N  N     . ILE A 1 23  ? -7.563  21.370  0.565   1.00 31.55 ? 113  ILE A N     1 
ATOM   166  C  CA    . ILE A 1 23  ? -7.739  22.607  1.327   1.00 39.71 ? 113  ILE A CA    1 
ATOM   167  C  C     . ILE A 1 23  ? -6.427  23.361  1.592   1.00 44.98 ? 113  ILE A C     1 
ATOM   168  O  O     . ILE A 1 23  ? -6.392  24.595  1.511   1.00 38.92 ? 113  ILE A O     1 
ATOM   169  C  CB    . ILE A 1 23  ? -8.457  22.342  2.677   1.00 39.02 ? 113  ILE A CB    1 
ATOM   170  C  CG1   . ILE A 1 23  ? -9.871  21.811  2.433   1.00 34.31 ? 113  ILE A CG1   1 
ATOM   171  C  CG2   . ILE A 1 23  ? -8.520  23.612  3.527   1.00 35.97 ? 113  ILE A CG2   1 
ATOM   172  C  CD1   . ILE A 1 23  ? -10.497 21.181  3.673   1.00 36.46 ? 113  ILE A CD1   1 
ATOM   173  N  N     . LEU A 1 24  ? -5.350  22.627  1.889   1.00 44.14 ? 114  LEU A N     1 
ATOM   174  C  CA    . LEU A 1 24  ? -4.090  23.257  2.305   1.00 33.83 ? 114  LEU A CA    1 
ATOM   175  C  C     . LEU A 1 24  ? -2.960  23.146  1.300   1.00 36.82 ? 114  LEU A C     1 
ATOM   176  O  O     . LEU A 1 24  ? -1.895  23.731  1.505   1.00 44.99 ? 114  LEU A O     1 
ATOM   177  C  CB    . LEU A 1 24  ? -3.606  22.678  3.632   1.00 37.39 ? 114  LEU A CB    1 
ATOM   178  C  CG    . LEU A 1 24  ? -4.580  22.521  4.797   1.00 41.51 ? 114  LEU A CG    1 
ATOM   179  C  CD1   . LEU A 1 24  ? -3.986  21.535  5.776   1.00 39.08 ? 114  LEU A CD1   1 
ATOM   180  C  CD2   . LEU A 1 24  ? -4.842  23.861  5.480   1.00 40.65 ? 114  LEU A CD2   1 
ATOM   181  N  N     . GLY A 1 25  ? -3.172  22.393  0.225   1.00 37.76 ? 115  GLY A N     1 
ATOM   182  C  CA    . GLY A 1 25  ? -2.101  22.090  -0.711  1.00 38.37 ? 115  GLY A CA    1 
ATOM   183  C  C     . GLY A 1 25  ? -1.312  20.871  -0.250  1.00 42.24 ? 115  GLY A C     1 
ATOM   184  O  O     . GLY A 1 25  ? -1.291  20.562  0.948   1.00 36.69 ? 115  GLY A O     1 
ATOM   185  N  N     . ASP A 1 26  ? -0.673  20.178  -1.197  1.00 39.79 ? 116  ASP A N     1 
ATOM   186  C  CA    . ASP A 1 26  ? 0.076   18.955  -0.887  1.00 42.42 ? 116  ASP A CA    1 
ATOM   187  C  C     . ASP A 1 26  ? 1.219   19.205  0.099   1.00 40.94 ? 116  ASP A C     1 
ATOM   188  O  O     . ASP A 1 26  ? 1.380   18.460  1.059   1.00 40.80 ? 116  ASP A O     1 
ATOM   189  C  CB    . ASP A 1 26  ? 0.668   18.320  -2.153  1.00 40.40 ? 116  ASP A CB    1 
ATOM   190  C  CG    . ASP A 1 26  ? -0.389  17.806  -3.120  1.00 41.26 ? 116  ASP A CG    1 
ATOM   191  O  OD1   . ASP A 1 26  ? -1.596  17.766  -2.785  1.00 32.38 ? 116  ASP A OD1   1 
ATOM   192  O  OD2   . ASP A 1 26  ? 0.015   17.416  -4.235  1.00 46.45 ? 116  ASP A OD2   1 
ATOM   193  N  N     . GLN A 1 27  ? 2.009   20.243  -0.169  1.00 40.51 ? 117  GLN A N     1 
ATOM   194  C  CA    . GLN A 1 27  ? 3.225   20.549  0.585   1.00 38.80 ? 117  GLN A CA    1 
ATOM   195  C  C     . GLN A 1 27  ? 2.993   20.669  2.084   1.00 38.23 ? 117  GLN A C     1 
ATOM   196  O  O     . GLN A 1 27  ? 3.740   20.110  2.886   1.00 40.32 ? 117  GLN A O     1 
ATOM   197  C  CB    . GLN A 1 27  ? 3.857   21.846  0.070   1.00 36.36 ? 117  GLN A CB    1 
ATOM   198  C  CG    . GLN A 1 27  ? 4.241   21.809  -1.409  1.00 44.17 ? 117  GLN A CG    1 
ATOM   199  C  CD    . GLN A 1 27  ? 3.169   22.378  -2.345  1.00 51.93 ? 117  GLN A CD    1 
ATOM   200  O  OE1   . GLN A 1 27  ? 1.970   22.393  -2.029  1.00 45.93 ? 117  GLN A OE1   1 
ATOM   201  N  NE2   . GLN A 1 27  ? 3.607   22.852  -3.509  1.00 59.56 ? 117  GLN A NE2   1 
ATOM   202  N  N     . GLU A 1 28  ? 1.946   21.395  2.449   1.00 36.36 ? 118  GLU A N     1 
ATOM   203  C  CA    . GLU A 1 28  ? 1.641   21.658  3.846   1.00 39.74 ? 118  GLU A CA    1 
ATOM   204  C  C     . GLU A 1 28  ? 1.240   20.382  4.576   1.00 40.66 ? 118  GLU A C     1 
ATOM   205  O  O     . GLU A 1 28  ? 1.600   20.186  5.737   1.00 41.64 ? 118  GLU A O     1 
ATOM   206  C  CB    . GLU A 1 28  ? 0.529   22.708  3.955   1.00 39.86 ? 118  GLU A CB    1 
ATOM   207  C  CG    . GLU A 1 28  ? 0.226   23.139  5.368   1.00 42.22 ? 118  GLU A CG    1 
ATOM   208  C  CD    . GLU A 1 28  ? 1.407   23.840  6.035   1.00 51.35 ? 118  GLU A CD    1 
ATOM   209  O  OE1   . GLU A 1 28  ? 2.191   24.532  5.334   1.00 39.88 ? 118  GLU A OE1   1 
ATOM   210  O  OE2   . GLU A 1 28  ? 1.547   23.684  7.269   1.00 54.59 ? 118  GLU A OE2   1 
ATOM   211  N  N     . VAL A 1 29  ? 0.484   19.517  3.903   1.00 36.47 ? 119  VAL A N     1 
ATOM   212  C  CA    . VAL A 1 29  ? 0.125   18.236  4.506   1.00 39.19 ? 119  VAL A CA    1 
ATOM   213  C  C     . VAL A 1 29  ? 1.367   17.329  4.614   1.00 36.31 ? 119  VAL A C     1 
ATOM   214  O  O     . VAL A 1 29  ? 1.541   16.612  5.597   1.00 30.43 ? 119  VAL A O     1 
ATOM   215  C  CB    . VAL A 1 29  ? -1.038  17.553  3.755   1.00 36.60 ? 119  VAL A CB    1 
ATOM   216  C  CG1   . VAL A 1 29  ? -1.162  16.078  4.146   1.00 32.76 ? 119  VAL A CG1   1 
ATOM   217  C  CG2   . VAL A 1 29  ? -2.345  18.294  4.028   1.00 30.45 ? 119  VAL A CG2   1 
ATOM   218  N  N     . MET A 1 30  ? 2.240   17.393  3.613   1.00 32.85 ? 120  MET A N     1 
ATOM   219  C  CA    . MET A 1 30  ? 3.483   16.640  3.650   1.00 36.93 ? 120  MET A CA    1 
ATOM   220  C  C     . MET A 1 30  ? 4.358   17.120  4.813   1.00 39.59 ? 120  MET A C     1 
ATOM   221  O  O     . MET A 1 30  ? 5.085   16.338  5.429   1.00 38.59 ? 120  MET A O     1 
ATOM   222  C  CB    . MET A 1 30  ? 4.232   16.770  2.327   1.00 34.30 ? 120  MET A CB    1 
ATOM   223  C  CG    . MET A 1 30  ? 3.624   15.970  1.199   1.00 38.75 ? 120  MET A CG    1 
ATOM   224  S  SD    . MET A 1 30  ? 4.778   15.682  -0.163  1.00 48.34 ? 120  MET A SD    1 
ATOM   225  C  CE    . MET A 1 30  ? 4.636   17.245  -1.024  1.00 46.25 ? 120  MET A CE    1 
ATOM   226  N  N     . LEU A 1 31  ? 4.265   18.406  5.122   1.00 39.74 ? 121  LEU A N     1 
ATOM   227  C  CA    . LEU A 1 31  ? 5.054   18.986  6.197   1.00 41.74 ? 121  LEU A CA    1 
ATOM   228  C  C     . LEU A 1 31  ? 4.792   18.225  7.498   1.00 40.67 ? 121  LEU A C     1 
ATOM   229  O  O     . LEU A 1 31  ? 5.707   17.977  8.281   1.00 38.24 ? 121  LEU A O     1 
ATOM   230  C  CB    . LEU A 1 31  ? 4.715   20.468  6.352   1.00 42.05 ? 121  LEU A CB    1 
ATOM   231  C  CG    . LEU A 1 31  ? 5.768   21.382  6.972   1.00 42.89 ? 121  LEU A CG    1 
ATOM   232  C  CD1   . LEU A 1 31  ? 7.043   21.363  6.154   1.00 37.40 ? 121  LEU A CD1   1 
ATOM   233  C  CD2   . LEU A 1 31  ? 5.215   22.801  7.093   1.00 44.17 ? 121  LEU A CD2   1 
ATOM   234  N  N     . TRP A 1 32  ? 3.544   17.810  7.690   1.00 37.70 ? 122  TRP A N     1 
ATOM   235  C  CA    . TRP A 1 32  ? 3.150   17.066  8.886   1.00 36.77 ? 122  TRP A CA    1 
ATOM   236  C  C     . TRP A 1 32  ? 3.231   15.535  8.793   1.00 38.29 ? 122  TRP A C     1 
ATOM   237  O  O     . TRP A 1 32  ? 3.356   14.871  9.822   1.00 38.34 ? 122  TRP A O     1 
ATOM   238  C  CB    . TRP A 1 32  ? 1.714   17.427  9.264   1.00 42.12 ? 122  TRP A CB    1 
ATOM   239  C  CG    . TRP A 1 32  ? 1.563   18.756  9.904   1.00 57.96 ? 122  TRP A CG    1 
ATOM   240  C  CD1   . TRP A 1 32  ? 1.860   19.974  9.358   1.00 58.18 ? 122  TRP A CD1   1 
ATOM   241  C  CD2   . TRP A 1 32  ? 1.048   19.016  11.215  1.00 65.15 ? 122  TRP A CD2   1 
ATOM   242  N  NE1   . TRP A 1 32  ? 1.571   20.975  10.257  1.00 70.94 ? 122  TRP A NE1   1 
ATOM   243  C  CE2   . TRP A 1 32  ? 1.067   20.413  11.403  1.00 70.60 ? 122  TRP A CE2   1 
ATOM   244  C  CE3   . TRP A 1 32  ? 0.573   18.201  12.250  1.00 68.23 ? 122  TRP A CE3   1 
ATOM   245  C  CZ2   . TRP A 1 32  ? 0.630   21.014  12.585  1.00 73.48 ? 122  TRP A CZ2   1 
ATOM   246  C  CZ3   . TRP A 1 32  ? 0.139   18.801  13.424  1.00 70.18 ? 122  TRP A CZ3   1 
ATOM   247  C  CH2   . TRP A 1 32  ? 0.171   20.193  13.580  1.00 68.60 ? 122  TRP A CH2   1 
ATOM   248  N  N     . LEU A 1 33  ? 3.126   14.962  7.592   1.00 31.78 ? 123  LEU A N     1 
ATOM   249  C  CA    . LEU A 1 33  ? 2.848   13.522  7.501   1.00 31.90 ? 123  LEU A CA    1 
ATOM   250  C  C     . LEU A 1 33  ? 3.934   12.727  6.813   1.00 27.49 ? 123  LEU A C     1 
ATOM   251  O  O     . LEU A 1 33  ? 3.979   11.501  6.923   1.00 28.59 ? 123  LEU A O     1 
ATOM   252  C  CB    . LEU A 1 33  ? 1.501   13.250  6.818   1.00 32.60 ? 123  LEU A CB    1 
ATOM   253  C  CG    . LEU A 1 33  ? 0.240   13.729  7.539   1.00 35.97 ? 123  LEU A CG    1 
ATOM   254  C  CD1   . LEU A 1 33  ? -1.021  13.211  6.821   1.00 31.99 ? 123  LEU A CD1   1 
ATOM   255  C  CD2   . LEU A 1 33  ? 0.245   13.302  8.994   1.00 25.71 ? 123  LEU A CD2   1 
ATOM   256  N  N     . ALA A 1 34  ? 4.797   13.436  6.098   1.00 25.89 ? 124  ALA A N     1 
ATOM   257  C  CA    . ALA A 1 34  ? 5.879   12.821  5.357   1.00 28.62 ? 124  ALA A CA    1 
ATOM   258  C  C     . ALA A 1 34  ? 6.897   12.141  6.273   1.00 30.40 ? 124  ALA A C     1 
ATOM   259  O  O     . ALA A 1 34  ? 7.061   12.515  7.439   1.00 28.98 ? 124  ALA A O     1 
ATOM   260  C  CB    . ALA A 1 34  ? 6.577   13.861  4.486   1.00 27.12 ? 124  ALA A CB    1 
ATOM   261  N  N     . TRP A 1 35  ? 7.563   11.138  5.717   1.00 25.55 ? 125  TRP A N     1 
ATOM   262  C  CA    . TRP A 1 35  ? 8.743   10.520  6.308   1.00 32.09 ? 125  TRP A CA    1 
ATOM   263  C  C     . TRP A 1 35  ? 9.674   11.635  6.800   1.00 33.34 ? 125  TRP A C     1 
ATOM   264  O  O     . TRP A 1 35  ? 9.819   12.643  6.108   1.00 32.28 ? 125  TRP A O     1 
ATOM   265  C  CB    . TRP A 1 35  ? 9.433   9.706   5.213   1.00 23.51 ? 125  TRP A CB    1 
ATOM   266  C  CG    . TRP A 1 35  ? 10.524  8.805   5.676   1.00 28.74 ? 125  TRP A CG    1 
ATOM   267  C  CD1   . TRP A 1 35  ? 11.836  9.143   5.906   1.00 25.06 ? 125  TRP A CD1   1 
ATOM   268  C  CD2   . TRP A 1 35  ? 10.419  7.399   5.945   1.00 23.19 ? 125  TRP A CD2   1 
ATOM   269  N  NE1   . TRP A 1 35  ? 12.543  8.029   6.301   1.00 23.06 ? 125  TRP A NE1   1 
ATOM   270  C  CE2   . TRP A 1 35  ? 11.694  6.953   6.347   1.00 25.46 ? 125  TRP A CE2   1 
ATOM   271  C  CE3   . TRP A 1 35  ? 9.368   6.481   5.902   1.00 26.47 ? 125  TRP A CE3   1 
ATOM   272  C  CZ2   . TRP A 1 35  ? 11.941  5.633   6.696   1.00 24.23 ? 125  TRP A CZ2   1 
ATOM   273  C  CZ3   . TRP A 1 35  ? 9.621   5.161   6.250   1.00 25.88 ? 125  TRP A CZ3   1 
ATOM   274  C  CH2   . TRP A 1 35  ? 10.891  4.751   6.636   1.00 22.44 ? 125  TRP A CH2   1 
ATOM   275  N  N     . PRO A 1 36  ? 10.299  11.465  7.985   1.00 31.05 ? 126  PRO A N     1 
ATOM   276  C  CA    . PRO A 1 36  ? 11.166  12.513  8.547   1.00 31.63 ? 126  PRO A CA    1 
ATOM   277  C  C     . PRO A 1 36  ? 12.145  13.050  7.511   1.00 34.77 ? 126  PRO A C     1 
ATOM   278  O  O     . PRO A 1 36  ? 12.949  12.287  6.969   1.00 36.32 ? 126  PRO A O     1 
ATOM   279  C  CB    . PRO A 1 36  ? 11.908  11.782  9.674   1.00 31.48 ? 126  PRO A CB    1 
ATOM   280  C  CG    . PRO A 1 36  ? 10.926  10.748  10.129  1.00 27.27 ? 126  PRO A CG    1 
ATOM   281  C  CD    . PRO A 1 36  ? 10.324  10.249  8.820   1.00 32.66 ? 126  PRO A CD    1 
ATOM   282  N  N     . PHE A 1 37  ? 12.048  14.342  7.213   1.00 35.24 ? 127  PHE A N     1 
ATOM   283  C  CA    . PHE A 1 37  ? 12.837  14.941  6.132   1.00 40.20 ? 127  PHE A CA    1 
ATOM   284  C  C     . PHE A 1 37  ? 13.905  15.861  6.707   1.00 43.94 ? 127  PHE A C     1 
ATOM   285  O  O     . PHE A 1 37  ? 14.618  16.554  5.981   1.00 44.36 ? 127  PHE A O     1 
ATOM   286  C  CB    . PHE A 1 37  ? 11.935  15.701  5.148   1.00 35.10 ? 127  PHE A CB    1 
ATOM   287  C  CG    . PHE A 1 37  ? 10.985  16.661  5.803   1.00 32.72 ? 127  PHE A CG    1 
ATOM   288  C  CD1   . PHE A 1 37  ? 11.387  17.952  6.115   1.00 33.73 ? 127  PHE A CD1   1 
ATOM   289  C  CD2   . PHE A 1 37  ? 9.690   16.276  6.103   1.00 34.09 ? 127  PHE A CD2   1 
ATOM   290  C  CE1   . PHE A 1 37  ? 10.516  18.842  6.709   1.00 34.88 ? 127  PHE A CE1   1 
ATOM   291  C  CE2   . PHE A 1 37  ? 8.807   17.161  6.702   1.00 38.52 ? 127  PHE A CE2   1 
ATOM   292  C  CZ    . PHE A 1 37  ? 9.216   18.448  7.000   1.00 36.67 ? 127  PHE A CZ    1 
ATOM   293  N  N     . ASP A 1 38  ? 13.991  15.850  8.029   1.00 42.18 ? 128  ASP A N     1 
ATOM   294  C  CA    . ASP A 1 38  ? 14.986  16.601  8.769   1.00 48.02 ? 128  ASP A CA    1 
ATOM   295  C  C     . ASP A 1 38  ? 15.297  15.784  10.023  1.00 48.77 ? 128  ASP A C     1 
ATOM   296  O  O     . ASP A 1 38  ? 14.398  15.155  10.592  1.00 43.94 ? 128  ASP A O     1 
ATOM   297  C  CB    . ASP A 1 38  ? 14.425  17.974  9.160   1.00 48.75 ? 128  ASP A CB    1 
ATOM   298  C  CG    . ASP A 1 38  ? 15.509  18.950  9.596   1.00 56.53 ? 128  ASP A CG    1 
ATOM   299  O  OD1   . ASP A 1 38  ? 16.522  19.077  8.866   1.00 52.06 ? 128  ASP A OD1   1 
ATOM   300  O  OD2   . ASP A 1 38  ? 15.344  19.584  10.666  1.00 56.39 ? 128  ASP A OD2   1 
ATOM   301  N  N     . PRO A 1 39  ? 16.570  15.780  10.452  1.00 49.66 ? 129  PRO A N     1 
ATOM   302  C  CA    . PRO A 1 39  ? 16.963  15.038  11.658  1.00 46.51 ? 129  PRO A CA    1 
ATOM   303  C  C     . PRO A 1 39  ? 16.214  15.494  12.915  1.00 46.08 ? 129  PRO A C     1 
ATOM   304  O  O     . PRO A 1 39  ? 16.044  14.704  13.844  1.00 44.34 ? 129  PRO A O     1 
ATOM   305  C  CB    . PRO A 1 39  ? 18.459  15.336  11.775  1.00 48.75 ? 129  PRO A CB    1 
ATOM   306  C  CG    . PRO A 1 39  ? 18.893  15.591  10.358  1.00 49.79 ? 129  PRO A CG    1 
ATOM   307  C  CD    . PRO A 1 39  ? 17.738  16.325  9.734   1.00 48.30 ? 129  PRO A CD    1 
ATOM   308  N  N     . THR A 1 40  ? 15.744  16.735  12.946  1.00 40.73 ? 130  THR A N     1 
ATOM   309  C  CA    . THR A 1 40  ? 14.945  17.186  14.084  1.00 40.21 ? 130  THR A CA    1 
ATOM   310  C  C     . THR A 1 40  ? 13.556  16.536  14.116  1.00 42.89 ? 130  THR A C     1 
ATOM   311  O  O     . THR A 1 40  ? 12.803  16.707  15.079  1.00 35.84 ? 130  THR A O     1 
ATOM   312  C  CB    . THR A 1 40  ? 14.789  18.721  14.109  1.00 53.12 ? 130  THR A CB    1 
ATOM   313  O  OG1   . THR A 1 40  ? 13.890  19.136  13.071  1.00 49.57 ? 130  THR A OG1   1 
ATOM   314  C  CG2   . THR A 1 40  ? 16.145  19.398  13.917  1.00 48.60 ? 130  THR A CG2   1 
ATOM   315  N  N     . LEU A 1 41  ? 13.224  15.783  13.069  1.00 38.90 ? 131  LEU A N     1 
ATOM   316  C  CA    . LEU A 1 41  ? 11.915  15.144  12.972  1.00 39.07 ? 131  LEU A CA    1 
ATOM   317  C  C     . LEU A 1 41  ? 11.987  13.633  13.213  1.00 35.20 ? 131  LEU A C     1 
ATOM   318  O  O     . LEU A 1 41  ? 10.958  12.959  13.291  1.00 34.80 ? 131  LEU A O     1 
ATOM   319  C  CB    . LEU A 1 41  ? 11.268  15.446  11.603  1.00 34.76 ? 131  LEU A CB    1 
ATOM   320  C  CG    . LEU A 1 41  ? 11.124  16.941  11.263  1.00 41.64 ? 131  LEU A CG    1 
ATOM   321  C  CD1   . LEU A 1 41  ? 10.635  17.172  9.839   1.00 35.46 ? 131  LEU A CD1   1 
ATOM   322  C  CD2   . LEU A 1 41  ? 10.215  17.666  12.260  1.00 35.62 ? 131  LEU A CD2   1 
ATOM   323  N  N     . LYS A 1 42  ? 13.197  13.103  13.348  1.00 34.66 ? 132  LYS A N     1 
ATOM   324  C  CA    . LYS A 1 42  ? 13.384  11.650  13.369  1.00 32.49 ? 132  LYS A CA    1 
ATOM   325  C  C     . LYS A 1 42  ? 12.633  10.925  14.500  1.00 28.75 ? 132  LYS A C     1 
ATOM   326  O  O     . LYS A 1 42  ? 12.418  9.717   14.430  1.00 31.50 ? 132  LYS A O     1 
ATOM   327  C  CB    . LYS A 1 42  ? 14.879  11.298  13.371  1.00 36.24 ? 132  LYS A CB    1 
ATOM   328  C  CG    . LYS A 1 42  ? 15.658  11.771  14.616  1.00 36.62 ? 132  LYS A CG    1 
ATOM   329  C  CD    . LYS A 1 42  ? 17.165  11.871  14.327  1.00 35.56 ? 132  LYS A CD    1 
ATOM   330  C  CE    . LYS A 1 42  ? 17.974  12.187  15.585  1.00 44.09 ? 132  LYS A CE    1 
ATOM   331  N  NZ    . LYS A 1 42  ? 17.933  13.628  15.969  1.00 50.23 ? 132  LYS A NZ    1 
ATOM   332  N  N     . PHE A 1 43  ? 12.219  11.660  15.529  1.00 31.29 ? 133  PHE A N     1 
ATOM   333  C  CA    . PHE A 1 43  ? 11.498  11.053  16.656  1.00 34.71 ? 133  PHE A CA    1 
ATOM   334  C  C     . PHE A 1 43  ? 9.995   11.327  16.612  1.00 34.00 ? 133  PHE A C     1 
ATOM   335  O  O     . PHE A 1 43  ? 9.290   11.106  17.591  1.00 32.66 ? 133  PHE A O     1 
ATOM   336  C  CB    . PHE A 1 43  ? 12.072  11.501  18.013  1.00 31.09 ? 133  PHE A CB    1 
ATOM   337  C  CG    . PHE A 1 43  ? 13.534  11.157  18.207  1.00 34.58 ? 133  PHE A CG    1 
ATOM   338  C  CD1   . PHE A 1 43  ? 14.054  9.954   17.741  1.00 31.60 ? 133  PHE A CD1   1 
ATOM   339  C  CD2   . PHE A 1 43  ? 14.388  12.041  18.857  1.00 32.48 ? 133  PHE A CD2   1 
ATOM   340  C  CE1   . PHE A 1 43  ? 15.402  9.638   17.923  1.00 34.22 ? 133  PHE A CE1   1 
ATOM   341  C  CE2   . PHE A 1 43  ? 15.740  11.730  19.048  1.00 37.80 ? 133  PHE A CE2   1 
ATOM   342  C  CZ    . PHE A 1 43  ? 16.248  10.533  18.573  1.00 37.07 ? 133  PHE A CZ    1 
ATOM   343  N  N     . GLU A 1 44  ? 9.501   11.815  15.483  1.00 34.03 ? 134  GLU A N     1 
ATOM   344  C  CA    . GLU A 1 44  ? 8.058   11.932  15.307  1.00 31.09 ? 134  GLU A CA    1 
ATOM   345  C  C     . GLU A 1 44  ? 7.601   10.664  14.594  1.00 33.31 ? 134  GLU A C     1 
ATOM   346  O  O     . GLU A 1 44  ? 7.572   10.583  13.363  1.00 31.97 ? 134  GLU A O     1 
ATOM   347  C  CB    . GLU A 1 44  ? 7.701   13.231  14.576  1.00 31.74 ? 134  GLU A CB    1 
ATOM   348  C  CG    . GLU A 1 44  ? 7.904   14.446  15.482  1.00 35.48 ? 134  GLU A CG    1 
ATOM   349  C  CD    . GLU A 1 44  ? 7.707   15.802  14.806  1.00 42.58 ? 134  GLU A CD    1 
ATOM   350  O  OE1   . GLU A 1 44  ? 7.489   15.869  13.573  1.00 38.41 ? 134  GLU A OE1   1 
ATOM   351  O  OE2   . GLU A 1 44  ? 7.783   16.819  15.533  1.00 45.06 ? 134  GLU A OE2   1 
ATOM   352  N  N     . PHE A 1 45  ? 7.272   9.662   15.403  1.00 29.47 ? 135  PHE A N     1 
ATOM   353  C  CA    . PHE A 1 45  ? 7.171   8.284   14.944  1.00 30.77 ? 135  PHE A CA    1 
ATOM   354  C  C     . PHE A 1 45  ? 6.011   7.966   14.012  1.00 37.04 ? 135  PHE A C     1 
ATOM   355  O  O     . PHE A 1 45  ? 6.042   6.932   13.334  1.00 29.89 ? 135  PHE A O     1 
ATOM   356  C  CB    . PHE A 1 45  ? 7.170   7.324   16.131  1.00 31.87 ? 135  PHE A CB    1 
ATOM   357  C  CG    . PHE A 1 45  ? 8.482   7.288   16.862  1.00 39.40 ? 135  PHE A CG    1 
ATOM   358  C  CD1   . PHE A 1 45  ? 9.480   6.414   16.465  1.00 31.00 ? 135  PHE A CD1   1 
ATOM   359  C  CD2   . PHE A 1 45  ? 8.728   8.147   17.934  1.00 32.63 ? 135  PHE A CD2   1 
ATOM   360  C  CE1   . PHE A 1 45  ? 10.696  6.378   17.128  1.00 32.73 ? 135  PHE A CE1   1 
ATOM   361  C  CE2   . PHE A 1 45  ? 9.940   8.119   18.594  1.00 33.41 ? 135  PHE A CE2   1 
ATOM   362  C  CZ    . PHE A 1 45  ? 10.930  7.235   18.189  1.00 33.26 ? 135  PHE A CZ    1 
ATOM   363  N  N     . TRP A 1 46  ? 4.999   8.833   13.974  1.00 27.24 ? 136  TRP A N     1 
ATOM   364  C  CA    . TRP A 1 46  ? 3.878   8.608   13.069  1.00 31.05 ? 136  TRP A CA    1 
ATOM   365  C  C     . TRP A 1 46  ? 4.377   8.679   11.622  1.00 31.05 ? 136  TRP A C     1 
ATOM   366  O  O     . TRP A 1 46  ? 3.855   7.988   10.755  1.00 30.03 ? 136  TRP A O     1 
ATOM   367  C  CB    . TRP A 1 46  ? 2.718   9.595   13.328  1.00 32.26 ? 136  TRP A CB    1 
ATOM   368  C  CG    . TRP A 1 46  ? 3.069   11.031  13.071  1.00 29.61 ? 136  TRP A CG    1 
ATOM   369  C  CD1   . TRP A 1 46  ? 3.057   11.675  11.868  1.00 27.39 ? 136  TRP A CD1   1 
ATOM   370  C  CD2   . TRP A 1 46  ? 3.510   11.996  14.039  1.00 31.52 ? 136  TRP A CD2   1 
ATOM   371  N  NE1   . TRP A 1 46  ? 3.454   12.983  12.027  1.00 32.47 ? 136  TRP A NE1   1 
ATOM   372  C  CE2   . TRP A 1 46  ? 3.735   13.206  13.349  1.00 31.71 ? 136  TRP A CE2   1 
ATOM   373  C  CE3   . TRP A 1 46  ? 3.740   11.951  15.423  1.00 32.72 ? 136  TRP A CE3   1 
ATOM   374  C  CZ2   . TRP A 1 46  ? 4.178   14.365  13.995  1.00 39.81 ? 136  TRP A CZ2   1 
ATOM   375  C  CZ3   . TRP A 1 46  ? 4.175   13.101  16.064  1.00 30.17 ? 136  TRP A CZ3   1 
ATOM   376  C  CH2   . TRP A 1 46  ? 4.394   14.292  15.348  1.00 33.05 ? 136  TRP A CH2   1 
ATOM   377  N  N     . ARG A 1 47  ? 5.418   9.484   11.391  1.00 26.62 ? 137  ARG A N     1 
ATOM   378  C  CA    . ARG A 1 47  ? 5.960   9.715   10.050  1.00 27.75 ? 137  ARG A CA    1 
ATOM   379  C  C     . ARG A 1 47  ? 6.454   8.459   9.329   1.00 33.01 ? 137  ARG A C     1 
ATOM   380  O  O     . ARG A 1 47  ? 6.443   8.409   8.095   1.00 28.01 ? 137  ARG A O     1 
ATOM   381  C  CB    . ARG A 1 47  ? 7.091   10.752  10.086  1.00 27.30 ? 137  ARG A CB    1 
ATOM   382  C  CG    . ARG A 1 47  ? 6.691   12.123  10.619  1.00 34.89 ? 137  ARG A CG    1 
ATOM   383  C  CD    . ARG A 1 47  ? 7.845   13.124  10.523  1.00 28.36 ? 137  ARG A CD    1 
ATOM   384  N  NE    . ARG A 1 47  ? 7.416   14.450  10.951  1.00 36.25 ? 137  ARG A NE    1 
ATOM   385  C  CZ    . ARG A 1 47  ? 6.880   15.361  10.146  1.00 36.73 ? 137  ARG A CZ    1 
ATOM   386  N  NH1   . ARG A 1 47  ? 6.695   15.096  8.857   1.00 31.52 ? 137  ARG A NH1   1 
ATOM   387  N  NH2   . ARG A 1 47  ? 6.522   16.539  10.634  1.00 38.41 ? 137  ARG A NH2   1 
ATOM   388  N  N     . TYR A 1 48  ? 6.900   7.452   10.077  1.00 29.18 ? 138  TYR A N     1 
ATOM   389  C  CA    . TYR A 1 48  ? 7.354   6.219   9.430   1.00 30.65 ? 138  TYR A CA    1 
ATOM   390  C  C     . TYR A 1 48  ? 6.194   5.445   8.766   1.00 28.85 ? 138  TYR A C     1 
ATOM   391  O  O     . TYR A 1 48  ? 6.422   4.521   7.985   1.00 25.75 ? 138  TYR A O     1 
ATOM   392  C  CB    . TYR A 1 48  ? 8.190   5.347   10.397  1.00 26.83 ? 138  TYR A CB    1 
ATOM   393  C  CG    . TYR A 1 48  ? 9.427   6.080   10.877  1.00 24.68 ? 138  TYR A CG    1 
ATOM   394  C  CD1   . TYR A 1 48  ? 10.501  6.298   10.027  1.00 22.77 ? 138  TYR A CD1   1 
ATOM   395  C  CD2   . TYR A 1 48  ? 9.489   6.615   12.167  1.00 25.09 ? 138  TYR A CD2   1 
ATOM   396  C  CE1   . TYR A 1 48  ? 11.629  7.014   10.460  1.00 30.02 ? 138  TYR A CE1   1 
ATOM   397  C  CE2   . TYR A 1 48  ? 10.598  7.325   12.602  1.00 22.21 ? 138  TYR A CE2   1 
ATOM   398  C  CZ    . TYR A 1 48  ? 11.662  7.520   11.754  1.00 25.73 ? 138  TYR A CZ    1 
ATOM   399  O  OH    . TYR A 1 48  ? 12.755  8.230   12.189  1.00 29.59 ? 138  TYR A OH    1 
ATOM   400  N  N     . PHE A 1 49  ? 4.958   5.847   9.067   1.00 27.61 ? 139  PHE A N     1 
ATOM   401  C  CA    . PHE A 1 49  ? 3.768   5.177   8.533   1.00 30.10 ? 139  PHE A CA    1 
ATOM   402  C  C     . PHE A 1 49  ? 2.843   6.105   7.747   1.00 29.45 ? 139  PHE A C     1 
ATOM   403  O  O     . PHE A 1 49  ? 2.271   5.698   6.733   1.00 30.35 ? 139  PHE A O     1 
ATOM   404  C  CB    . PHE A 1 49  ? 2.946   4.528   9.654   1.00 27.41 ? 139  PHE A CB    1 
ATOM   405  C  CG    . PHE A 1 49  ? 3.749   3.646   10.578  1.00 28.33 ? 139  PHE A CG    1 
ATOM   406  C  CD1   . PHE A 1 49  ? 4.346   4.173   11.718  1.00 26.87 ? 139  PHE A CD1   1 
ATOM   407  C  CD2   . PHE A 1 49  ? 3.891   2.289   10.313  1.00 26.43 ? 139  PHE A CD2   1 
ATOM   408  C  CE1   . PHE A 1 49  ? 5.078   3.354   12.579  1.00 29.78 ? 139  PHE A CE1   1 
ATOM   409  C  CE2   . PHE A 1 49  ? 4.607   1.471   11.157  1.00 26.31 ? 139  PHE A CE2   1 
ATOM   410  C  CZ    . PHE A 1 49  ? 5.209   1.997   12.293  1.00 24.75 ? 139  PHE A CZ    1 
ATOM   411  N  N     . THR A 1 50  ? 2.684   7.338   8.225   1.00 28.31 ? 140  THR A N     1 
ATOM   412  C  CA    . THR A 1 50  ? 1.630   8.227   7.734   1.00 27.95 ? 140  THR A CA    1 
ATOM   413  C  C     . THR A 1 50  ? 1.812   8.681   6.287   1.00 32.13 ? 140  THR A C     1 
ATOM   414  O  O     . THR A 1 50  ? 0.871   9.187   5.675   1.00 29.88 ? 140  THR A O     1 
ATOM   415  C  CB    . THR A 1 50  ? 1.423   9.466   8.640   1.00 26.79 ? 140  THR A CB    1 
ATOM   416  O  OG1   . THR A 1 50  ? 2.639   10.230  8.727   1.00 28.15 ? 140  THR A OG1   1 
ATOM   417  C  CG2   . THR A 1 50  ? 0.946   9.044   10.020  1.00 26.42 ? 140  THR A CG2   1 
ATOM   418  N  N     . HIS A 1 51  ? 3.012   8.500   5.745   1.00 27.28 ? 141  HIS A N     1 
ATOM   419  C  CA    . HIS A 1 51  ? 3.257   8.785   4.335   1.00 28.09 ? 141  HIS A CA    1 
ATOM   420  C  C     . HIS A 1 51  ? 2.314   7.967   3.442   1.00 31.39 ? 141  HIS A C     1 
ATOM   421  O  O     . HIS A 1 51  ? 1.944   8.401   2.353   1.00 26.99 ? 141  HIS A O     1 
ATOM   422  C  CB    . HIS A 1 51  ? 4.711   8.493   3.977   1.00 25.75 ? 141  HIS A CB    1 
ATOM   423  C  CG    . HIS A 1 51  ? 5.157   7.124   4.384   1.00 33.56 ? 141  HIS A CG    1 
ATOM   424  N  ND1   . HIS A 1 51  ? 5.013   6.020   3.568   1.00 27.18 ? 141  HIS A ND1   1 
ATOM   425  C  CD2   . HIS A 1 51  ? 5.705   6.671   5.536   1.00 28.87 ? 141  HIS A CD2   1 
ATOM   426  C  CE1   . HIS A 1 51  ? 5.463   4.950   4.196   1.00 24.80 ? 141  HIS A CE1   1 
ATOM   427  N  NE2   . HIS A 1 51  ? 5.891   5.318   5.392   1.00 28.42 ? 141  HIS A NE2   1 
ATOM   428  N  N     . ALA A 1 52  ? 1.896   6.799   3.922   1.00 28.26 ? 142  ALA A N     1 
ATOM   429  C  CA    . ALA A 1 52  ? 1.044   5.915   3.126   1.00 28.17 ? 142  ALA A CA    1 
ATOM   430  C  C     . ALA A 1 52  ? -0.365  6.487   2.914   1.00 31.59 ? 142  ALA A C     1 
ATOM   431  O  O     . ALA A 1 52  ? -1.113  6.014   2.051   1.00 28.89 ? 142  ALA A O     1 
ATOM   432  C  CB    . ALA A 1 52  ? 0.965   4.539   3.779   1.00 26.72 ? 142  ALA A CB    1 
ATOM   433  N  N     . LEU A 1 53  ? -0.710  7.505   3.706   1.00 28.02 ? 143  LEU A N     1 
ATOM   434  C  CA    . LEU A 1 53  ? -2.045  8.082   3.714   1.00 25.26 ? 143  LEU A CA    1 
ATOM   435  C  C     . LEU A 1 53  ? -2.230  9.192   2.678   1.00 27.88 ? 143  LEU A C     1 
ATOM   436  O  O     . LEU A 1 53  ? -3.342  9.643   2.457   1.00 26.68 ? 143  LEU A O     1 
ATOM   437  C  CB    . LEU A 1 53  ? -2.388  8.635   5.112   1.00 25.33 ? 143  LEU A CB    1 
ATOM   438  C  CG    . LEU A 1 53  ? -2.438  7.611   6.248   1.00 29.34 ? 143  LEU A CG    1 
ATOM   439  C  CD1   . LEU A 1 53  ? -2.782  8.297   7.565   1.00 30.09 ? 143  LEU A CD1   1 
ATOM   440  C  CD2   . LEU A 1 53  ? -3.431  6.505   5.945   1.00 27.16 ? 143  LEU A CD2   1 
ATOM   441  N  N     . MET A 1 54  ? -1.142  9.636   2.058   1.00 27.69 ? 144  MET A N     1 
ATOM   442  C  CA    . MET A 1 54  ? -1.200  10.782  1.172   1.00 28.43 ? 144  MET A CA    1 
ATOM   443  C  C     . MET A 1 54  ? -1.281  10.350  -0.278  1.00 30.70 ? 144  MET A C     1 
ATOM   444  O  O     . MET A 1 54  ? -0.534  9.490   -0.716  1.00 27.20 ? 144  MET A O     1 
ATOM   445  C  CB    . MET A 1 54  ? 0.016   11.693  1.379   1.00 27.51 ? 144  MET A CB    1 
ATOM   446  C  CG    . MET A 1 54  ? 0.005   12.464  2.706   1.00 25.78 ? 144  MET A CG    1 
ATOM   447  S  SD    . MET A 1 54  ? 1.427   13.553  2.830   1.00 28.26 ? 144  MET A SD    1 
ATOM   448  C  CE    . MET A 1 54  ? 2.765   12.363  2.934   1.00 32.11 ? 144  MET A CE    1 
ATOM   449  N  N     . HIS A 1 55  ? -2.203  10.947  -1.019  1.00 28.75 ? 145  HIS A N     1 
ATOM   450  C  CA    . HIS A 1 55  ? -2.279  10.694  -2.447  1.00 30.13 ? 145  HIS A CA    1 
ATOM   451  C  C     . HIS A 1 55  ? -2.293  12.015  -3.189  1.00 30.81 ? 145  HIS A C     1 
ATOM   452  O  O     . HIS A 1 55  ? -2.841  13.009  -2.695  1.00 27.08 ? 145  HIS A O     1 
ATOM   453  C  CB    . HIS A 1 55  ? -3.477  9.808   -2.800  1.00 26.27 ? 145  HIS A CB    1 
ATOM   454  C  CG    . HIS A 1 55  ? -3.358  8.420   -2.257  1.00 27.57 ? 145  HIS A CG    1 
ATOM   455  N  ND1   . HIS A 1 55  ? -3.783  8.079   -0.989  1.00 25.82 ? 145  HIS A ND1   1 
ATOM   456  C  CD2   . HIS A 1 55  ? -2.809  7.300   -2.787  1.00 27.28 ? 145  HIS A CD2   1 
ATOM   457  C  CE1   . HIS A 1 55  ? -3.535  6.798   -0.777  1.00 26.90 ? 145  HIS A CE1   1 
ATOM   458  N  NE2   . HIS A 1 55  ? -2.940  6.303   -1.848  1.00 26.80 ? 145  HIS A NE2   1 
ATOM   459  N  N     . PHE A 1 56  ? -1.680  12.004  -4.372  1.00 30.32 ? 146  PHE A N     1 
ATOM   460  C  CA    . PHE A 1 56  ? -1.346  13.227  -5.101  1.00 36.35 ? 146  PHE A CA    1 
ATOM   461  C  C     . PHE A 1 56  ? -2.214  13.503  -6.331  1.00 37.07 ? 146  PHE A C     1 
ATOM   462  O  O     . PHE A 1 56  ? -2.084  14.547  -6.971  1.00 33.68 ? 146  PHE A O     1 
ATOM   463  C  CB    . PHE A 1 56  ? 0.141   13.199  -5.454  1.00 28.69 ? 146  PHE A CB    1 
ATOM   464  C  CG    . PHE A 1 56  ? 1.016   13.026  -4.248  1.00 31.91 ? 146  PHE A CG    1 
ATOM   465  C  CD1   . PHE A 1 56  ? 1.295   14.108  -3.419  1.00 31.02 ? 146  PHE A CD1   1 
ATOM   466  C  CD2   . PHE A 1 56  ? 1.510   11.780  -3.907  1.00 32.87 ? 146  PHE A CD2   1 
ATOM   467  C  CE1   . PHE A 1 56  ? 2.071   13.956  -2.282  1.00 30.17 ? 146  PHE A CE1   1 
ATOM   468  C  CE2   . PHE A 1 56  ? 2.287   11.615  -2.771  1.00 32.94 ? 146  PHE A CE2   1 
ATOM   469  C  CZ    . PHE A 1 56  ? 2.572   12.709  -1.958  1.00 32.40 ? 146  PHE A CZ    1 
ATOM   470  N  N     . SER A 1 57  ? -3.108  12.574  -6.649  1.00 32.35 ? 147  SER A N     1 
ATOM   471  C  CA    . SER A 1 57  ? -4.063  12.787  -7.730  1.00 30.21 ? 147  SER A CA    1 
ATOM   472  C  C     . SER A 1 57  ? -5.284  11.899  -7.527  1.00 32.74 ? 147  SER A C     1 
ATOM   473  O  O     . SER A 1 57  ? -5.272  10.975  -6.708  1.00 34.05 ? 147  SER A O     1 
ATOM   474  C  CB    . SER A 1 57  ? -3.416  12.500  -9.092  1.00 33.86 ? 147  SER A CB    1 
ATOM   475  O  OG    . SER A 1 57  ? -3.037  11.126  -9.210  1.00 36.39 ? 147  SER A OG    1 
ATOM   476  N  N     . LEU A 1 58  ? -6.333  12.180  -8.286  1.00 33.81 ? 148  LEU A N     1 
ATOM   477  C  CA    . LEU A 1 58  ? -7.541  11.370  -8.267  1.00 31.49 ? 148  LEU A CA    1 
ATOM   478  C  C     . LEU A 1 58  ? -7.265  9.909   -8.636  1.00 30.28 ? 148  LEU A C     1 
ATOM   479  O  O     . LEU A 1 58  ? -7.683  8.997   -7.932  1.00 30.99 ? 148  LEU A O     1 
ATOM   480  C  CB    . LEU A 1 58  ? -8.569  11.968  -9.227  1.00 33.63 ? 148  LEU A CB    1 
ATOM   481  C  CG    . LEU A 1 58  ? -9.308  13.133  -8.597  1.00 37.53 ? 148  LEU A CG    1 
ATOM   482  C  CD1   . LEU A 1 58  ? -10.142 13.854  -9.634  1.00 34.96 ? 148  LEU A CD1   1 
ATOM   483  C  CD2   . LEU A 1 58  ? -10.165 12.609  -7.444  1.00 35.43 ? 148  LEU A CD2   1 
ATOM   484  N  N     . MET A 1 59  ? -6.570  9.706   -9.749  1.00 29.90 ? 149  MET A N     1 
ATOM   485  C  CA    . MET A 1 59  ? -6.168  8.370   -10.197 1.00 33.68 ? 149  MET A CA    1 
ATOM   486  C  C     . MET A 1 59  ? -5.456  7.579   -9.101  1.00 32.52 ? 149  MET A C     1 
ATOM   487  O  O     . MET A 1 59  ? -5.803  6.425   -8.834  1.00 29.90 ? 149  MET A O     1 
ATOM   488  C  CB    . MET A 1 59  ? -5.238  8.493   -11.397 1.00 30.11 ? 149  MET A CB    1 
ATOM   489  C  CG    . MET A 1 59  ? -5.926  8.997   -12.629 1.00 46.40 ? 149  MET A CG    1 
ATOM   490  S  SD    . MET A 1 59  ? -6.720  7.669   -13.534 1.00 53.66 ? 149  MET A SD    1 
ATOM   491  C  CE    . MET A 1 59  ? -5.282  6.758   -14.092 1.00 41.72 ? 149  MET A CE    1 
ATOM   492  N  N     . HIS A 1 60  ? -4.463  8.219   -8.483  1.00 31.31 ? 150  HIS A N     1 
ATOM   493  C  CA    . HIS A 1 60  ? -3.647  7.613   -7.437  1.00 30.76 ? 150  HIS A CA    1 
ATOM   494  C  C     . HIS A 1 60  ? -4.564  7.017   -6.377  1.00 27.72 ? 150  HIS A C     1 
ATOM   495  O  O     . HIS A 1 60  ? -4.564  5.806   -6.136  1.00 23.00 ? 150  HIS A O     1 
ATOM   496  C  CB    . HIS A 1 60  ? -2.734  8.696   -6.824  1.00 33.71 ? 150  HIS A CB    1 
ATOM   497  C  CG    . HIS A 1 60  ? -1.602  8.160   -5.998  1.00 34.24 ? 150  HIS A CG    1 
ATOM   498  N  ND1   . HIS A 1 60  ? -0.807  8.972   -5.209  1.00 29.63 ? 150  HIS A ND1   1 
ATOM   499  C  CD2   . HIS A 1 60  ? -1.121  6.902   -5.845  1.00 33.20 ? 150  HIS A CD2   1 
ATOM   500  C  CE1   . HIS A 1 60  ? 0.103   8.233   -4.600  1.00 32.27 ? 150  HIS A CE1   1 
ATOM   501  N  NE2   . HIS A 1 60  ? -0.063  6.974   -4.968  1.00 29.15 ? 150  HIS A NE2   1 
ATOM   502  N  N     . ILE A 1 61  ? -5.379  7.878   -5.778  1.00 24.48 ? 151  ILE A N     1 
ATOM   503  C  CA    . ILE A 1 61  ? -6.257  7.452   -4.705  1.00 24.81 ? 151  ILE A CA    1 
ATOM   504  C  C     . ILE A 1 61  ? -7.371  6.505   -5.159  1.00 26.76 ? 151  ILE A C     1 
ATOM   505  O  O     . ILE A 1 61  ? -7.654  5.526   -4.468  1.00 25.21 ? 151  ILE A O     1 
ATOM   506  C  CB    . ILE A 1 61  ? -6.817  8.651   -3.879  1.00 26.70 ? 151  ILE A CB    1 
ATOM   507  C  CG1   . ILE A 1 61  ? -7.379  8.153   -2.542  1.00 25.87 ? 151  ILE A CG1   1 
ATOM   508  C  CG2   . ILE A 1 61  ? -7.845  9.474   -4.689  1.00 30.10 ? 151  ILE A CG2   1 
ATOM   509  C  CD1   . ILE A 1 61  ? -7.913  9.255   -1.624  1.00 23.19 ? 151  ILE A CD1   1 
ATOM   510  N  N     . LEU A 1 62  ? -7.981  6.771   -6.319  1.00 27.71 ? 152  LEU A N     1 
ATOM   511  C  CA    . LEU A 1 62  ? -9.049  5.907   -6.824  1.00 24.68 ? 152  LEU A CA    1 
ATOM   512  C  C     . LEU A 1 62  ? -8.513  4.499   -7.050  1.00 24.64 ? 152  LEU A C     1 
ATOM   513  O  O     . LEU A 1 62  ? -9.100  3.517   -6.600  1.00 23.95 ? 152  LEU A O     1 
ATOM   514  C  CB    . LEU A 1 62  ? -9.646  6.453   -8.128  1.00 31.82 ? 152  LEU A CB    1 
ATOM   515  C  CG    . LEU A 1 62  ? -10.608 7.641   -8.009  1.00 34.68 ? 152  LEU A CG    1 
ATOM   516  C  CD1   . LEU A 1 62  ? -10.897 8.253   -9.379  1.00 33.45 ? 152  LEU A CD1   1 
ATOM   517  C  CD2   . LEU A 1 62  ? -11.894 7.215   -7.345  1.00 31.40 ? 152  LEU A CD2   1 
ATOM   518  N  N     . PHE A 1 63  ? -7.382  4.393   -7.728  1.00 22.72 ? 153  PHE A N     1 
ATOM   519  C  CA    . PHE A 1 63  ? -6.844  3.067   -7.987  1.00 28.24 ? 153  PHE A CA    1 
ATOM   520  C  C     . PHE A 1 63  ? -6.282  2.379   -6.750  1.00 23.88 ? 153  PHE A C     1 
ATOM   521  O  O     . PHE A 1 63  ? -6.554  1.193   -6.538  1.00 26.25 ? 153  PHE A O     1 
ATOM   522  C  CB    . PHE A 1 63  ? -5.877  3.050   -9.172  1.00 27.05 ? 153  PHE A CB    1 
ATOM   523  C  CG    . PHE A 1 63  ? -6.582  2.989   -10.500 1.00 35.23 ? 153  PHE A CG    1 
ATOM   524  C  CD1   . PHE A 1 63  ? -6.933  1.768   -11.058 1.00 37.12 ? 153  PHE A CD1   1 
ATOM   525  C  CD2   . PHE A 1 63  ? -6.935  4.153   -11.171 1.00 34.64 ? 153  PHE A CD2   1 
ATOM   526  C  CE1   . PHE A 1 63  ? -7.607  1.702   -12.275 1.00 37.16 ? 153  PHE A CE1   1 
ATOM   527  C  CE2   . PHE A 1 63  ? -7.602  4.095   -12.391 1.00 40.34 ? 153  PHE A CE2   1 
ATOM   528  C  CZ    . PHE A 1 63  ? -7.938  2.861   -12.942 1.00 36.15 ? 153  PHE A CZ    1 
ATOM   529  N  N     . ASN A 1 64  ? -5.546  3.110   -5.916  1.00 21.36 ? 154  ASN A N     1 
ATOM   530  C  CA    . ASN A 1 64  ? -5.026  2.492   -4.694  1.00 26.72 ? 154  ASN A CA    1 
ATOM   531  C  C     . ASN A 1 64  ? -6.143  1.994   -3.792  1.00 24.02 ? 154  ASN A C     1 
ATOM   532  O  O     . ASN A 1 64  ? -6.110  0.853   -3.337  1.00 23.33 ? 154  ASN A O     1 
ATOM   533  C  CB    . ASN A 1 64  ? -4.043  3.407   -3.950  1.00 25.26 ? 154  ASN A CB    1 
ATOM   534  C  CG    . ASN A 1 64  ? -2.646  3.335   -4.539  1.00 28.54 ? 154  ASN A CG    1 
ATOM   535  O  OD1   . ASN A 1 64  ? -2.417  2.609   -5.509  1.00 23.98 ? 154  ASN A OD1   1 
ATOM   536  N  ND2   . ASN A 1 64  ? -1.708  4.081   -3.965  1.00 29.97 ? 154  ASN A ND2   1 
ATOM   537  N  N     . LEU A 1 65  ? -7.159  2.824   -3.581  1.00 25.21 ? 155  LEU A N     1 
ATOM   538  C  CA    . LEU A 1 65  ? -8.244  2.455   -2.680  1.00 23.88 ? 155  LEU A CA    1 
ATOM   539  C  C     . LEU A 1 65  ? -9.099  1.326   -3.228  1.00 27.12 ? 155  LEU A C     1 
ATOM   540  O  O     . LEU A 1 65  ? -9.634  0.528   -2.464  1.00 25.78 ? 155  LEU A O     1 
ATOM   541  C  CB    . LEU A 1 65  ? -9.116  3.663   -2.324  1.00 24.07 ? 155  LEU A CB    1 
ATOM   542  C  CG    . LEU A 1 65  ? -8.475  4.602   -1.304  1.00 26.61 ? 155  LEU A CG    1 
ATOM   543  C  CD1   . LEU A 1 65  ? -9.533  5.472   -0.622  1.00 25.25 ? 155  LEU A CD1   1 
ATOM   544  C  CD2   . LEU A 1 65  ? -7.646  3.818   -0.280  1.00 21.56 ? 155  LEU A CD2   1 
ATOM   545  N  N     . LEU A 1 66  ? -9.228  1.262   -4.547  1.00 23.26 ? 156  LEU A N     1 
ATOM   546  C  CA    . LEU A 1 66  ? -9.953  0.172   -5.179  1.00 26.69 ? 156  LEU A CA    1 
ATOM   547  C  C     . LEU A 1 66  ? -9.267  -1.162  -4.901  1.00 28.80 ? 156  LEU A C     1 
ATOM   548  O  O     . LEU A 1 66  ? -9.902  -2.129  -4.484  1.00 26.38 ? 156  LEU A O     1 
ATOM   549  C  CB    . LEU A 1 66  ? -10.039 0.380   -6.694  1.00 27.87 ? 156  LEU A CB    1 
ATOM   550  C  CG    . LEU A 1 66  ? -10.797 -0.758  -7.385  1.00 35.23 ? 156  LEU A CG    1 
ATOM   551  C  CD1   . LEU A 1 66  ? -12.275 -0.627  -7.118  1.00 31.88 ? 156  LEU A CD1   1 
ATOM   552  C  CD2   . LEU A 1 66  ? -10.527 -0.822  -8.880  1.00 36.54 ? 156  LEU A CD2   1 
ATOM   553  N  N     . TRP A 1 67  ? -7.966  -1.218  -5.151  1.00 25.91 ? 157  TRP A N     1 
ATOM   554  C  CA    . TRP A 1 67  ? -7.212  -2.433  -4.862  1.00 26.47 ? 157  TRP A CA    1 
ATOM   555  C  C     . TRP A 1 67  ? -7.132  -2.739  -3.366  1.00 26.54 ? 157  TRP A C     1 
ATOM   556  O  O     . TRP A 1 67  ? -7.258  -3.894  -2.956  1.00 24.75 ? 157  TRP A O     1 
ATOM   557  C  CB    . TRP A 1 67  ? -5.826  -2.363  -5.488  1.00 28.54 ? 157  TRP A CB    1 
ATOM   558  C  CG    . TRP A 1 67  ? -5.845  -2.628  -6.968  1.00 33.59 ? 157  TRP A CG    1 
ATOM   559  C  CD1   . TRP A 1 67  ? -5.892  -1.698  -7.971  1.00 33.36 ? 157  TRP A CD1   1 
ATOM   560  C  CD2   . TRP A 1 67  ? -5.827  -3.915  -7.613  1.00 31.95 ? 157  TRP A CD2   1 
ATOM   561  N  NE1   . TRP A 1 67  ? -5.881  -2.329  -9.197  1.00 35.03 ? 157  TRP A NE1   1 
ATOM   562  C  CE2   . TRP A 1 67  ? -5.846  -3.687  -9.005  1.00 33.02 ? 157  TRP A CE2   1 
ATOM   563  C  CE3   . TRP A 1 67  ? -5.793  -5.234  -7.147  1.00 29.75 ? 157  TRP A CE3   1 
ATOM   564  C  CZ2   . TRP A 1 67  ? -5.828  -4.730  -9.935  1.00 35.42 ? 157  TRP A CZ2   1 
ATOM   565  C  CZ3   . TRP A 1 67  ? -5.766  -6.271  -8.072  1.00 33.57 ? 157  TRP A CZ3   1 
ATOM   566  C  CH2   . TRP A 1 67  ? -5.784  -6.015  -9.449  1.00 32.18 ? 157  TRP A CH2   1 
ATOM   567  N  N     . TRP A 1 68  ? -6.961  -1.705  -2.548  1.00 28.10 ? 158  TRP A N     1 
ATOM   568  C  CA    . TRP A 1 68  ? -6.963  -1.893  -1.101  1.00 24.90 ? 158  TRP A CA    1 
ATOM   569  C  C     . TRP A 1 68  ? -8.303  -2.466  -0.644  1.00 28.88 ? 158  TRP A C     1 
ATOM   570  O  O     . TRP A 1 68  ? -8.343  -3.367  0.199   1.00 25.47 ? 158  TRP A O     1 
ATOM   571  C  CB    . TRP A 1 68  ? -6.688  -0.568  -0.369  1.00 27.10 ? 158  TRP A CB    1 
ATOM   572  C  CG    . TRP A 1 68  ? -7.051  -0.635  1.085   1.00 24.20 ? 158  TRP A CG    1 
ATOM   573  C  CD1   . TRP A 1 68  ? -8.244  -0.297  1.648   1.00 29.73 ? 158  TRP A CD1   1 
ATOM   574  C  CD2   . TRP A 1 68  ? -6.215  -1.087  2.156   1.00 21.10 ? 158  TRP A CD2   1 
ATOM   575  N  NE1   . TRP A 1 68  ? -8.207  -0.513  3.007   1.00 31.36 ? 158  TRP A NE1   1 
ATOM   576  C  CE2   . TRP A 1 68  ? -6.969  -0.997  3.343   1.00 30.89 ? 158  TRP A CE2   1 
ATOM   577  C  CE3   . TRP A 1 68  ? -4.893  -1.559  2.226   1.00 22.60 ? 158  TRP A CE3   1 
ATOM   578  C  CZ2   . TRP A 1 68  ? -6.444  -1.355  4.594   1.00 25.22 ? 158  TRP A CZ2   1 
ATOM   579  C  CZ3   . TRP A 1 68  ? -4.381  -1.927  3.455   1.00 19.24 ? 158  TRP A CZ3   1 
ATOM   580  C  CH2   . TRP A 1 68  ? -5.156  -1.818  4.626   1.00 24.98 ? 158  TRP A CH2   1 
ATOM   581  N  N     . TRP A 1 69  ? -9.393  -1.926  -1.199  1.00 28.01 ? 159  TRP A N     1 
ATOM   582  C  CA    A TRP A 1 69  ? -10.763 -2.331  -0.855  0.42 26.58 ? 159  TRP A CA    1 
ATOM   583  C  CA    B TRP A 1 69  ? -10.731 -2.349  -0.800  0.58 26.70 ? 159  TRP A CA    1 
ATOM   584  C  C     . TRP A 1 69  ? -10.965 -3.815  -1.113  1.00 25.79 ? 159  TRP A C     1 
ATOM   585  O  O     . TRP A 1 69  ? -11.537 -4.527  -0.299  1.00 27.22 ? 159  TRP A O     1 
ATOM   586  C  CB    A TRP A 1 69  ? -11.780 -1.521  -1.687  0.42 27.55 ? 159  TRP A CB    1 
ATOM   587  C  CB    B TRP A 1 69  ? -11.809 -1.494  -1.475  0.58 27.56 ? 159  TRP A CB    1 
ATOM   588  C  CG    A TRP A 1 69  ? -13.251 -1.897  -1.520  0.42 29.40 ? 159  TRP A CG    1 
ATOM   589  C  CG    B TRP A 1 69  ? -13.197 -2.059  -1.343  0.58 29.33 ? 159  TRP A CG    1 
ATOM   590  C  CD1   A TRP A 1 69  ? -13.813 -2.594  -0.490  0.42 29.33 ? 159  TRP A CD1   1 
ATOM   591  C  CD1   B TRP A 1 69  ? -14.048 -1.913  -0.284  0.58 29.21 ? 159  TRP A CD1   1 
ATOM   592  C  CD2   A TRP A 1 69  ? -14.331 -1.576  -2.419  0.42 30.51 ? 159  TRP A CD2   1 
ATOM   593  C  CD2   B TRP A 1 69  ? -13.896 -2.852  -2.313  0.58 28.34 ? 159  TRP A CD2   1 
ATOM   594  N  NE1   A TRP A 1 69  ? -15.169 -2.732  -0.691  0.42 30.78 ? 159  TRP A NE1   1 
ATOM   595  N  NE1   B TRP A 1 69  ? -15.232 -2.568  -0.535  0.58 30.90 ? 159  TRP A NE1   1 
ATOM   596  C  CE2   A TRP A 1 69  ? -15.511 -2.117  -1.867  0.42 31.17 ? 159  TRP A CE2   1 
ATOM   597  C  CE2   B TRP A 1 69  ? -15.163 -3.152  -1.773  0.58 28.96 ? 159  TRP A CE2   1 
ATOM   598  C  CE3   A TRP A 1 69  ? -14.412 -0.885  -3.635  0.42 31.01 ? 159  TRP A CE3   1 
ATOM   599  C  CE3   B TRP A 1 69  ? -13.574 -3.337  -3.585  0.58 32.62 ? 159  TRP A CE3   1 
ATOM   600  C  CZ2   A TRP A 1 69  ? -16.759 -1.986  -2.487  0.42 32.48 ? 159  TRP A CZ2   1 
ATOM   601  C  CZ2   B TRP A 1 69  ? -16.105 -3.917  -2.461  0.58 33.40 ? 159  TRP A CZ2   1 
ATOM   602  C  CZ3   A TRP A 1 69  ? -15.654 -0.756  -4.251  0.42 32.91 ? 159  TRP A CZ3   1 
ATOM   603  C  CZ3   B TRP A 1 69  ? -14.516 -4.101  -4.270  0.58 30.22 ? 159  TRP A CZ3   1 
ATOM   604  C  CH2   A TRP A 1 69  ? -16.809 -1.307  -3.676  0.42 30.67 ? 159  TRP A CH2   1 
ATOM   605  C  CH2   B TRP A 1 69  ? -15.761 -4.383  -3.705  0.58 32.30 ? 159  TRP A CH2   1 
ATOM   606  N  N     . TYR A 1 70  ? -10.515 -4.253  -2.286  1.00 23.60 ? 160  TYR A N     1 
ATOM   607  C  CA    . TYR A 1 70  ? -10.721 -5.621  -2.734  1.00 27.75 ? 160  TYR A CA    1 
ATOM   608  C  C     . TYR A 1 70  ? -9.756  -6.621  -2.091  1.00 28.40 ? 160  TYR A C     1 
ATOM   609  O  O     . TYR A 1 70  ? -10.182 -7.628  -1.550  1.00 30.63 ? 160  TYR A O     1 
ATOM   610  C  CB    . TYR A 1 70  ? -10.618 -5.718  -4.273  1.00 29.28 ? 160  TYR A CB    1 
ATOM   611  C  CG    . TYR A 1 70  ? -10.837 -7.128  -4.785  1.00 39.17 ? 160  TYR A CG    1 
ATOM   612  C  CD1   . TYR A 1 70  ? -12.119 -7.612  -5.042  1.00 44.30 ? 160  TYR A CD1   1 
ATOM   613  C  CD2   . TYR A 1 70  ? -9.767  -7.986  -4.986  1.00 39.45 ? 160  TYR A CD2   1 
ATOM   614  C  CE1   . TYR A 1 70  ? -12.320 -8.915  -5.500  1.00 42.06 ? 160  TYR A CE1   1 
ATOM   615  C  CE2   . TYR A 1 70  ? -9.959  -9.282  -5.430  1.00 44.25 ? 160  TYR A CE2   1 
ATOM   616  C  CZ    . TYR A 1 70  ? -11.233 -9.743  -5.687  1.00 43.96 ? 160  TYR A CZ    1 
ATOM   617  O  OH    . TYR A 1 70  ? -11.401 -11.039 -6.132  1.00 48.71 ? 160  TYR A OH    1 
ATOM   618  N  N     . LEU A 1 71  ? -8.453  -6.360  -2.184  1.00 29.53 ? 161  LEU A N     1 
ATOM   619  C  CA    . LEU A 1 71  ? -7.460  -7.272  -1.609  1.00 28.28 ? 161  LEU A CA    1 
ATOM   620  C  C     . LEU A 1 71  ? -7.432  -7.185  -0.085  1.00 27.60 ? 161  LEU A C     1 
ATOM   621  O  O     . LEU A 1 71  ? -7.485  -8.200  0.602   1.00 27.14 ? 161  LEU A O     1 
ATOM   622  C  CB    . LEU A 1 71  ? -6.073  -6.978  -2.172  1.00 24.17 ? 161  LEU A CB    1 
ATOM   623  C  CG    . LEU A 1 71  ? -5.935  -7.107  -3.685  1.00 32.02 ? 161  LEU A CG    1 
ATOM   624  C  CD1   . LEU A 1 71  ? -4.552  -6.670  -4.122  1.00 27.69 ? 161  LEU A CD1   1 
ATOM   625  C  CD2   . LEU A 1 71  ? -6.242  -8.541  -4.142  1.00 28.36 ? 161  LEU A CD2   1 
ATOM   626  N  N     . GLY A 1 72  ? -7.341  -5.969  0.438   1.00 25.17 ? 162  GLY A N     1 
ATOM   627  C  CA    . GLY A 1 72  ? -7.349  -5.767  1.880   1.00 26.35 ? 162  GLY A CA    1 
ATOM   628  C  C     . GLY A 1 72  ? -8.636  -6.285  2.489   1.00 32.59 ? 162  GLY A C     1 
ATOM   629  O  O     . GLY A 1 72  ? -8.629  -6.890  3.567   1.00 27.48 ? 162  GLY A O     1 
ATOM   630  N  N     . GLY A 1 73  ? -9.742  -6.073  1.777   1.00 30.49 ? 163  GLY A N     1 
ATOM   631  C  CA    . GLY A 1 73  ? -11.048 -6.485  2.252   1.00 23.86 ? 163  GLY A CA    1 
ATOM   632  C  C     . GLY A 1 73  ? -11.192 -7.988  2.329   1.00 30.24 ? 163  GLY A C     1 
ATOM   633  O  O     . GLY A 1 73  ? -11.734 -8.516  3.296   1.00 32.58 ? 163  GLY A O     1 
ATOM   634  N  N     . ALA A 1 74  ? -10.703 -8.681  1.304   1.00 28.87 ? 164  ALA A N     1 
ATOM   635  C  CA    . ALA A 1 74  ? -10.706 -10.140 1.301   1.00 36.81 ? 164  ALA A CA    1 
ATOM   636  C  C     . ALA A 1 74  ? -9.799  -10.714 2.421   1.00 31.38 ? 164  ALA A C     1 
ATOM   637  O  O     . ALA A 1 74  ? -10.213 -11.588 3.180   1.00 33.18 ? 164  ALA A O     1 
ATOM   638  C  CB    . ALA A 1 74  ? -10.279 -10.668 -0.072  1.00 26.38 ? 164  ALA A CB    1 
ATOM   639  N  N     . VAL A 1 75  ? -8.570  -10.225 2.514   1.00 27.53 ? 165  VAL A N     1 
ATOM   640  C  CA    . VAL A 1 75  ? -7.670  -10.649 3.589   1.00 29.73 ? 165  VAL A CA    1 
ATOM   641  C  C     . VAL A 1 75  ? -8.294  -10.454 4.977   1.00 31.57 ? 165  VAL A C     1 
ATOM   642  O  O     . VAL A 1 75  ? -8.272  -11.369 5.804   1.00 30.82 ? 165  VAL A O     1 
ATOM   643  C  CB    . VAL A 1 75  ? -6.301  -9.945  3.516   1.00 30.21 ? 165  VAL A CB    1 
ATOM   644  C  CG1   . VAL A 1 75  ? -5.487  -10.202 4.811   1.00 28.54 ? 165  VAL A CG1   1 
ATOM   645  C  CG2   . VAL A 1 75  ? -5.526  -10.420 2.286   1.00 21.39 ? 165  VAL A CG2   1 
ATOM   646  N  N     . GLU A 1 76  ? -8.878  -9.281  5.214   1.00 27.43 ? 166  GLU A N     1 
ATOM   647  C  CA    . GLU A 1 76  ? -9.535  -9.003  6.485   1.00 27.73 ? 166  GLU A CA    1 
ATOM   648  C  C     . GLU A 1 76  ? -10.668 -9.995  6.768   1.00 36.87 ? 166  GLU A C     1 
ATOM   649  O  O     . GLU A 1 76  ? -10.748 -10.559 7.865   1.00 35.04 ? 166  GLU A O     1 
ATOM   650  C  CB    . GLU A 1 76  ? -10.054 -7.554  6.558   1.00 31.55 ? 166  GLU A CB    1 
ATOM   651  C  CG    . GLU A 1 76  ? -10.707 -7.211  7.901   1.00 28.39 ? 166  GLU A CG    1 
ATOM   652  C  CD    . GLU A 1 76  ? -10.755 -5.713  8.202   1.00 33.89 ? 166  GLU A CD    1 
ATOM   653  O  OE1   . GLU A 1 76  ? -10.887 -4.904  7.255   1.00 31.30 ? 166  GLU A OE1   1 
ATOM   654  O  OE2   . GLU A 1 76  ? -10.663 -5.340  9.397   1.00 31.75 ? 166  GLU A OE2   1 
ATOM   655  N  N     . LYS A 1 77  ? -11.529 -10.224 5.778   1.00 36.07 ? 167  LYS A N     1 
ATOM   656  C  CA    . LYS A 1 77  ? -12.670 -11.116 5.955   1.00 34.91 ? 167  LYS A CA    1 
ATOM   657  C  C     . LYS A 1 77  ? -12.287 -12.579 6.197   1.00 33.72 ? 167  LYS A C     1 
ATOM   658  O  O     . LYS A 1 77  ? -12.843 -13.221 7.078   1.00 37.73 ? 167  LYS A O     1 
ATOM   659  C  CB    . LYS A 1 77  ? -13.645 -11.031 4.772   1.00 36.12 ? 167  LYS A CB    1 
ATOM   660  C  CG    . LYS A 1 77  ? -14.889 -11.882 4.992   1.00 44.96 ? 167  LYS A CG    1 
ATOM   661  C  CD    . LYS A 1 77  ? -15.967 -11.657 3.946   1.00 60.80 ? 167  LYS A CD    1 
ATOM   662  C  CE    . LYS A 1 77  ? -17.265 -12.346 4.363   1.00 65.35 ? 167  LYS A CE    1 
ATOM   663  N  NZ    . LYS A 1 77  ? -18.366 -12.173 3.368   1.00 67.30 ? 167  LYS A NZ    1 
ATOM   664  N  N     . ARG A 1 78  ? -11.346 -13.093 5.412   1.00 32.62 ? 168  ARG A N     1 
ATOM   665  C  CA    . ARG A 1 78  ? -10.981 -14.511 5.466   1.00 40.53 ? 168  ARG A CA    1 
ATOM   666  C  C     . ARG A 1 78  ? -9.860  -14.845 6.451   1.00 40.67 ? 168  ARG A C     1 
ATOM   667  O  O     . ARG A 1 78  ? -9.792  -15.968 6.950   1.00 40.67 ? 168  ARG A O     1 
ATOM   668  C  CB    . ARG A 1 78  ? -10.569 -15.008 4.081   1.00 33.14 ? 168  ARG A CB    1 
ATOM   669  C  CG    . ARG A 1 78  ? -11.655 -14.875 3.038   1.00 47.91 ? 168  ARG A CG    1 
ATOM   670  C  CD    . ARG A 1 78  ? -11.075 -15.036 1.648   1.00 53.51 ? 168  ARG A CD    1 
ATOM   671  N  NE    . ARG A 1 78  ? -12.055 -14.776 0.601   1.00 60.40 ? 168  ARG A NE    1 
ATOM   672  C  CZ    . ARG A 1 78  ? -12.794 -15.722 0.032   1.00 71.42 ? 168  ARG A CZ    1 
ATOM   673  N  NH1   . ARG A 1 78  ? -12.659 -16.987 0.414   1.00 66.40 ? 168  ARG A NH1   1 
ATOM   674  N  NH2   . ARG A 1 78  ? -13.665 -15.405 -0.917  1.00 76.66 ? 168  ARG A NH2   1 
ATOM   675  N  N     . LEU A 1 79  ? -8.978  -13.882 6.717   1.00 33.91 ? 169  LEU A N     1 
ATOM   676  C  CA    . LEU A 1 79  ? -7.779  -14.147 7.513   1.00 33.00 ? 169  LEU A CA    1 
ATOM   677  C  C     . LEU A 1 79  ? -7.704  -13.308 8.793   1.00 35.56 ? 169  LEU A C     1 
ATOM   678  O  O     . LEU A 1 79  ? -6.897  -13.589 9.675   1.00 34.26 ? 169  LEU A O     1 
ATOM   679  C  CB    . LEU A 1 79  ? -6.523  -13.960 6.658   1.00 32.17 ? 169  LEU A CB    1 
ATOM   680  C  CG    . LEU A 1 79  ? -6.482  -14.830 5.396   1.00 32.68 ? 169  LEU A CG    1 
ATOM   681  C  CD1   . LEU A 1 79  ? -5.207  -14.587 4.559   1.00 26.55 ? 169  LEU A CD1   1 
ATOM   682  C  CD2   . LEU A 1 79  ? -6.596  -16.288 5.799   1.00 35.65 ? 169  LEU A CD2   1 
ATOM   683  N  N     . GLY A 1 80  ? -8.549  -12.283 8.887   1.00 33.33 ? 170  GLY A N     1 
ATOM   684  C  CA    . GLY A 1 80  ? -8.669  -11.486 10.094  1.00 26.23 ? 170  GLY A CA    1 
ATOM   685  C  C     . GLY A 1 80  ? -8.034  -10.112 9.982   1.00 30.96 ? 170  GLY A C     1 
ATOM   686  O  O     . GLY A 1 80  ? -7.130  -9.910  9.174   1.00 28.28 ? 170  GLY A O     1 
ATOM   687  N  N     . SER A 1 81  ? -8.519  -9.174  10.795  1.00 28.60 ? 171  SER A N     1 
ATOM   688  C  CA    . SER A 1 81  ? -7.970  -7.818  10.862  1.00 33.05 ? 171  SER A CA    1 
ATOM   689  C  C     . SER A 1 81  ? -6.476  -7.754  11.234  1.00 31.15 ? 171  SER A C     1 
ATOM   690  O  O     . SER A 1 81  ? -5.718  -6.943  10.680  1.00 30.60 ? 171  SER A O     1 
ATOM   691  C  CB    . SER A 1 81  ? -8.770  -6.983  11.867  1.00 30.18 ? 171  SER A CB    1 
ATOM   692  O  OG    . SER A 1 81  ? -10.120 -6.882  11.466  1.00 36.46 ? 171  SER A OG    1 
ATOM   693  N  N     . GLY A 1 82  ? -6.068  -8.585  12.190  1.00 30.22 ? 172  GLY A N     1 
ATOM   694  C  CA    . GLY A 1 82  ? -4.683  -8.644  12.635  1.00 28.17 ? 172  GLY A CA    1 
ATOM   695  C  C     . GLY A 1 82  ? -3.725  -8.871  11.487  1.00 25.75 ? 172  GLY A C     1 
ATOM   696  O  O     . GLY A 1 82  ? -2.732  -8.157  11.334  1.00 26.81 ? 172  GLY A O     1 
ATOM   697  N  N     . LYS A 1 83  ? -4.044  -9.855  10.659  1.00 27.57 ? 173  LYS A N     1 
ATOM   698  C  CA    . LYS A 1 83  ? -3.262  -10.135 9.464   1.00 24.12 ? 173  LYS A CA    1 
ATOM   699  C  C     . LYS A 1 83  ? -3.102  -8.903  8.563   1.00 30.17 ? 173  LYS A C     1 
ATOM   700  O  O     . LYS A 1 83  ? -1.984  -8.578  8.137   1.00 29.05 ? 173  LYS A O     1 
ATOM   701  C  CB    . LYS A 1 83  ? -3.909  -11.268 8.661   1.00 26.61 ? 173  LYS A CB    1 
ATOM   702  C  CG    . LYS A 1 83  ? -3.178  -11.581 7.353   1.00 29.22 ? 173  LYS A CG    1 
ATOM   703  C  CD    . LYS A 1 83  ? -2.157  -12.680 7.554   1.00 29.76 ? 173  LYS A CD    1 
ATOM   704  C  CE    . LYS A 1 83  ? -2.854  -13.984 7.951   1.00 32.37 ? 173  LYS A CE    1 
ATOM   705  N  NZ    . LYS A 1 83  ? -1.898  -15.030 8.385   1.00 26.23 ? 173  LYS A NZ    1 
ATOM   706  N  N     . LEU A 1 84  ? -4.215  -8.226  8.263   1.00 23.50 ? 174  LEU A N     1 
ATOM   707  C  CA    . LEU A 1 84  ? -4.169  -7.047  7.387   1.00 22.37 ? 174  LEU A CA    1 
ATOM   708  C  C     . LEU A 1 84  ? -3.333  -5.943  8.014   1.00 24.08 ? 174  LEU A C     1 
ATOM   709  O  O     . LEU A 1 84  ? -2.588  -5.265  7.323   1.00 24.65 ? 174  LEU A O     1 
ATOM   710  C  CB    . LEU A 1 84  ? -5.580  -6.521  7.080   1.00 24.51 ? 174  LEU A CB    1 
ATOM   711  C  CG    . LEU A 1 84  ? -5.742  -5.315  6.139   1.00 29.05 ? 174  LEU A CG    1 
ATOM   712  C  CD1   . LEU A 1 84  ? -5.001  -5.548  4.814   1.00 20.92 ? 174  LEU A CD1   1 
ATOM   713  C  CD2   . LEU A 1 84  ? -7.248  -4.987  5.894   1.00 24.70 ? 174  LEU A CD2   1 
ATOM   714  N  N     . ILE A 1 85  ? -3.472  -5.757  9.326   1.00 24.32 ? 175  ILE A N     1 
ATOM   715  C  CA    . ILE A 1 85  ? -2.714  -4.726  10.035  1.00 22.76 ? 175  ILE A CA    1 
ATOM   716  C  C     . ILE A 1 85  ? -1.216  -4.961  9.887   1.00 25.73 ? 175  ILE A C     1 
ATOM   717  O  O     . ILE A 1 85  ? -0.455  -4.040  9.562   1.00 25.42 ? 175  ILE A O     1 
ATOM   718  C  CB    . ILE A 1 85  ? -3.099  -4.654  11.538  1.00 25.39 ? 175  ILE A CB    1 
ATOM   719  C  CG1   . ILE A 1 85  ? -4.467  -3.981  11.713  1.00 27.92 ? 175  ILE A CG1   1 
ATOM   720  C  CG2   . ILE A 1 85  ? -2.043  -3.898  12.324  1.00 24.68 ? 175  ILE A CG2   1 
ATOM   721  C  CD1   . ILE A 1 85  ? -5.155  -4.297  13.040  1.00 24.34 ? 175  ILE A CD1   1 
ATOM   722  N  N     . VAL A 1 86  ? -0.791  -6.203  10.076  1.00 23.39 ? 176  VAL A N     1 
ATOM   723  C  CA    . VAL A 1 86  ? 0.645   -6.492  10.039  1.00 25.81 ? 176  VAL A CA    1 
ATOM   724  C  C     . VAL A 1 86  ? 1.214   -6.355  8.627   1.00 25.31 ? 176  VAL A C     1 
ATOM   725  O  O     . VAL A 1 86  ? 2.298   -5.786  8.442   1.00 24.67 ? 176  VAL A O     1 
ATOM   726  C  CB    . VAL A 1 86  ? 0.980   -7.868  10.699  1.00 25.27 ? 176  VAL A CB    1 
ATOM   727  C  CG1   . VAL A 1 86  ? 2.475   -8.199  10.579  1.00 26.74 ? 176  VAL A CG1   1 
ATOM   728  C  CG2   . VAL A 1 86  ? 0.553   -7.857  12.180  1.00 23.58 ? 176  VAL A CG2   1 
ATOM   729  N  N     . ILE A 1 87  ? 0.482   -6.849  7.631   1.00 27.17 ? 177  ILE A N     1 
ATOM   730  C  CA    . ILE A 1 87  ? 0.910   -6.695  6.237   1.00 28.32 ? 177  ILE A CA    1 
ATOM   731  C  C     . ILE A 1 87  ? 1.083   -5.214  5.903   1.00 23.63 ? 177  ILE A C     1 
ATOM   732  O  O     . ILE A 1 87  ? 2.062   -4.801  5.275   1.00 23.63 ? 177  ILE A O     1 
ATOM   733  C  CB    . ILE A 1 87  ? -0.103  -7.316  5.251   1.00 27.02 ? 177  ILE A CB    1 
ATOM   734  C  CG1   . ILE A 1 87  ? -0.174  -8.840  5.434   1.00 32.40 ? 177  ILE A CG1   1 
ATOM   735  C  CG2   . ILE A 1 87  ? 0.280   -6.970  3.821   1.00 28.17 ? 177  ILE A CG2   1 
ATOM   736  C  CD1   . ILE A 1 87  ? -1.114  -9.571  4.464   1.00 32.17 ? 177  ILE A CD1   1 
ATOM   737  N  N     . THR A 1 88  ? 0.122   -4.418  6.352   1.00 21.09 ? 178  THR A N     1 
ATOM   738  C  CA    . THR A 1 88  ? 0.114   -2.987  6.108   1.00 22.11 ? 178  THR A CA    1 
ATOM   739  C  C     . THR A 1 88  ? 1.288   -2.273  6.788   1.00 21.70 ? 178  THR A C     1 
ATOM   740  O  O     . THR A 1 88  ? 1.984   -1.468  6.161   1.00 21.17 ? 178  THR A O     1 
ATOM   741  C  CB    . THR A 1 88  ? -1.221  -2.369  6.596   1.00 22.87 ? 178  THR A CB    1 
ATOM   742  O  OG1   . THR A 1 88  ? -2.313  -2.960  5.878   1.00 22.99 ? 178  THR A OG1   1 
ATOM   743  C  CG2   . THR A 1 88  ? -1.232  -0.855  6.410   1.00 20.29 ? 178  THR A CG2   1 
ATOM   744  N  N     . LEU A 1 89  ? 1.504   -2.556  8.071   1.00 21.65 ? 179  LEU A N     1 
ATOM   745  C  CA    . LEU A 1 89  ? 2.570   -1.873  8.813   1.00 22.64 ? 179  LEU A CA    1 
ATOM   746  C  C     . LEU A 1 89  ? 3.940   -2.198  8.240   1.00 20.30 ? 179  LEU A C     1 
ATOM   747  O  O     . LEU A 1 89  ? 4.756   -1.305  8.019   1.00 21.05 ? 179  LEU A O     1 
ATOM   748  C  CB    . LEU A 1 89  ? 2.527   -2.219  10.307  1.00 24.12 ? 179  LEU A CB    1 
ATOM   749  C  CG    . LEU A 1 89  ? 1.251   -1.809  11.051  1.00 27.07 ? 179  LEU A CG    1 
ATOM   750  C  CD1   . LEU A 1 89  ? 1.284   -2.275  12.509  1.00 26.22 ? 179  LEU A CD1   1 
ATOM   751  C  CD2   . LEU A 1 89  ? 1.010   -0.287  10.945  1.00 24.96 ? 179  LEU A CD2   1 
ATOM   752  N  N     . ILE A 1 90  ? 4.184   -3.478  7.979   1.00 21.92 ? 180  ILE A N     1 
ATOM   753  C  CA    . ILE A 1 90  ? 5.489   -3.901  7.486   1.00 23.16 ? 180  ILE A CA    1 
ATOM   754  C  C     . ILE A 1 90  ? 5.771   -3.374  6.082   1.00 24.23 ? 180  ILE A C     1 
ATOM   755  O  O     . ILE A 1 90  ? 6.862   -2.845  5.817   1.00 22.41 ? 180  ILE A O     1 
ATOM   756  C  CB    . ILE A 1 90  ? 5.644   -5.439  7.497   1.00 25.28 ? 180  ILE A CB    1 
ATOM   757  C  CG1   . ILE A 1 90  ? 5.474   -5.973  8.920   1.00 25.54 ? 180  ILE A CG1   1 
ATOM   758  C  CG2   . ILE A 1 90  ? 7.000   -5.850  6.893   1.00 18.67 ? 180  ILE A CG2   1 
ATOM   759  C  CD1   . ILE A 1 90  ? 5.715   -7.477  9.048   1.00 29.65 ? 180  ILE A CD1   1 
ATOM   760  N  N     . SER A 1 91  ? 4.794   -3.514  5.184   1.00 21.61 ? 181  SER A N     1 
ATOM   761  C  CA    . SER A 1 91  ? 4.985   -3.039  3.814   1.00 23.15 ? 181  SER A CA    1 
ATOM   762  C  C     . SER A 1 91  ? 5.123   -1.522  3.768   1.00 23.56 ? 181  SER A C     1 
ATOM   763  O  O     . SER A 1 91  ? 5.951   -1.006  3.026   1.00 22.95 ? 181  SER A O     1 
ATOM   764  C  CB    . SER A 1 91  ? 3.870   -3.514  2.868   1.00 23.23 ? 181  SER A CB    1 
ATOM   765  O  OG    . SER A 1 91  ? 2.594   -3.025  3.249   1.00 22.49 ? 181  SER A OG    1 
ATOM   766  N  N     . ALA A 1 92  ? 4.336   -0.807  4.574   1.00 20.12 ? 182  ALA A N     1 
ATOM   767  C  CA    . ALA A 1 92  ? 4.441   0.650   4.574   1.00 20.50 ? 182  ALA A CA    1 
ATOM   768  C  C     . ALA A 1 92  ? 5.841   1.073   5.042   1.00 26.84 ? 182  ALA A C     1 
ATOM   769  O  O     . ALA A 1 92  ? 6.489   1.914   4.403   1.00 26.54 ? 182  ALA A O     1 
ATOM   770  C  CB    . ALA A 1 92  ? 3.341   1.293   5.432   1.00 20.22 ? 182  ALA A CB    1 
ATOM   771  N  N     . LEU A 1 93  ? 6.315   0.474   6.135   1.00 23.92 ? 183  LEU A N     1 
ATOM   772  C  CA    . LEU A 1 93  ? 7.660   0.761   6.649   1.00 24.35 ? 183  LEU A CA    1 
ATOM   773  C  C     . LEU A 1 93  ? 8.754   0.453   5.638   1.00 24.37 ? 183  LEU A C     1 
ATOM   774  O  O     . LEU A 1 93  ? 9.594   1.303   5.355   1.00 22.82 ? 183  LEU A O     1 
ATOM   775  C  CB    . LEU A 1 93  ? 7.942   -0.009  7.945   1.00 25.24 ? 183  LEU A CB    1 
ATOM   776  C  CG    . LEU A 1 93  ? 7.344   0.617   9.209   1.00 30.62 ? 183  LEU A CG    1 
ATOM   777  C  CD1   . LEU A 1 93  ? 7.347   -0.379  10.360  1.00 27.91 ? 183  LEU A CD1   1 
ATOM   778  C  CD2   . LEU A 1 93  ? 8.117   1.888   9.580   1.00 25.80 ? 183  LEU A CD2   1 
ATOM   779  N  N     . LEU A 1 94  ? 8.747   -0.755  5.082   1.00 21.27 ? 184  LEU A N     1 
ATOM   780  C  CA    . LEU A 1 94  ? 9.861   -1.138  4.209   1.00 26.35 ? 184  LEU A CA    1 
ATOM   781  C  C     . LEU A 1 94  ? 9.843   -0.388  2.866   1.00 25.40 ? 184  LEU A C     1 
ATOM   782  O  O     . LEU A 1 94  ? 10.887  0.071   2.395   1.00 22.89 ? 184  LEU A O     1 
ATOM   783  C  CB    . LEU A 1 94  ? 9.936   -2.664  4.005   1.00 20.12 ? 184  LEU A CB    1 
ATOM   784  C  CG    . LEU A 1 94  ? 11.145  -3.137  3.185   1.00 29.75 ? 184  LEU A CG    1 
ATOM   785  C  CD1   . LEU A 1 94  ? 12.470  -2.920  3.952   1.00 24.62 ? 184  LEU A CD1   1 
ATOM   786  C  CD2   . LEU A 1 94  ? 11.004  -4.590  2.723   1.00 25.86 ? 184  LEU A CD2   1 
ATOM   787  N  N     . SER A 1 95  ? 8.665   -0.240  2.259   1.00 21.15 ? 185  SER A N     1 
ATOM   788  C  CA    . SER A 1 95  ? 8.590   0.474   0.978   1.00 24.26 ? 185  SER A CA    1 
ATOM   789  C  C     . SER A 1 95  ? 8.917   1.966   1.182   1.00 24.72 ? 185  SER A C     1 
ATOM   790  O  O     . SER A 1 95  ? 9.576   2.579   0.353   1.00 24.96 ? 185  SER A O     1 
ATOM   791  C  CB    . SER A 1 95  ? 7.229   0.271   0.270   1.00 24.39 ? 185  SER A CB    1 
ATOM   792  O  OG    . SER A 1 95  ? 6.160   0.928   0.951   1.00 24.19 ? 185  SER A OG    1 
ATOM   793  N  N     . GLY A 1 96  ? 8.471   2.538   2.299   1.00 25.46 ? 186  GLY A N     1 
ATOM   794  C  CA    . GLY A 1 96  ? 8.853   3.898   2.642   1.00 25.49 ? 186  GLY A CA    1 
ATOM   795  C  C     . GLY A 1 96  ? 10.361  4.028   2.822   1.00 27.37 ? 186  GLY A C     1 
ATOM   796  O  O     . GLY A 1 96  ? 10.988  4.957   2.310   1.00 24.48 ? 186  GLY A O     1 
ATOM   797  N  N     . TYR A 1 97  ? 10.943  3.089   3.560   1.00 25.46 ? 187  TYR A N     1 
ATOM   798  C  CA    . TYR A 1 97  ? 12.375  3.092   3.764   1.00 25.46 ? 187  TYR A CA    1 
ATOM   799  C  C     . TYR A 1 97  ? 13.115  3.088   2.426   1.00 27.67 ? 187  TYR A C     1 
ATOM   800  O  O     . TYR A 1 97  ? 14.003  3.916   2.192   1.00 26.63 ? 187  TYR A O     1 
ATOM   801  C  CB    . TYR A 1 97  ? 12.853  1.888   4.586   1.00 24.05 ? 187  TYR A CB    1 
ATOM   802  C  CG    . TYR A 1 97  ? 14.356  1.929   4.701   1.00 28.96 ? 187  TYR A CG    1 
ATOM   803  C  CD1   . TYR A 1 97  ? 14.968  2.800   5.602   1.00 27.59 ? 187  TYR A CD1   1 
ATOM   804  C  CD2   . TYR A 1 97  ? 15.164  1.164   3.871   1.00 26.11 ? 187  TYR A CD2   1 
ATOM   805  C  CE1   . TYR A 1 97  ? 16.332  2.889   5.693   1.00 25.57 ? 187  TYR A CE1   1 
ATOM   806  C  CE2   . TYR A 1 97  ? 16.547  1.240   3.957   1.00 30.53 ? 187  TYR A CE2   1 
ATOM   807  C  CZ    . TYR A 1 97  ? 17.121  2.105   4.873   1.00 34.89 ? 187  TYR A CZ    1 
ATOM   808  O  OH    . TYR A 1 97  ? 18.489  2.204   4.971   1.00 36.65 ? 187  TYR A OH    1 
ATOM   809  N  N     . VAL A 1 98  ? 12.758  2.141   1.567   1.00 22.79 ? 188  VAL A N     1 
ATOM   810  C  CA    . VAL A 1 98  ? 13.449  1.979   0.288   1.00 27.64 ? 188  VAL A CA    1 
ATOM   811  C  C     . VAL A 1 98  ? 13.270  3.224   -0.571  1.00 28.77 ? 188  VAL A C     1 
ATOM   812  O  O     . VAL A 1 98  ? 14.231  3.723   -1.163  1.00 26.71 ? 188  VAL A O     1 
ATOM   813  C  CB    . VAL A 1 98  ? 12.962  0.725   -0.468  1.00 29.04 ? 188  VAL A CB    1 
ATOM   814  C  CG1   . VAL A 1 98  ? 13.503  0.709   -1.892  1.00 25.23 ? 188  VAL A CG1   1 
ATOM   815  C  CG2   . VAL A 1 98  ? 13.375  -0.527  0.289   1.00 23.73 ? 188  VAL A CG2   1 
ATOM   816  N  N     . GLN A 1 99  ? 12.041  3.736   -0.604  1.00 25.28 ? 189  GLN A N     1 
ATOM   817  C  CA    . GLN A 1 99  ? 11.747  4.965   -1.326  1.00 25.66 ? 189  GLN A CA    1 
ATOM   818  C  C     . GLN A 1 99  ? 12.604  6.142   -0.875  1.00 30.47 ? 189  GLN A C     1 
ATOM   819  O  O     . GLN A 1 99  ? 13.222  6.801   -1.713  1.00 30.79 ? 189  GLN A O     1 
ATOM   820  C  CB    . GLN A 1 99  ? 10.268  5.345   -1.207  1.00 28.32 ? 189  GLN A CB    1 
ATOM   821  C  CG    . GLN A 1 99  ? 9.909   6.635   -1.940  1.00 27.73 ? 189  GLN A CG    1 
ATOM   822  C  CD    . GLN A 1 99  ? 10.095  6.518   -3.453  1.00 35.28 ? 189  GLN A CD    1 
ATOM   823  O  OE1   . GLN A 1 99  ? 10.033  5.422   -4.010  1.00 32.96 ? 189  GLN A OE1   1 
ATOM   824  N  NE2   . GLN A 1 99  ? 10.335  7.648   -4.117  1.00 33.10 ? 189  GLN A NE2   1 
ATOM   825  N  N     . GLN A 1 100 ? 12.637  6.432   0.429   1.00 30.06 ? 190  GLN A N     1 
ATOM   826  C  CA    . GLN A 1 100 ? 13.420  7.588   0.880   1.00 30.12 ? 190  GLN A CA    1 
ATOM   827  C  C     . GLN A 1 100 ? 14.891  7.379   0.600   1.00 31.02 ? 190  GLN A C     1 
ATOM   828  O  O     . GLN A 1 100 ? 15.610  8.331   0.330   1.00 32.61 ? 190  GLN A O     1 
ATOM   829  C  CB    . GLN A 1 100 ? 13.178  7.965   2.352   1.00 29.53 ? 190  GLN A CB    1 
ATOM   830  C  CG    . GLN A 1 100 ? 13.627  6.960   3.408   1.00 27.69 ? 190  GLN A CG    1 
ATOM   831  C  CD    . GLN A 1 100 ? 15.123  7.002   3.717   1.00 32.43 ? 190  GLN A CD    1 
ATOM   832  O  OE1   . GLN A 1 100 ? 15.764  8.054   3.651   1.00 30.57 ? 190  GLN A OE1   1 
ATOM   833  N  NE2   . GLN A 1 100 ? 15.685  5.839   4.044   1.00 29.32 ? 190  GLN A NE2   1 
ATOM   834  N  N     . LYS A 1 101 ? 15.327  6.122   0.628   1.00 30.77 ? 191  LYS A N     1 
ATOM   835  C  CA    . LYS A 1 101 ? 16.733  5.801   0.447   1.00 32.02 ? 191  LYS A CA    1 
ATOM   836  C  C     . LYS A 1 101 ? 17.220  6.156   -0.950  1.00 36.10 ? 191  LYS A C     1 
ATOM   837  O  O     . LYS A 1 101 ? 18.313  6.698   -1.121  1.00 34.59 ? 191  LYS A O     1 
ATOM   838  C  CB    . LYS A 1 101 ? 16.996  4.320   0.712   1.00 32.96 ? 191  LYS A CB    1 
ATOM   839  C  CG    . LYS A 1 101 ? 18.483  3.962   0.667   1.00 32.45 ? 191  LYS A CG    1 
ATOM   840  C  CD    . LYS A 1 101 ? 19.269  4.874   1.618   1.00 36.84 ? 191  LYS A CD    1 
ATOM   841  C  CE    . LYS A 1 101 ? 20.658  4.312   1.953   1.00 46.91 ? 191  LYS A CE    1 
ATOM   842  N  NZ    . LYS A 1 101 ? 21.556  4.193   0.759   1.00 46.13 ? 191  LYS A NZ    1 
ATOM   843  N  N     . PHE A 1 102 ? 16.398  5.848   -1.946  1.00 36.04 ? 192  PHE A N     1 
ATOM   844  C  CA    . PHE A 1 102 ? 16.770  6.067   -3.335  1.00 35.82 ? 192  PHE A CA    1 
ATOM   845  C  C     . PHE A 1 102 ? 16.426  7.470   -3.831  1.00 35.65 ? 192  PHE A C     1 
ATOM   846  O  O     . PHE A 1 102 ? 17.127  8.008   -4.683  1.00 34.68 ? 192  PHE A O     1 
ATOM   847  C  CB    . PHE A 1 102 ? 16.088  5.023   -4.226  1.00 38.98 ? 192  PHE A CB    1 
ATOM   848  C  CG    . PHE A 1 102 ? 16.552  3.615   -3.974  1.00 42.93 ? 192  PHE A CG    1 
ATOM   849  C  CD1   . PHE A 1 102 ? 17.813  3.369   -3.434  1.00 44.24 ? 192  PHE A CD1   1 
ATOM   850  C  CD2   . PHE A 1 102 ? 15.735  2.535   -4.285  1.00 42.28 ? 192  PHE A CD2   1 
ATOM   851  C  CE1   . PHE A 1 102 ? 18.253  2.070   -3.204  1.00 45.47 ? 192  PHE A CE1   1 
ATOM   852  C  CE2   . PHE A 1 102 ? 16.166  1.231   -4.061  1.00 49.71 ? 192  PHE A CE2   1 
ATOM   853  C  CZ    . PHE A 1 102 ? 17.430  0.998   -3.515  1.00 51.13 ? 192  PHE A CZ    1 
ATOM   854  N  N     . SER A 1 103 ? 15.357  8.059   -3.294  1.00 31.25 ? 193  SER A N     1 
ATOM   855  C  CA    . SER A 1 103 ? 14.772  9.271   -3.885  1.00 32.71 ? 193  SER A CA    1 
ATOM   856  C  C     . SER A 1 103 ? 14.401  10.379  -2.905  1.00 34.34 ? 193  SER A C     1 
ATOM   857  O  O     . SER A 1 103 ? 13.778  11.363  -3.300  1.00 36.40 ? 193  SER A O     1 
ATOM   858  C  CB    . SER A 1 103 ? 13.517  8.904   -4.679  1.00 31.19 ? 193  SER A CB    1 
ATOM   859  O  OG    . SER A 1 103 ? 13.794  7.831   -5.565  1.00 43.29 ? 193  SER A OG    1 
ATOM   860  N  N     . GLY A 1 104 ? 14.744  10.219  -1.630  1.00 29.69 ? 194  GLY A N     1 
ATOM   861  C  CA    . GLY A 1 104 ? 14.411  11.232  -0.641  1.00 28.48 ? 194  GLY A CA    1 
ATOM   862  C  C     . GLY A 1 104 ? 13.034  11.048  -0.022  1.00 30.05 ? 194  GLY A C     1 
ATOM   863  O  O     . GLY A 1 104 ? 12.284  10.175  -0.424  1.00 32.76 ? 194  GLY A O     1 
ATOM   864  N  N     . PRO A 1 105 ? 12.689  11.889  0.957   1.00 32.07 ? 195  PRO A N     1 
ATOM   865  C  CA    . PRO A 1 105 ? 11.495  11.663  1.782   1.00 29.83 ? 195  PRO A CA    1 
ATOM   866  C  C     . PRO A 1 105 ? 10.172  12.221  1.242   1.00 32.80 ? 195  PRO A C     1 
ATOM   867  O  O     . PRO A 1 105 ? 9.145   12.069  1.919   1.00 28.09 ? 195  PRO A O     1 
ATOM   868  C  CB    . PRO A 1 105 ? 11.853  12.385  3.086   1.00 32.67 ? 195  PRO A CB    1 
ATOM   869  C  CG    . PRO A 1 105 ? 12.714  13.533  2.627   1.00 32.70 ? 195  PRO A CG    1 
ATOM   870  C  CD    . PRO A 1 105 ? 13.512  13.008  1.458   1.00 31.46 ? 195  PRO A CD    1 
ATOM   871  N  N     . TRP A 1 106 ? 10.170  12.863  0.077   1.00 29.20 ? 196  TRP A N     1 
ATOM   872  C  CA    . TRP A 1 106 ? 8.920   13.455  -0.420  1.00 33.75 ? 196  TRP A CA    1 
ATOM   873  C  C     . TRP A 1 106 ? 8.184   12.512  -1.363  1.00 30.87 ? 196  TRP A C     1 
ATOM   874  O  O     . TRP A 1 106 ? 8.455   12.470  -2.564  1.00 30.41 ? 196  TRP A O     1 
ATOM   875  C  CB    . TRP A 1 106 ? 9.161   14.821  -1.079  1.00 32.61 ? 196  TRP A CB    1 
ATOM   876  C  CG    . TRP A 1 106 ? 9.917   15.742  -0.191  1.00 34.21 ? 196  TRP A CG    1 
ATOM   877  C  CD1   . TRP A 1 106 ? 11.249  16.057  -0.270  1.00 36.42 ? 196  TRP A CD1   1 
ATOM   878  C  CD2   . TRP A 1 106 ? 9.408   16.437  0.945   1.00 31.62 ? 196  TRP A CD2   1 
ATOM   879  N  NE1   . TRP A 1 106 ? 11.592  16.923  0.742   1.00 35.23 ? 196  TRP A NE1   1 
ATOM   880  C  CE2   . TRP A 1 106 ? 10.481  17.176  1.502   1.00 32.36 ? 196  TRP A CE2   1 
ATOM   881  C  CE3   . TRP A 1 106 ? 8.146   16.525  1.540   1.00 32.53 ? 196  TRP A CE3   1 
ATOM   882  C  CZ2   . TRP A 1 106 ? 10.330  17.984  2.632   1.00 32.01 ? 196  TRP A CZ2   1 
ATOM   883  C  CZ3   . TRP A 1 106 ? 7.997   17.329  2.668   1.00 38.45 ? 196  TRP A CZ3   1 
ATOM   884  C  CH2   . TRP A 1 106 ? 9.086   18.048  3.201   1.00 34.98 ? 196  TRP A CH2   1 
ATOM   885  N  N     . PHE A 1 107 ? 7.256   11.751  -0.796  1.00 28.42 ? 197  PHE A N     1 
ATOM   886  C  CA    . PHE A 1 107 ? 6.516   10.734  -1.532  1.00 31.98 ? 197  PHE A CA    1 
ATOM   887  C  C     . PHE A 1 107 ? 5.347   10.358  -0.650  1.00 30.10 ? 197  PHE A C     1 
ATOM   888  O  O     . PHE A 1 107 ? 5.283   10.783  0.498   1.00 27.94 ? 197  PHE A O     1 
ATOM   889  C  CB    . PHE A 1 107 ? 7.382   9.490   -1.750  1.00 28.91 ? 197  PHE A CB    1 
ATOM   890  C  CG    . PHE A 1 107 ? 7.794   8.801   -0.456  1.00 32.19 ? 197  PHE A CG    1 
ATOM   891  C  CD1   . PHE A 1 107 ? 8.950   9.183   0.207   1.00 28.16 ? 197  PHE A CD1   1 
ATOM   892  C  CD2   . PHE A 1 107 ? 7.024   7.777   0.090   1.00 27.77 ? 197  PHE A CD2   1 
ATOM   893  C  CE1   . PHE A 1 107 ? 9.335   8.559   1.396   1.00 29.47 ? 197  PHE A CE1   1 
ATOM   894  C  CE2   . PHE A 1 107 ? 7.401   7.153   1.279   1.00 27.73 ? 197  PHE A CE2   1 
ATOM   895  C  CZ    . PHE A 1 107 ? 8.561   7.544   1.930   1.00 24.18 ? 197  PHE A CZ    1 
ATOM   896  N  N     . GLY A 1 108 ? 4.447   9.531   -1.170  1.00 25.04 ? 198  GLY A N     1 
ATOM   897  C  CA    . GLY A 1 108 ? 3.342   9.035   -0.374  1.00 26.91 ? 198  GLY A CA    1 
ATOM   898  C  C     . GLY A 1 108 ? 2.469   8.060   -1.129  1.00 29.41 ? 198  GLY A C     1 
ATOM   899  O  O     . GLY A 1 108 ? 2.661   7.822   -2.327  1.00 25.63 ? 198  GLY A O     1 
ATOM   900  N  N     . GLY A 1 109 ? 1.496   7.495   -0.430  1.00 25.54 ? 199  GLY A N     1 
ATOM   901  C  CA    . GLY A 1 109 ? 0.518   6.651   -1.084  1.00 25.49 ? 199  GLY A CA    1 
ATOM   902  C  C     . GLY A 1 109 ? 0.543   5.221   -0.606  1.00 27.69 ? 199  GLY A C     1 
ATOM   903  O  O     . GLY A 1 109 ? 1.536   4.761   -0.029  1.00 24.50 ? 199  GLY A O     1 
ATOM   904  N  N     . LEU A 1 110 ? -0.563  4.525   -0.844  1.00 25.06 ? 200  LEU A N     1 
ATOM   905  C  CA    . LEU A 1 110 ? -0.704  3.134   -0.442  1.00 27.68 ? 200  LEU A CA    1 
ATOM   906  C  C     . LEU A 1 110 ? -0.054  2.131   -1.397  1.00 21.53 ? 200  LEU A C     1 
ATOM   907  O  O     . LEU A 1 110 ? -0.297  0.944   -1.255  1.00 25.73 ? 200  LEU A O     1 
ATOM   908  C  CB    . LEU A 1 110 ? -2.189  2.777   -0.307  1.00 22.30 ? 200  LEU A CB    1 
ATOM   909  C  CG    . LEU A 1 110 ? -2.883  3.045   1.027   1.00 32.47 ? 200  LEU A CG    1 
ATOM   910  C  CD1   . LEU A 1 110 ? -4.356  2.682   0.935   1.00 26.69 ? 200  LEU A CD1   1 
ATOM   911  C  CD2   . LEU A 1 110 ? -2.196  2.269   2.156   1.00 25.49 ? 200  LEU A CD2   1 
ATOM   912  N  N     . SER A 1 111 ? 0.737   2.583   -2.366  1.00 19.24 ? 201  SER A N     1 
ATOM   913  C  CA    . SER A 1 111 ? 1.269   1.649   -3.375  1.00 27.84 ? 201  SER A CA    1 
ATOM   914  C  C     . SER A 1 111 ? 2.137   0.523   -2.811  1.00 26.01 ? 201  SER A C     1 
ATOM   915  O  O     . SER A 1 111 ? 2.067   -0.604  -3.291  1.00 24.34 ? 201  SER A O     1 
ATOM   916  C  CB    . SER A 1 111 ? 2.011   2.363   -4.508  1.00 25.31 ? 201  SER A CB    1 
ATOM   917  O  OG    . SER A 1 111 ? 1.088   3.013   -5.365  1.00 30.61 ? 201  SER A OG    1 
ATOM   918  N  N     . GLY A 1 112 ? 2.953   0.825   -1.803  1.00 23.43 ? 202  GLY A N     1 
ATOM   919  C  CA    . GLY A 1 112 ? 3.798   -0.192  -1.211  1.00 20.40 ? 202  GLY A CA    1 
ATOM   920  C  C     . GLY A 1 112 ? 2.907   -1.255  -0.611  1.00 23.14 ? 202  GLY A C     1 
ATOM   921  O  O     . GLY A 1 112 ? 3.159   -2.461  -0.755  1.00 20.51 ? 202  GLY A O     1 
ATOM   922  N  N     . VAL A 1 113 ? 1.847   -0.789  0.045   1.00 20.85 ? 203  VAL A N     1 
ATOM   923  C  CA    . VAL A 1 113 ? 0.902   -1.660  0.739   1.00 22.53 ? 203  VAL A CA    1 
ATOM   924  C  C     . VAL A 1 113 ? 0.086   -2.532  -0.224  1.00 27.14 ? 203  VAL A C     1 
ATOM   925  O  O     . VAL A 1 113 ? -0.067  -3.734  0.005   1.00 27.24 ? 203  VAL A O     1 
ATOM   926  C  CB    . VAL A 1 113 ? -0.037  -0.836  1.651   1.00 21.31 ? 203  VAL A CB    1 
ATOM   927  C  CG1   . VAL A 1 113 ? -1.181  -1.708  2.208   1.00 16.20 ? 203  VAL A CG1   1 
ATOM   928  C  CG2   . VAL A 1 113 ? 0.767   -0.189  2.770   1.00 22.59 ? 203  VAL A CG2   1 
ATOM   929  N  N     . VAL A 1 114 ? -0.426  -1.933  -1.300  1.00 24.53 ? 204  VAL A N     1 
ATOM   930  C  CA    A VAL A 1 114 ? -1.196  -2.658  -2.311  0.49 23.75 ? 204  VAL A CA    1 
ATOM   931  C  CA    B VAL A 1 114 ? -1.203  -2.708  -2.267  0.51 23.81 ? 204  VAL A CA    1 
ATOM   932  C  C     . VAL A 1 114 ? -0.335  -3.689  -3.052  1.00 20.61 ? 204  VAL A C     1 
ATOM   933  O  O     . VAL A 1 114 ? -0.785  -4.772  -3.380  1.00 24.01 ? 204  VAL A O     1 
ATOM   934  C  CB    A VAL A 1 114 ? -1.868  -1.668  -3.297  0.49 23.41 ? 204  VAL A CB    1 
ATOM   935  C  CB    B VAL A 1 114 ? -2.078  -1.835  -3.208  0.51 23.36 ? 204  VAL A CB    1 
ATOM   936  C  CG1   A VAL A 1 114 ? -2.475  -2.394  -4.476  0.49 23.74 ? 204  VAL A CG1   1 
ATOM   937  C  CG1   B VAL A 1 114 ? -3.172  -1.129  -2.411  0.51 22.63 ? 204  VAL A CG1   1 
ATOM   938  C  CG2   A VAL A 1 114 ? -2.928  -0.850  -2.570  0.49 22.86 ? 204  VAL A CG2   1 
ATOM   939  C  CG2   B VAL A 1 114 ? -1.235  -0.841  -3.975  0.51 23.89 ? 204  VAL A CG2   1 
ATOM   940  N  N     . TYR A 1 115 ? 0.914   -3.332  -3.323  1.00 23.73 ? 205  TYR A N     1 
ATOM   941  C  CA    . TYR A 1 115 ? 1.861   -4.296  -3.902  1.00 27.94 ? 205  TYR A CA    1 
ATOM   942  C  C     . TYR A 1 115 ? 2.023   -5.525  -2.992  1.00 29.19 ? 205  TYR A C     1 
ATOM   943  O  O     . TYR A 1 115 ? 1.955   -6.657  -3.469  1.00 26.37 ? 205  TYR A O     1 
ATOM   944  C  CB    . TYR A 1 115 ? 3.223   -3.647  -4.186  1.00 24.33 ? 205  TYR A CB    1 
ATOM   945  C  CG    . TYR A 1 115 ? 3.374   -3.140  -5.617  1.00 28.75 ? 205  TYR A CG    1 
ATOM   946  C  CD1   . TYR A 1 115 ? 2.866   -1.898  -6.003  1.00 25.80 ? 205  TYR A CD1   1 
ATOM   947  C  CD2   . TYR A 1 115 ? 4.021   -3.912  -6.579  1.00 29.79 ? 205  TYR A CD2   1 
ATOM   948  C  CE1   . TYR A 1 115 ? 3.006   -1.444  -7.311  1.00 30.21 ? 205  TYR A CE1   1 
ATOM   949  C  CE2   . TYR A 1 115 ? 4.161   -3.473  -7.880  1.00 27.68 ? 205  TYR A CE2   1 
ATOM   950  C  CZ    . TYR A 1 115 ? 3.653   -2.243  -8.245  1.00 29.56 ? 205  TYR A CZ    1 
ATOM   951  O  OH    . TYR A 1 115 ? 3.813   -1.821  -9.540  1.00 28.00 ? 205  TYR A OH    1 
ATOM   952  N  N     . ALA A 1 116 ? 2.210   -5.293  -1.687  1.00 23.99 ? 206  ALA A N     1 
ATOM   953  C  CA    . ALA A 1 116 ? 2.263   -6.374  -0.696  1.00 26.65 ? 206  ALA A CA    1 
ATOM   954  C  C     . ALA A 1 116 ? 1.030   -7.256  -0.722  1.00 25.47 ? 206  ALA A C     1 
ATOM   955  O  O     . ALA A 1 116 ? 1.141   -8.478  -0.829  1.00 26.35 ? 206  ALA A O     1 
ATOM   956  C  CB    . ALA A 1 116 ? 2.449   -5.809  0.725   1.00 22.80 ? 206  ALA A CB    1 
ATOM   957  N  N     . LEU A 1 117 ? -0.140  -6.629  -0.599  1.00 24.70 ? 207  LEU A N     1 
ATOM   958  C  CA    . LEU A 1 117 ? -1.412  -7.344  -0.636  1.00 26.40 ? 207  LEU A CA    1 
ATOM   959  C  C     . LEU A 1 117 ? -1.544  -8.154  -1.931  1.00 29.11 ? 207  LEU A C     1 
ATOM   960  O  O     . LEU A 1 117 ? -1.957  -9.319  -1.922  1.00 26.40 ? 207  LEU A O     1 
ATOM   961  C  CB    . LEU A 1 117 ? -2.585  -6.370  -0.496  1.00 26.02 ? 207  LEU A CB    1 
ATOM   962  C  CG    . LEU A 1 117 ? -2.789  -5.774  0.905   1.00 28.59 ? 207  LEU A CG    1 
ATOM   963  C  CD1   . LEU A 1 117 ? -3.857  -4.686  0.897   1.00 24.27 ? 207  LEU A CD1   1 
ATOM   964  C  CD2   . LEU A 1 117 ? -3.164  -6.866  1.895   1.00 28.03 ? 207  LEU A CD2   1 
ATOM   965  N  N     . MET A 1 118 ? -1.173  -7.541  -3.041  1.00 22.90 ? 208  MET A N     1 
ATOM   966  C  CA    A MET A 1 118 ? -1.243  -8.208  -4.332  0.50 28.41 ? 208  MET A CA    1 
ATOM   967  C  CA    B MET A 1 118 ? -1.267  -8.223  -4.322  0.50 28.42 ? 208  MET A CA    1 
ATOM   968  C  C     . MET A 1 118 ? -0.359  -9.449  -4.324  1.00 31.26 ? 208  MET A C     1 
ATOM   969  O  O     . MET A 1 118 ? -0.805  -10.538 -4.654  1.00 28.88 ? 208  MET A O     1 
ATOM   970  C  CB    A MET A 1 118 ? -0.794  -7.254  -5.432  0.50 29.51 ? 208  MET A CB    1 
ATOM   971  C  CB    B MET A 1 118 ? -0.932  -7.279  -5.476  0.50 29.54 ? 208  MET A CB    1 
ATOM   972  C  CG    A MET A 1 118 ? -0.874  -7.820  -6.828  0.50 32.47 ? 208  MET A CG    1 
ATOM   973  C  CG    B MET A 1 118 ? -1.277  -7.840  -6.846  0.50 32.25 ? 208  MET A CG    1 
ATOM   974  S  SD    A MET A 1 118 ? -0.005  -6.725  -7.956  0.50 38.99 ? 208  MET A SD    1 
ATOM   975  S  SD    B MET A 1 118 ? 0.041   -8.885  -7.480  0.50 39.54 ? 208  MET A SD    1 
ATOM   976  C  CE    A MET A 1 118 ? 1.633   -6.765  -7.237  0.50 34.30 ? 208  MET A CE    1 
ATOM   977  C  CE    B MET A 1 118 ? 1.406   -7.733  -7.454  0.50 33.09 ? 208  MET A CE    1 
ATOM   978  N  N     . GLY A 1 119 ? 0.904   -9.265  -3.934  1.00 29.14 ? 209  GLY A N     1 
ATOM   979  C  CA    . GLY A 1 119 ? 1.843   -10.367 -3.827  1.00 26.91 ? 209  GLY A CA    1 
ATOM   980  C  C     . GLY A 1 119 ? 1.363   -11.429 -2.845  1.00 33.16 ? 209  GLY A C     1 
ATOM   981  O  O     . GLY A 1 119 ? 1.470   -12.632 -3.117  1.00 28.68 ? 209  GLY A O     1 
ATOM   982  N  N     . TYR A 1 120 ? 0.805   -10.983 -1.716  1.00 28.54 ? 210  TYR A N     1 
ATOM   983  C  CA    . TYR A 1 120 ? 0.316   -11.899 -0.694  1.00 29.46 ? 210  TYR A CA    1 
ATOM   984  C  C     . TYR A 1 120 ? -0.812  -12.809 -1.184  1.00 33.74 ? 210  TYR A C     1 
ATOM   985  O  O     . TYR A 1 120 ? -0.715  -14.033 -1.071  1.00 32.15 ? 210  TYR A O     1 
ATOM   986  C  CB    . TYR A 1 120 ? -0.148  -11.156 0.570   1.00 27.93 ? 210  TYR A CB    1 
ATOM   987  C  CG    . TYR A 1 120 ? -0.575  -12.126 1.653   1.00 28.71 ? 210  TYR A CG    1 
ATOM   988  C  CD1   . TYR A 1 120 ? -1.888  -12.584 1.724   1.00 30.41 ? 210  TYR A CD1   1 
ATOM   989  C  CD2   . TYR A 1 120 ? 0.341   -12.621 2.578   1.00 27.14 ? 210  TYR A CD2   1 
ATOM   990  C  CE1   . TYR A 1 120 ? -2.276  -13.497 2.673   1.00 28.59 ? 210  TYR A CE1   1 
ATOM   991  C  CE2   . TYR A 1 120 ? -0.049  -13.525 3.553   1.00 25.40 ? 210  TYR A CE2   1 
ATOM   992  C  CZ    . TYR A 1 120 ? -1.359  -13.974 3.583   1.00 28.77 ? 210  TYR A CZ    1 
ATOM   993  O  OH    . TYR A 1 120 ? -1.773  -14.877 4.535   1.00 31.39 ? 210  TYR A OH    1 
ATOM   994  N  N     . VAL A 1 121 ? -1.888  -12.203 -1.688  1.00 31.74 ? 211  VAL A N     1 
ATOM   995  C  CA    . VAL A 1 121 ? -3.056  -12.946 -2.163  1.00 30.86 ? 211  VAL A CA    1 
ATOM   996  C  C     . VAL A 1 121 ? -2.708  -13.870 -3.331  1.00 29.54 ? 211  VAL A C     1 
ATOM   997  O  O     . VAL A 1 121 ? -3.202  -14.993 -3.416  1.00 32.92 ? 211  VAL A O     1 
ATOM   998  C  CB    . VAL A 1 121 ? -4.228  -11.997 -2.548  1.00 30.46 ? 211  VAL A CB    1 
ATOM   999  C  CG1   . VAL A 1 121 ? -5.360  -12.754 -3.249  1.00 24.65 ? 211  VAL A CG1   1 
ATOM   1000 C  CG2   . VAL A 1 121 ? -4.771  -11.286 -1.315  1.00 26.95 ? 211  VAL A CG2   1 
ATOM   1001 N  N     . TRP A 1 122 ? -1.852  -13.407 -4.229  1.00 28.93 ? 212  TRP A N     1 
ATOM   1002 C  CA    . TRP A 1 122 ? -1.469  -14.234 -5.364  1.00 27.38 ? 212  TRP A CA    1 
ATOM   1003 C  C     . TRP A 1 122 ? -0.719  -15.504 -4.925  1.00 37.05 ? 212  TRP A C     1 
ATOM   1004 O  O     . TRP A 1 122 ? -1.127  -16.625 -5.238  1.00 34.77 ? 212  TRP A O     1 
ATOM   1005 C  CB    . TRP A 1 122 ? -0.599  -13.453 -6.341  1.00 29.77 ? 212  TRP A CB    1 
ATOM   1006 C  CG    . TRP A 1 122 ? -0.073  -14.339 -7.426  1.00 33.22 ? 212  TRP A CG    1 
ATOM   1007 C  CD1   . TRP A 1 122 ? -0.775  -14.838 -8.481  1.00 35.32 ? 212  TRP A CD1   1 
ATOM   1008 C  CD2   . TRP A 1 122 ? 1.255   -14.858 -7.547  1.00 38.19 ? 212  TRP A CD2   1 
ATOM   1009 N  NE1   . TRP A 1 122 ? 0.031   -15.626 -9.255  1.00 36.05 ? 212  TRP A NE1   1 
ATOM   1010 C  CE2   . TRP A 1 122 ? 1.285   -15.653 -8.712  1.00 33.62 ? 212  TRP A CE2   1 
ATOM   1011 C  CE3   . TRP A 1 122 ? 2.427   -14.718 -6.794  1.00 34.84 ? 212  TRP A CE3   1 
ATOM   1012 C  CZ2   . TRP A 1 122 ? 2.437   -16.311 -9.142  1.00 34.46 ? 212  TRP A CZ2   1 
ATOM   1013 C  CZ3   . TRP A 1 122 ? 3.577   -15.374 -7.227  1.00 40.48 ? 212  TRP A CZ3   1 
ATOM   1014 C  CH2   . TRP A 1 122 ? 3.570   -16.162 -8.386  1.00 37.95 ? 212  TRP A CH2   1 
ATOM   1015 N  N     . LEU A 1 123 ? 0.375   -15.316 -4.195  1.00 35.82 ? 213  LEU A N     1 
ATOM   1016 C  CA    . LEU A 1 123 ? 1.241   -16.428 -3.806  1.00 36.63 ? 213  LEU A CA    1 
ATOM   1017 C  C     . LEU A 1 123 ? 0.518   -17.402 -2.888  1.00 38.22 ? 213  LEU A C     1 
ATOM   1018 O  O     . LEU A 1 123 ? 0.677   -18.619 -3.006  1.00 42.28 ? 213  LEU A O     1 
ATOM   1019 C  CB    . LEU A 1 123 ? 2.511   -15.921 -3.126  1.00 28.44 ? 213  LEU A CB    1 
ATOM   1020 C  CG    . LEU A 1 123 ? 3.529   -17.018 -2.797  1.00 34.68 ? 213  LEU A CG    1 
ATOM   1021 C  CD1   . LEU A 1 123 ? 3.907   -17.791 -4.056  1.00 34.22 ? 213  LEU A CD1   1 
ATOM   1022 C  CD2   . LEU A 1 123 ? 4.764   -16.434 -2.128  1.00 28.59 ? 213  LEU A CD2   1 
ATOM   1023 N  N     . ARG A 1 124 ? -0.279  -16.856 -1.980  1.00 33.89 ? 214  ARG A N     1 
ATOM   1024 C  CA    . ARG A 1 124 ? -1.089  -17.669 -1.090  1.00 38.12 ? 214  ARG A CA    1 
ATOM   1025 C  C     . ARG A 1 124 ? -1.970  -18.636 -1.897  1.00 40.52 ? 214  ARG A C     1 
ATOM   1026 O  O     . ARG A 1 124 ? -2.027  -19.826 -1.606  1.00 39.40 ? 214  ARG A O     1 
ATOM   1027 C  CB    . ARG A 1 124 ? -1.932  -16.764 -0.202  1.00 34.01 ? 214  ARG A CB    1 
ATOM   1028 C  CG    . ARG A 1 124 ? -2.537  -17.439 0.988   1.00 37.75 ? 214  ARG A CG    1 
ATOM   1029 C  CD    . ARG A 1 124 ? -1.470  -17.864 1.973   1.00 40.10 ? 214  ARG A CD    1 
ATOM   1030 N  NE    . ARG A 1 124 ? -1.965  -18.957 2.794   1.00 40.91 ? 214  ARG A NE    1 
ATOM   1031 C  CZ    . ARG A 1 124 ? -2.660  -18.800 3.912   1.00 45.51 ? 214  ARG A CZ    1 
ATOM   1032 N  NH1   . ARG A 1 124 ? -2.923  -17.580 4.370   1.00 37.75 ? 214  ARG A NH1   1 
ATOM   1033 N  NH2   . ARG A 1 124 ? -3.075  -19.868 4.582   1.00 50.44 ? 214  ARG A NH2   1 
ATOM   1034 N  N     . GLY A 1 125 ? -2.627  -18.128 -2.934  1.00 38.37 ? 215  GLY A N     1 
ATOM   1035 C  CA    . GLY A 1 125 ? -3.471  -18.961 -3.771  1.00 39.87 ? 215  GLY A CA    1 
ATOM   1036 C  C     . GLY A 1 125 ? -2.694  -19.976 -4.599  1.00 41.07 ? 215  GLY A C     1 
ATOM   1037 O  O     . GLY A 1 125 ? -3.148  -21.095 -4.802  1.00 44.66 ? 215  GLY A O     1 
ATOM   1038 N  N     . GLU A 1 126 ? -1.530  -19.573 -5.093  1.00 41.40 ? 216  GLU A N     1 
ATOM   1039 C  CA    . GLU A 1 126 ? -0.644  -20.466 -5.830  1.00 42.95 ? 216  GLU A CA    1 
ATOM   1040 C  C     . GLU A 1 126 ? -0.224  -21.663 -4.990  1.00 49.15 ? 216  GLU A C     1 
ATOM   1041 O  O     . GLU A 1 126 ? -0.237  -22.794 -5.462  1.00 51.41 ? 216  GLU A O     1 
ATOM   1042 C  CB    . GLU A 1 126 ? 0.616   -19.722 -6.274  1.00 39.35 ? 216  GLU A CB    1 
ATOM   1043 C  CG    . GLU A 1 126 ? 0.392   -18.759 -7.411  1.00 48.99 ? 216  GLU A CG    1 
ATOM   1044 C  CD    . GLU A 1 126 ? -0.098  -19.462 -8.657  1.00 52.01 ? 216  GLU A CD    1 
ATOM   1045 O  OE1   . GLU A 1 126 ? 0.725   -20.144 -9.306  1.00 56.27 ? 216  GLU A OE1   1 
ATOM   1046 O  OE2   . GLU A 1 126 ? -1.300  -19.344 -8.978  1.00 49.16 ? 216  GLU A OE2   1 
ATOM   1047 N  N     . ARG A 1 127 ? 0.138   -21.404 -3.738  1.00 48.64 ? 217  ARG A N     1 
ATOM   1048 C  CA    . ARG A 1 127 ? 0.774   -22.413 -2.904  1.00 49.29 ? 217  ARG A CA    1 
ATOM   1049 C  C     . ARG A 1 127 ? -0.190  -23.145 -1.986  1.00 55.16 ? 217  ARG A C     1 
ATOM   1050 O  O     . ARG A 1 127 ? 0.132   -24.213 -1.468  1.00 54.50 ? 217  ARG A O     1 
ATOM   1051 C  CB    . ARG A 1 127 ? 1.874   -21.771 -2.065  1.00 49.12 ? 217  ARG A CB    1 
ATOM   1052 C  CG    . ARG A 1 127 ? 3.102   -21.390 -2.867  1.00 52.60 ? 217  ARG A CG    1 
ATOM   1053 C  CD    . ARG A 1 127 ? 4.114   -20.707 -1.976  1.00 53.32 ? 217  ARG A CD    1 
ATOM   1054 N  NE    . ARG A 1 127 ? 4.385   -21.478 -0.766  1.00 50.39 ? 217  ARG A NE    1 
ATOM   1055 C  CZ    . ARG A 1 127 ? 5.479   -22.209 -0.577  1.00 55.53 ? 217  ARG A CZ    1 
ATOM   1056 N  NH1   . ARG A 1 127 ? 6.411   -22.263 -1.521  1.00 54.77 ? 217  ARG A NH1   1 
ATOM   1057 N  NH2   . ARG A 1 127 ? 5.644   -22.879 0.558   1.00 62.10 ? 217  ARG A NH2   1 
ATOM   1058 N  N     . ASP A 1 128 ? -1.373  -22.577 -1.786  1.00 55.09 ? 218  ASP A N     1 
ATOM   1059 C  CA    . ASP A 1 128 ? -2.304  -23.123 -0.807  1.00 53.89 ? 218  ASP A CA    1 
ATOM   1060 C  C     . ASP A 1 128 ? -3.746  -22.837 -1.201  1.00 61.33 ? 218  ASP A C     1 
ATOM   1061 O  O     . ASP A 1 128 ? -4.418  -22.054 -0.534  1.00 65.83 ? 218  ASP A O     1 
ATOM   1062 C  CB    . ASP A 1 128 ? -1.990  -22.520 0.569   1.00 60.48 ? 218  ASP A CB    1 
ATOM   1063 C  CG    . ASP A 1 128 ? -2.829  -23.118 1.683   1.00 68.70 ? 218  ASP A CG    1 
ATOM   1064 O  OD1   . ASP A 1 128 ? -3.496  -24.150 1.446   1.00 73.29 ? 218  ASP A OD1   1 
ATOM   1065 O  OD2   . ASP A 1 128 ? -2.812  -22.551 2.799   1.00 60.79 ? 218  ASP A OD2   1 
ATOM   1066 N  N     . PRO A 1 129 ? -4.226  -23.466 -2.292  1.00 57.86 ? 219  PRO A N     1 
ATOM   1067 C  CA    . PRO A 1 129 ? -5.600  -23.257 -2.768  1.00 62.87 ? 219  PRO A CA    1 
ATOM   1068 C  C     . PRO A 1 129 ? -6.643  -23.366 -1.654  1.00 67.72 ? 219  PRO A C     1 
ATOM   1069 O  O     . PRO A 1 129 ? -7.463  -22.459 -1.486  1.00 71.46 ? 219  PRO A O     1 
ATOM   1070 C  CB    . PRO A 1 129 ? -5.793  -24.394 -3.775  1.00 59.94 ? 219  PRO A CB    1 
ATOM   1071 C  CG    . PRO A 1 129 ? -4.428  -24.670 -4.286  1.00 58.02 ? 219  PRO A CG    1 
ATOM   1072 C  CD    . PRO A 1 129 ? -3.505  -24.457 -3.115  1.00 57.34 ? 219  PRO A CD    1 
ATOM   1073 N  N     . GLN A 1 130 ? -6.579  -24.444 -0.878  1.00 68.57 ? 220  GLN A N     1 
ATOM   1074 C  CA    . GLN A 1 130 ? -7.557  -24.716 0.175   1.00 68.90 ? 220  GLN A CA    1 
ATOM   1075 C  C     . GLN A 1 130 ? -7.705  -23.596 1.217   1.00 72.75 ? 220  GLN A C     1 
ATOM   1076 O  O     . GLN A 1 130 ? -8.563  -23.675 2.098   1.00 73.57 ? 220  GLN A O     1 
ATOM   1077 C  CB    . GLN A 1 130 ? -7.225  -26.042 0.874   1.00 71.16 ? 220  GLN A CB    1 
ATOM   1078 N  N     . SER A 1 131 ? -6.874  -22.560 1.108   1.00 70.75 ? 221  SER A N     1 
ATOM   1079 C  CA    . SER A 1 131 ? -6.921  -21.412 2.017   1.00 66.85 ? 221  SER A CA    1 
ATOM   1080 C  C     . SER A 1 131 ? -8.137  -20.521 1.771   1.00 63.79 ? 221  SER A C     1 
ATOM   1081 O  O     . SER A 1 131 ? -8.597  -19.818 2.682   1.00 58.29 ? 221  SER A O     1 
ATOM   1082 C  CB    . SER A 1 131 ? -5.646  -20.570 1.875   1.00 66.58 ? 221  SER A CB    1 
ATOM   1083 O  OG    . SER A 1 131 ? -5.480  -20.106 0.535   1.00 59.20 ? 221  SER A OG    1 
ATOM   1084 N  N     . GLY A 1 132 ? -8.635  -20.537 0.531   1.00 58.19 ? 222  GLY A N     1 
ATOM   1085 C  CA    . GLY A 1 132 ? -9.764  -19.711 0.138   1.00 50.37 ? 222  GLY A CA    1 
ATOM   1086 C  C     . GLY A 1 132 ? -9.342  -18.336 -0.346  1.00 53.94 ? 222  GLY A C     1 
ATOM   1087 O  O     . GLY A 1 132 ? -10.157 -17.548 -0.821  1.00 55.02 ? 222  GLY A O     1 
ATOM   1088 N  N     . ILE A 1 133 ? -8.054  -18.049 -0.212  1.00 56.30 ? 223  ILE A N     1 
ATOM   1089 C  CA    . ILE A 1 133 ? -7.487  -16.784 -0.650  1.00 48.89 ? 223  ILE A CA    1 
ATOM   1090 C  C     . ILE A 1 133 ? -6.702  -17.028 -1.935  1.00 42.31 ? 223  ILE A C     1 
ATOM   1091 O  O     . ILE A 1 133 ? -5.843  -17.906 -1.985  1.00 47.93 ? 223  ILE A O     1 
ATOM   1092 C  CB    . ILE A 1 133 ? -6.586  -16.175 0.454   1.00 44.79 ? 223  ILE A CB    1 
ATOM   1093 C  CG1   . ILE A 1 133 ? -7.437  -15.385 1.450   1.00 48.90 ? 223  ILE A CG1   1 
ATOM   1094 C  CG2   . ILE A 1 133 ? -5.526  -15.261 -0.133  1.00 40.11 ? 223  ILE A CG2   1 
ATOM   1095 C  CD1   . ILE A 1 133 ? -7.907  -14.041 0.922   1.00 44.45 ? 223  ILE A CD1   1 
ATOM   1096 N  N     . TYR A 1 134 ? -7.014  -16.261 -2.975  1.00 39.43 ? 224  TYR A N     1 
ATOM   1097 C  CA    . TYR A 1 134 ? -6.355  -16.419 -4.266  1.00 40.58 ? 224  TYR A CA    1 
ATOM   1098 C  C     . TYR A 1 134 ? -6.650  -15.191 -5.137  1.00 34.96 ? 224  TYR A C     1 
ATOM   1099 O  O     . TYR A 1 134 ? -7.595  -14.458 -4.889  1.00 28.53 ? 224  TYR A O     1 
ATOM   1100 C  CB    . TYR A 1 134 ? -6.848  -17.701 -4.959  1.00 38.34 ? 224  TYR A CB    1 
ATOM   1101 C  CG    . TYR A 1 134 ? -8.247  -17.565 -5.524  1.00 42.05 ? 224  TYR A CG    1 
ATOM   1102 C  CD1   . TYR A 1 134 ? -9.361  -17.694 -4.707  1.00 45.86 ? 224  TYR A CD1   1 
ATOM   1103 C  CD2   . TYR A 1 134 ? -8.450  -17.286 -6.877  1.00 44.46 ? 224  TYR A CD2   1 
ATOM   1104 C  CE1   . TYR A 1 134 ? -10.649 -17.554 -5.218  1.00 51.79 ? 224  TYR A CE1   1 
ATOM   1105 C  CE2   . TYR A 1 134 ? -9.729  -17.147 -7.399  1.00 44.75 ? 224  TYR A CE2   1 
ATOM   1106 C  CZ    . TYR A 1 134 ? -10.825 -17.282 -6.563  1.00 52.73 ? 224  TYR A CZ    1 
ATOM   1107 O  OH    . TYR A 1 134 ? -12.099 -17.144 -7.069  1.00 54.32 ? 224  TYR A OH    1 
ATOM   1108 N  N     . LEU A 1 135 ? -5.828  -14.964 -6.148  1.00 30.86 ? 225  LEU A N     1 
ATOM   1109 C  CA    . LEU A 1 135 ? -6.028  -13.849 -7.054  1.00 35.78 ? 225  LEU A CA    1 
ATOM   1110 C  C     . LEU A 1 135 ? -6.488  -14.388 -8.416  1.00 35.42 ? 225  LEU A C     1 
ATOM   1111 O  O     . LEU A 1 135 ? -5.704  -15.016 -9.126  1.00 30.72 ? 225  LEU A O     1 
ATOM   1112 C  CB    . LEU A 1 135 ? -4.721  -13.057 -7.199  1.00 28.49 ? 225  LEU A CB    1 
ATOM   1113 C  CG    . LEU A 1 135 ? -4.777  -11.766 -8.021  1.00 29.08 ? 225  LEU A CG    1 
ATOM   1114 C  CD1   . LEU A 1 135 ? -5.743  -10.758 -7.386  1.00 32.22 ? 225  LEU A CD1   1 
ATOM   1115 C  CD2   . LEU A 1 135 ? -3.387  -11.174 -8.145  1.00 28.79 ? 225  LEU A CD2   1 
ATOM   1116 N  N     . GLN A 1 136 ? -7.757  -14.154 -8.756  1.00 37.30 ? 226  GLN A N     1 
ATOM   1117 C  CA    . GLN A 1 136 ? -8.333  -14.591 -10.031 1.00 37.10 ? 226  GLN A CA    1 
ATOM   1118 C  C     . GLN A 1 136 ? -7.449  -14.272 -11.221 1.00 33.34 ? 226  GLN A C     1 
ATOM   1119 O  O     . GLN A 1 136 ? -6.715  -13.277 -11.218 1.00 34.78 ? 226  GLN A O     1 
ATOM   1120 C  CB    . GLN A 1 136 ? -9.656  -13.885 -10.298 1.00 37.74 ? 226  GLN A CB    1 
ATOM   1121 C  CG    . GLN A 1 136 ? -10.800 -14.269 -9.420  1.00 54.02 ? 226  GLN A CG    1 
ATOM   1122 C  CD    . GLN A 1 136 ? -11.986 -13.357 -9.653  1.00 60.29 ? 226  GLN A CD    1 
ATOM   1123 O  OE1   . GLN A 1 136 ? -12.238 -12.926 -10.785 1.00 55.37 ? 226  GLN A OE1   1 
ATOM   1124 N  NE2   . GLN A 1 136 ? -12.709 -13.037 -8.585  1.00 63.18 ? 226  GLN A NE2   1 
ATOM   1125 N  N     . ARG A 1 137 ? -7.564  -15.097 -12.254 1.00 34.04 ? 227  ARG A N     1 
ATOM   1126 C  CA    . ARG A 1 137 ? -6.810  -14.904 -13.483 1.00 34.00 ? 227  ARG A CA    1 
ATOM   1127 C  C     . ARG A 1 137 ? -6.967  -13.489 -14.059 1.00 31.94 ? 227  ARG A C     1 
ATOM   1128 O  O     . ARG A 1 137 ? -5.974  -12.824 -14.361 1.00 31.92 ? 227  ARG A O     1 
ATOM   1129 C  CB    . ARG A 1 137 ? -7.202  -15.966 -14.505 1.00 34.97 ? 227  ARG A CB    1 
ATOM   1130 C  CG    . ARG A 1 137 ? -6.548  -17.317 -14.267 1.00 36.31 ? 227  ARG A CG    1 
ATOM   1131 C  CD    . ARG A 1 137 ? -7.111  -18.371 -15.207 1.00 33.66 ? 227  ARG A CD    1 
ATOM   1132 N  NE    . ARG A 1 137 ? -6.261  -19.552 -15.252 1.00 42.38 ? 227  ARG A NE    1 
ATOM   1133 C  CZ    . ARG A 1 137 ? -6.458  -20.594 -16.053 1.00 43.25 ? 227  ARG A CZ    1 
ATOM   1134 N  NH1   . ARG A 1 137 ? -7.488  -20.614 -16.885 1.00 40.16 ? 227  ARG A NH1   1 
ATOM   1135 N  NH2   . ARG A 1 137 ? -5.624  -21.623 -16.015 1.00 45.55 ? 227  ARG A NH2   1 
ATOM   1136 N  N     . GLY A 1 138 ? -8.202  -13.014 -14.172 1.00 25.63 ? 228  GLY A N     1 
ATOM   1137 C  CA    . GLY A 1 138 ? -8.435  -11.689 -14.718 1.00 26.14 ? 228  GLY A CA    1 
ATOM   1138 C  C     . GLY A 1 138 ? -7.801  -10.577 -13.893 1.00 35.52 ? 228  GLY A C     1 
ATOM   1139 O  O     . GLY A 1 138 ? -7.353  -9.568  -14.441 1.00 31.79 ? 228  GLY A O     1 
ATOM   1140 N  N     . LEU A 1 139 ? -7.744  -10.757 -12.575 1.00 34.77 ? 229  LEU A N     1 
ATOM   1141 C  CA    . LEU A 1 139 ? -7.118  -9.750  -11.718 1.00 32.64 ? 229  LEU A CA    1 
ATOM   1142 C  C     . LEU A 1 139 ? -5.592  -9.807  -11.763 1.00 29.92 ? 229  LEU A C     1 
ATOM   1143 O  O     . LEU A 1 139 ? -4.931  -8.771  -11.691 1.00 29.67 ? 229  LEU A O     1 
ATOM   1144 C  CB    . LEU A 1 139 ? -7.659  -9.817  -10.287 1.00 35.24 ? 229  LEU A CB    1 
ATOM   1145 C  CG    . LEU A 1 139 ? -9.094  -9.284  -10.213 1.00 35.97 ? 229  LEU A CG    1 
ATOM   1146 C  CD1   . LEU A 1 139 ? -9.599  -9.311  -8.798  1.00 36.52 ? 229  LEU A CD1   1 
ATOM   1147 C  CD2   . LEU A 1 139 ? -9.202  -7.875  -10.801 1.00 33.87 ? 229  LEU A CD2   1 
ATOM   1148 N  N     . ILE A 1 140 ? -5.035  -11.006 -11.916 1.00 29.15 ? 230  ILE A N     1 
ATOM   1149 C  CA    . ILE A 1 140 ? -3.603  -11.136 -12.156 1.00 27.58 ? 230  ILE A CA    1 
ATOM   1150 C  C     . ILE A 1 140 ? -3.207  -10.310 -13.382 1.00 30.16 ? 230  ILE A C     1 
ATOM   1151 O  O     . ILE A 1 140 ? -2.217  -9.582  -13.357 1.00 31.30 ? 230  ILE A O     1 
ATOM   1152 C  CB    . ILE A 1 140 ? -3.192  -12.598 -12.385 1.00 33.45 ? 230  ILE A CB    1 
ATOM   1153 C  CG1   . ILE A 1 140 ? -3.417  -13.431 -11.117 1.00 37.20 ? 230  ILE A CG1   1 
ATOM   1154 C  CG2   . ILE A 1 140 ? -1.744  -12.682 -12.853 1.00 30.19 ? 230  ILE A CG2   1 
ATOM   1155 C  CD1   . ILE A 1 140 ? -3.147  -14.934 -11.321 1.00 32.85 ? 230  ILE A CD1   1 
ATOM   1156 N  N     . ILE A 1 141 ? -4.004  -10.412 -14.446 1.00 31.20 ? 231  ILE A N     1 
ATOM   1157 C  CA    . ILE A 1 141 ? -3.775  -9.643  -15.666 1.00 29.50 ? 231  ILE A CA    1 
ATOM   1158 C  C     . ILE A 1 141 ? -3.795  -8.126  -15.424 1.00 30.97 ? 231  ILE A C     1 
ATOM   1159 O  O     . ILE A 1 141 ? -2.873  -7.411  -15.824 1.00 27.97 ? 231  ILE A O     1 
ATOM   1160 C  CB    . ILE A 1 141 ? -4.815  -9.990  -16.758 1.00 30.46 ? 231  ILE A CB    1 
ATOM   1161 C  CG1   . ILE A 1 141 ? -4.737  -11.480 -17.134 1.00 28.10 ? 231  ILE A CG1   1 
ATOM   1162 C  CG2   . ILE A 1 141 ? -4.651  -9.065  -17.959 1.00 30.84 ? 231  ILE A CG2   1 
ATOM   1163 C  CD1   . ILE A 1 141 ? -3.358  -11.936 -17.673 1.00 28.21 ? 231  ILE A CD1   1 
ATOM   1164 N  N     . PHE A 1 142 ? -4.838  -7.628  -14.767 1.00 27.08 ? 232  PHE A N     1 
ATOM   1165 C  CA    . PHE A 1 142 ? -4.909  -6.191  -14.511 1.00 29.26 ? 232  PHE A CA    1 
ATOM   1166 C  C     . PHE A 1 142 ? -3.799  -5.713  -13.564 1.00 31.68 ? 232  PHE A C     1 
ATOM   1167 O  O     . PHE A 1 142 ? -3.193  -4.673  -13.800 1.00 28.97 ? 232  PHE A O     1 
ATOM   1168 C  CB    . PHE A 1 142 ? -6.313  -5.773  -14.053 1.00 33.37 ? 232  PHE A CB    1 
ATOM   1169 C  CG    . PHE A 1 142 ? -7.312  -5.734  -15.177 1.00 42.97 ? 232  PHE A CG    1 
ATOM   1170 C  CD1   . PHE A 1 142 ? -7.433  -4.604  -15.972 1.00 43.15 ? 232  PHE A CD1   1 
ATOM   1171 C  CD2   . PHE A 1 142 ? -8.100  -6.838  -15.466 1.00 41.86 ? 232  PHE A CD2   1 
ATOM   1172 C  CE1   . PHE A 1 142 ? -8.338  -4.570  -17.030 1.00 42.20 ? 232  PHE A CE1   1 
ATOM   1173 C  CE2   . PHE A 1 142 ? -8.998  -6.813  -16.526 1.00 43.45 ? 232  PHE A CE2   1 
ATOM   1174 C  CZ    . PHE A 1 142 ? -9.113  -5.679  -17.305 1.00 40.74 ? 232  PHE A CZ    1 
ATOM   1175 N  N     . ALA A 1 143 ? -3.506  -6.492  -12.526 1.00 23.63 ? 233  ALA A N     1 
ATOM   1176 C  CA    . ALA A 1 143 ? -2.383  -6.185  -11.652 1.00 30.30 ? 233  ALA A CA    1 
ATOM   1177 C  C     . ALA A 1 143 ? -1.071  -6.085  -12.453 1.00 32.63 ? 233  ALA A C     1 
ATOM   1178 O  O     . ALA A 1 143 ? -0.310  -5.132  -12.295 1.00 32.73 ? 233  ALA A O     1 
ATOM   1179 C  CB    . ALA A 1 143 ? -2.269  -7.236  -10.537 1.00 23.33 ? 233  ALA A CB    1 
ATOM   1180 N  N     . LEU A 1 144 ? -0.822  -7.059  -13.327 1.00 30.00 ? 234  LEU A N     1 
ATOM   1181 C  CA    . LEU A 1 144 ? 0.372   -7.035  -14.171 1.00 30.34 ? 234  LEU A CA    1 
ATOM   1182 C  C     . LEU A 1 144 ? 0.435   -5.773  -15.035 1.00 29.29 ? 234  LEU A C     1 
ATOM   1183 O  O     . LEU A 1 144 ? 1.495   -5.174  -15.193 1.00 33.88 ? 234  LEU A O     1 
ATOM   1184 C  CB    . LEU A 1 144 ? 0.459   -8.297  -15.048 1.00 31.71 ? 234  LEU A CB    1 
ATOM   1185 C  CG    . LEU A 1 144 ? 0.788   -9.610  -14.331 1.00 34.16 ? 234  LEU A CG    1 
ATOM   1186 C  CD1   . LEU A 1 144 ? 0.624   -10.797 -15.267 1.00 29.72 ? 234  LEU A CD1   1 
ATOM   1187 C  CD2   . LEU A 1 144 ? 2.207   -9.588  -13.739 1.00 34.41 ? 234  LEU A CD2   1 
ATOM   1188 N  N     . ILE A 1 145 ? -0.698  -5.358  -15.590 1.00 31.09 ? 235  ILE A N     1 
ATOM   1189 C  CA    . ILE A 1 145 ? -0.699  -4.187  -16.464 1.00 29.62 ? 235  ILE A CA    1 
ATOM   1190 C  C     . ILE A 1 145 ? -0.300  -2.929  -15.686 1.00 30.13 ? 235  ILE A C     1 
ATOM   1191 O  O     . ILE A 1 145 ? 0.445   -2.085  -16.188 1.00 32.95 ? 235  ILE A O     1 
ATOM   1192 C  CB    . ILE A 1 145 ? -2.059  -3.995  -17.205 1.00 32.60 ? 235  ILE A CB    1 
ATOM   1193 C  CG1   . ILE A 1 145 ? -2.301  -5.152  -18.190 1.00 33.27 ? 235  ILE A CG1   1 
ATOM   1194 C  CG2   . ILE A 1 145 ? -2.097  -2.644  -17.949 1.00 27.44 ? 235  ILE A CG2   1 
ATOM   1195 C  CD1   . ILE A 1 145 ? -3.639  -5.062  -18.930 1.00 27.07 ? 235  ILE A CD1   1 
ATOM   1196 N  N     . TRP A 1 146 ? -0.774  -2.815  -14.451 1.00 32.39 ? 236  TRP A N     1 
ATOM   1197 C  CA    . TRP A 1 146 ? -0.386  -1.675  -13.615 1.00 34.77 ? 236  TRP A CA    1 
ATOM   1198 C  C     . TRP A 1 146 ? 1.061   -1.754  -13.134 1.00 31.45 ? 236  TRP A C     1 
ATOM   1199 O  O     . TRP A 1 146 ? 1.741   -0.734  -13.050 1.00 33.32 ? 236  TRP A O     1 
ATOM   1200 C  CB    . TRP A 1 146 ? -1.356  -1.478  -12.459 1.00 29.62 ? 236  TRP A CB    1 
ATOM   1201 C  CG    . TRP A 1 146 ? -2.638  -0.904  -12.928 1.00 33.21 ? 236  TRP A CG    1 
ATOM   1202 C  CD1   . TRP A 1 146 ? -3.852  -1.525  -12.961 1.00 32.22 ? 236  TRP A CD1   1 
ATOM   1203 C  CD2   . TRP A 1 146 ? -2.840  0.408   -13.472 1.00 33.67 ? 236  TRP A CD2   1 
ATOM   1204 N  NE1   . TRP A 1 146 ? -4.802  -0.675  -13.480 1.00 36.01 ? 236  TRP A NE1   1 
ATOM   1205 C  CE2   . TRP A 1 146 ? -4.207  0.516   -13.804 1.00 31.84 ? 236  TRP A CE2   1 
ATOM   1206 C  CE3   . TRP A 1 146 ? -1.999  1.502   -13.708 1.00 31.66 ? 236  TRP A CE3   1 
ATOM   1207 C  CZ2   . TRP A 1 146 ? -4.753  1.674   -14.361 1.00 35.02 ? 236  TRP A CZ2   1 
ATOM   1208 C  CZ3   . TRP A 1 146 ? -2.541  2.651   -14.259 1.00 34.72 ? 236  TRP A CZ3   1 
ATOM   1209 C  CH2   . TRP A 1 146 ? -3.906  2.730   -14.577 1.00 35.57 ? 236  TRP A CH2   1 
ATOM   1210 N  N     . ILE A 1 147 ? 1.537   -2.961  -12.846 1.00 31.34 ? 237  ILE A N     1 
ATOM   1211 C  CA    . ILE A 1 147 ? 2.957   -3.143  -12.565 1.00 32.83 ? 237  ILE A CA    1 
ATOM   1212 C  C     . ILE A 1 147 ? 3.816   -2.669  -13.745 1.00 36.47 ? 237  ILE A C     1 
ATOM   1213 O  O     . ILE A 1 147 ? 4.826   -1.988  -13.548 1.00 36.62 ? 237  ILE A O     1 
ATOM   1214 C  CB    . ILE A 1 147 ? 3.288   -4.597  -12.260 1.00 29.36 ? 237  ILE A CB    1 
ATOM   1215 C  CG1   . ILE A 1 147 ? 2.668   -5.010  -10.925 1.00 31.22 ? 237  ILE A CG1   1 
ATOM   1216 C  CG2   . ILE A 1 147 ? 4.788   -4.801  -12.214 1.00 30.45 ? 237  ILE A CG2   1 
ATOM   1217 C  CD1   . ILE A 1 147 ? 2.968   -6.449  -10.564 1.00 36.61 ? 237  ILE A CD1   1 
ATOM   1218 N  N     . VAL A 1 148 ? 3.405   -3.017  -14.967 1.00 31.53 ? 238  VAL A N     1 
ATOM   1219 C  CA    . VAL A 1 148 ? 4.103   -2.559  -16.161 1.00 31.71 ? 238  VAL A CA    1 
ATOM   1220 C  C     . VAL A 1 148 ? 4.052   -1.037  -16.247 1.00 30.68 ? 238  VAL A C     1 
ATOM   1221 O  O     . VAL A 1 148 ? 5.063   -0.384  -16.506 1.00 31.61 ? 238  VAL A O     1 
ATOM   1222 C  CB    . VAL A 1 148 ? 3.503   -3.186  -17.448 1.00 38.86 ? 238  VAL A CB    1 
ATOM   1223 C  CG1   . VAL A 1 148 ? 4.090   -2.542  -18.697 1.00 28.67 ? 238  VAL A CG1   1 
ATOM   1224 C  CG2   . VAL A 1 148 ? 3.721   -4.691  -17.461 1.00 30.84 ? 238  VAL A CG2   1 
ATOM   1225 N  N     . ALA A 1 149 ? 2.872   -0.479  -16.005 1.00 27.79 ? 239  ALA A N     1 
ATOM   1226 C  CA    . ALA A 1 149 ? 2.681   0.966   -16.039 1.00 35.51 ? 239  ALA A CA    1 
ATOM   1227 C  C     . ALA A 1 149 ? 3.686   1.678   -15.130 1.00 41.98 ? 239  ALA A C     1 
ATOM   1228 O  O     . ALA A 1 149 ? 4.289   2.674   -15.525 1.00 42.09 ? 239  ALA A O     1 
ATOM   1229 C  CB    . ALA A 1 149 ? 1.252   1.329   -15.640 1.00 32.31 ? 239  ALA A CB    1 
ATOM   1230 N  N     . GLY A 1 150 ? 3.864   1.148   -13.921 1.00 35.35 ? 240  GLY A N     1 
ATOM   1231 C  CA    . GLY A 1 150 ? 4.799   1.705   -12.962 1.00 40.73 ? 240  GLY A CA    1 
ATOM   1232 C  C     . GLY A 1 150 ? 6.251   1.407   -13.289 1.00 42.44 ? 240  GLY A C     1 
ATOM   1233 O  O     . GLY A 1 150 ? 7.103   2.280   -13.187 1.00 45.51 ? 240  GLY A O     1 
ATOM   1234 N  N     . TRP A 1 151 ? 6.540   0.171   -13.675 1.00 38.08 ? 241  TRP A N     1 
ATOM   1235 C  CA    . TRP A 1 151 ? 7.900   -0.200  -14.048 1.00 42.06 ? 241  TRP A CA    1 
ATOM   1236 C  C     . TRP A 1 151 ? 8.489   0.682   -15.171 1.00 43.61 ? 241  TRP A C     1 
ATOM   1237 O  O     . TRP A 1 151 ? 9.605   1.184   -15.044 1.00 43.70 ? 241  TRP A O     1 
ATOM   1238 C  CB    . TRP A 1 151 ? 7.948   -1.673  -14.435 1.00 37.40 ? 241  TRP A CB    1 
ATOM   1239 C  CG    . TRP A 1 151 ? 9.316   -2.201  -14.573 1.00 43.66 ? 241  TRP A CG    1 
ATOM   1240 C  CD1   . TRP A 1 151 ? 10.017  -2.358  -15.727 1.00 42.96 ? 241  TRP A CD1   1 
ATOM   1241 C  CD2   . TRP A 1 151 ? 10.170  -2.654  -13.517 1.00 53.93 ? 241  TRP A CD2   1 
ATOM   1242 N  NE1   . TRP A 1 151 ? 11.258  -2.879  -15.459 1.00 43.89 ? 241  TRP A NE1   1 
ATOM   1243 C  CE2   . TRP A 1 151 ? 11.379  -3.071  -14.108 1.00 50.66 ? 241  TRP A CE2   1 
ATOM   1244 C  CE3   . TRP A 1 151 ? 10.033  -2.739  -12.125 1.00 55.75 ? 241  TRP A CE3   1 
ATOM   1245 C  CZ2   . TRP A 1 151 ? 12.446  -3.570  -13.360 1.00 53.11 ? 241  TRP A CZ2   1 
ATOM   1246 C  CZ3   . TRP A 1 151 ? 11.098  -3.234  -11.382 1.00 56.18 ? 241  TRP A CZ3   1 
ATOM   1247 C  CH2   . TRP A 1 151 ? 12.287  -3.644  -12.003 1.00 56.26 ? 241  TRP A CH2   1 
ATOM   1248 N  N     . PHE A 1 152 ? 7.733   0.887   -16.248 1.00 36.61 ? 242  PHE A N     1 
ATOM   1249 C  CA    . PHE A 1 152 ? 8.218   1.658   -17.403 1.00 39.05 ? 242  PHE A CA    1 
ATOM   1250 C  C     . PHE A 1 152 ? 7.751   3.102   -17.418 1.00 41.91 ? 242  PHE A C     1 
ATOM   1251 O  O     . PHE A 1 152 ? 7.832   3.761   -18.454 1.00 43.47 ? 242  PHE A O     1 
ATOM   1252 C  CB    . PHE A 1 152 ? 7.807   0.977   -18.716 1.00 32.67 ? 242  PHE A CB    1 
ATOM   1253 C  CG    . PHE A 1 152 ? 8.361   -0.401  -18.866 1.00 35.87 ? 242  PHE A CG    1 
ATOM   1254 C  CD1   . PHE A 1 152 ? 9.662   -0.589  -19.308 1.00 31.08 ? 242  PHE A CD1   1 
ATOM   1255 C  CD2   . PHE A 1 152 ? 7.597   -1.511  -18.526 1.00 33.21 ? 242  PHE A CD2   1 
ATOM   1256 C  CE1   . PHE A 1 152 ? 10.197  -1.868  -19.430 1.00 33.69 ? 242  PHE A CE1   1 
ATOM   1257 C  CE2   . PHE A 1 152 ? 8.121   -2.792  -18.644 1.00 35.03 ? 242  PHE A CE2   1 
ATOM   1258 C  CZ    . PHE A 1 152 ? 9.425   -2.972  -19.099 1.00 32.77 ? 242  PHE A CZ    1 
ATOM   1259 N  N     . ASP A 1 153 ? 7.241   3.576   -16.285 1.00 40.53 ? 243  ASP A N     1 
ATOM   1260 C  CA    . ASP A 1 153 ? 6.779   4.958   -16.161 1.00 44.98 ? 243  ASP A CA    1 
ATOM   1261 C  C     . ASP A 1 153 ? 5.801   5.395   -17.243 1.00 49.85 ? 243  ASP A C     1 
ATOM   1262 O  O     . ASP A 1 153 ? 5.931   6.489   -17.796 1.00 49.35 ? 243  ASP A O     1 
ATOM   1263 C  CB    . ASP A 1 153 ? 7.959   5.930   -16.119 1.00 46.15 ? 243  ASP A CB    1 
ATOM   1264 C  CG    . ASP A 1 153 ? 8.615   5.976   -14.764 1.00 55.73 ? 243  ASP A CG    1 
ATOM   1265 O  OD1   . ASP A 1 153 ? 8.127   6.743   -13.903 1.00 67.90 ? 243  ASP A OD1   1 
ATOM   1266 O  OD2   . ASP A 1 153 ? 9.605   5.239   -14.551 1.00 63.38 ? 243  ASP A OD2   1 
ATOM   1267 N  N     . LEU A 1 154 ? 4.823   4.546   -17.541 1.00 46.55 ? 244  LEU A N     1 
ATOM   1268 C  CA    . LEU A 1 154 ? 3.772   4.917   -18.477 1.00 46.94 ? 244  LEU A CA    1 
ATOM   1269 C  C     . LEU A 1 154 ? 2.850   5.936   -17.807 1.00 49.53 ? 244  LEU A C     1 
ATOM   1270 O  O     . LEU A 1 154 ? 2.316   6.837   -18.450 1.00 48.68 ? 244  LEU A O     1 
ATOM   1271 C  CB    . LEU A 1 154 ? 2.987   3.680   -18.928 1.00 38.44 ? 244  LEU A CB    1 
ATOM   1272 C  CG    . LEU A 1 154 ? 3.839   2.562   -19.538 1.00 36.98 ? 244  LEU A CG    1 
ATOM   1273 C  CD1   . LEU A 1 154 ? 2.961   1.442   -20.069 1.00 35.80 ? 244  LEU A CD1   1 
ATOM   1274 C  CD2   . LEU A 1 154 ? 4.714   3.108   -20.640 1.00 36.01 ? 244  LEU A CD2   1 
ATOM   1275 N  N     . PHE A 1 155 ? 2.662   5.772   -16.503 1.00 48.73 ? 245  PHE A N     1 
ATOM   1276 C  CA    . PHE A 1 155 ? 1.901   6.719   -15.701 1.00 47.93 ? 245  PHE A CA    1 
ATOM   1277 C  C     . PHE A 1 155 ? 2.795   7.142   -14.537 1.00 53.45 ? 245  PHE A C     1 
ATOM   1278 O  O     . PHE A 1 155 ? 3.284   6.291   -13.788 1.00 48.39 ? 245  PHE A O     1 
ATOM   1279 C  CB    . PHE A 1 155 ? 0.610   6.073   -15.181 1.00 40.63 ? 245  PHE A CB    1 
ATOM   1280 N  N     . GLY A 1 156 ? 3.024   8.446   -14.404 1.00 51.71 ? 246  GLY A N     1 
ATOM   1281 C  CA    . GLY A 1 156 ? 3.885   8.969   -13.356 1.00 45.81 ? 246  GLY A CA    1 
ATOM   1282 C  C     . GLY A 1 156 ? 3.339   8.669   -11.973 1.00 49.08 ? 246  GLY A C     1 
ATOM   1283 O  O     . GLY A 1 156 ? 2.152   8.875   -11.695 1.00 49.40 ? 246  GLY A O     1 
ATOM   1284 N  N     . MET A 1 157 ? 4.200   8.151   -11.107 1.00 44.43 ? 247  MET A N     1 
ATOM   1285 C  CA    . MET A 1 157 ? 3.783   7.763   -9.767  1.00 45.10 ? 247  MET A CA    1 
ATOM   1286 C  C     . MET A 1 157 ? 4.710   8.347   -8.710  1.00 41.16 ? 247  MET A C     1 
ATOM   1287 O  O     . MET A 1 157 ? 5.825   8.770   -9.013  1.00 43.66 ? 247  MET A O     1 
ATOM   1288 C  CB    . MET A 1 157 ? 3.719   6.241   -9.649  1.00 44.20 ? 247  MET A CB    1 
ATOM   1289 C  CG    . MET A 1 157 ? 2.657   5.618   -10.537 1.00 40.10 ? 247  MET A CG    1 
ATOM   1290 S  SD    . MET A 1 157 ? 2.674   3.824   -10.514 1.00 47.04 ? 247  MET A SD    1 
ATOM   1291 C  CE    . MET A 1 157 ? 1.537   3.463   -11.864 1.00 38.60 ? 247  MET A CE    1 
ATOM   1292 N  N     . SER A 1 158 ? 4.240   8.374   -7.469  1.00 38.46 ? 248  SER A N     1 
ATOM   1293 C  CA    . SER A 1 158 ? 5.026   8.926   -6.372  1.00 39.38 ? 248  SER A CA    1 
ATOM   1294 C  C     . SER A 1 158 ? 6.267   8.089   -6.046  1.00 40.73 ? 248  SER A C     1 
ATOM   1295 O  O     . SER A 1 158 ? 7.366   8.628   -5.924  1.00 43.42 ? 248  SER A O     1 
ATOM   1296 C  CB    . SER A 1 158 ? 4.166   9.087   -5.122  1.00 38.56 ? 248  SER A CB    1 
ATOM   1297 O  OG    . SER A 1 158 ? 4.840   9.883   -4.171  1.00 40.07 ? 248  SER A OG    1 
ATOM   1298 N  N     . MET A 1 159 ? 6.091   6.775   -5.924  1.00 43.15 ? 249  MET A N     1 
ATOM   1299 C  CA    . MET A 1 159 ? 7.189   5.883   -5.543  1.00 38.70 ? 249  MET A CA    1 
ATOM   1300 C  C     . MET A 1 159 ? 7.862   5.238   -6.757  1.00 42.40 ? 249  MET A C     1 
ATOM   1301 O  O     . MET A 1 159 ? 7.233   5.057   -7.803  1.00 42.56 ? 249  MET A O     1 
ATOM   1302 C  CB    . MET A 1 159 ? 6.683   4.795   -4.578  1.00 40.35 ? 249  MET A CB    1 
ATOM   1303 C  CG    . MET A 1 159 ? 5.826   5.330   -3.418  1.00 36.15 ? 249  MET A CG    1 
ATOM   1304 S  SD    . MET A 1 159 ? 5.102   4.026   -2.391  1.00 45.74 ? 249  MET A SD    1 
ATOM   1305 C  CE    . MET A 1 159 ? 6.488   3.582   -1.338  1.00 33.70 ? 249  MET A CE    1 
ATOM   1306 N  N     . ALA A 1 160 ? 9.140   4.893   -6.606  1.00 40.17 ? 250  ALA A N     1 
ATOM   1307 C  CA    . ALA A 1 160 ? 9.908   4.243   -7.664  1.00 36.24 ? 250  ALA A CA    1 
ATOM   1308 C  C     . ALA A 1 160 ? 9.717   2.727   -7.643  1.00 37.85 ? 250  ALA A C     1 
ATOM   1309 O  O     . ALA A 1 160 ? 9.070   2.184   -6.747  1.00 35.72 ? 250  ALA A O     1 
ATOM   1310 C  CB    . ALA A 1 160 ? 11.393  4.590   -7.545  1.00 33.18 ? 250  ALA A CB    1 
ATOM   1311 N  N     . ASN A 1 161 ? 10.286  2.056   -8.638  1.00 36.66 ? 251  ASN A N     1 
ATOM   1312 C  CA    . ASN A 1 161 ? 10.134  0.614   -8.790  1.00 36.20 ? 251  ASN A CA    1 
ATOM   1313 C  C     . ASN A 1 161 ? 10.670  -0.138  -7.580  1.00 32.17 ? 251  ASN A C     1 
ATOM   1314 O  O     . ASN A 1 161 ? 10.078  -1.120  -7.133  1.00 29.28 ? 251  ASN A O     1 
ATOM   1315 C  CB    . ASN A 1 161 ? 10.867  0.118   -10.048 1.00 42.53 ? 251  ASN A CB    1 
ATOM   1316 C  CG    . ASN A 1 161 ? 10.393  0.799   -11.324 1.00 46.76 ? 251  ASN A CG    1 
ATOM   1317 O  OD1   . ASN A 1 161 ? 9.252   1.262   -11.418 1.00 48.84 ? 251  ASN A OD1   1 
ATOM   1318 N  ND2   . ASN A 1 161 ? 11.276  0.854   -12.326 1.00 45.64 ? 251  ASN A ND2   1 
ATOM   1319 N  N     . GLY A 1 162 ? 11.806  0.322   -7.068  1.00 31.12 ? 252  GLY A N     1 
ATOM   1320 C  CA    . GLY A 1 162 ? 12.414  -0.275  -5.893  1.00 35.58 ? 252  GLY A CA    1 
ATOM   1321 C  C     . GLY A 1 162 ? 11.492  -0.354  -4.685  1.00 32.29 ? 252  GLY A C     1 
ATOM   1322 O  O     . GLY A 1 162 ? 11.419  -1.388  -4.017  1.00 35.03 ? 252  GLY A O     1 
ATOM   1323 N  N     . ALA A 1 163 ? 10.782  0.732   -4.403  1.00 28.86 ? 253  ALA A N     1 
ATOM   1324 C  CA    . ALA A 1 163 ? 9.868   0.767   -3.267  1.00 27.52 ? 253  ALA A CA    1 
ATOM   1325 C  C     . ALA A 1 163 ? 8.667   -0.144  -3.526  1.00 32.02 ? 253  ALA A C     1 
ATOM   1326 O  O     . ALA A 1 163 ? 8.201   -0.829  -2.620  1.00 27.55 ? 253  ALA A O     1 
ATOM   1327 C  CB    . ALA A 1 163 ? 9.427   2.198   -2.973  1.00 23.48 ? 253  ALA A CB    1 
ATOM   1328 N  N     . HIS A 1 164 ? 8.177   -0.159  -4.766  1.00 31.87 ? 254  HIS A N     1 
ATOM   1329 C  CA    . HIS A 1 164 ? 7.122   -1.099  -5.159  1.00 30.53 ? 254  HIS A CA    1 
ATOM   1330 C  C     . HIS A 1 164 ? 7.564   -2.560  -4.983  1.00 26.38 ? 254  HIS A C     1 
ATOM   1331 O  O     . HIS A 1 164 ? 6.829   -3.377  -4.434  1.00 28.79 ? 254  HIS A O     1 
ATOM   1332 C  CB    . HIS A 1 164 ? 6.669   -0.829  -6.602  1.00 30.53 ? 254  HIS A CB    1 
ATOM   1333 C  CG    . HIS A 1 164 ? 5.950   0.475   -6.773  1.00 32.69 ? 254  HIS A CG    1 
ATOM   1334 N  ND1   . HIS A 1 164 ? 5.843   1.117   -7.989  1.00 33.64 ? 254  HIS A ND1   1 
ATOM   1335 C  CD2   . HIS A 1 164 ? 5.299   1.256   -5.877  1.00 32.17 ? 254  HIS A CD2   1 
ATOM   1336 C  CE1   . HIS A 1 164 ? 5.166   2.241   -7.832  1.00 37.61 ? 254  HIS A CE1   1 
ATOM   1337 N  NE2   . HIS A 1 164 ? 4.827   2.350   -6.559  1.00 31.16 ? 254  HIS A NE2   1 
ATOM   1338 N  N     . ILE A 1 165 ? 8.780   -2.878  -5.417  1.00 28.09 ? 255  ILE A N     1 
ATOM   1339 C  CA    . ILE A 1 165 ? 9.343   -4.215  -5.199  1.00 31.47 ? 255  ILE A CA    1 
ATOM   1340 C  C     . ILE A 1 165 ? 9.440   -4.562  -3.712  1.00 29.04 ? 255  ILE A C     1 
ATOM   1341 O  O     . ILE A 1 165 ? 9.103   -5.672  -3.299  1.00 29.05 ? 255  ILE A O     1 
ATOM   1342 C  CB    . ILE A 1 165 ? 10.752  -4.331  -5.789  1.00 38.69 ? 255  ILE A CB    1 
ATOM   1343 C  CG1   . ILE A 1 165 ? 10.719  -4.203  -7.313  1.00 40.78 ? 255  ILE A CG1   1 
ATOM   1344 C  CG2   . ILE A 1 165 ? 11.405  -5.648  -5.391  1.00 38.39 ? 255  ILE A CG2   1 
ATOM   1345 C  CD1   . ILE A 1 165 ? 12.120  -4.105  -7.913  1.00 41.25 ? 255  ILE A CD1   1 
ATOM   1346 N  N     . ALA A 1 166 ? 9.906   -3.607  -2.915  1.00 28.24 ? 256  ALA A N     1 
ATOM   1347 C  CA    . ALA A 1 166 ? 10.041  -3.822  -1.477  1.00 32.76 ? 256  ALA A CA    1 
ATOM   1348 C  C     . ALA A 1 166 ? 8.676   -4.133  -0.866  1.00 27.95 ? 256  ALA A C     1 
ATOM   1349 O  O     . ALA A 1 166 ? 8.544   -5.027  -0.029  1.00 28.60 ? 256  ALA A O     1 
ATOM   1350 C  CB    . ALA A 1 166 ? 10.686  -2.626  -0.809  1.00 25.10 ? 256  ALA A CB    1 
ATOM   1351 N  N     . GLY A 1 167 ? 7.652   -3.421  -1.322  1.00 26.52 ? 257  GLY A N     1 
ATOM   1352 C  CA    . GLY A 1 167 ? 6.295   -3.739  -0.916  1.00 25.98 ? 257  GLY A CA    1 
ATOM   1353 C  C     . GLY A 1 167 ? 5.885   -5.149  -1.316  1.00 24.78 ? 257  GLY A C     1 
ATOM   1354 O  O     . GLY A 1 167 ? 5.339   -5.895  -0.505  1.00 27.54 ? 257  GLY A O     1 
ATOM   1355 N  N     . LEU A 1 168 ? 6.156   -5.526  -2.563  1.00 22.66 ? 258  LEU A N     1 
ATOM   1356 C  CA    . LEU A 1 168 ? 5.824   -6.867  -3.050  1.00 27.84 ? 258  LEU A CA    1 
ATOM   1357 C  C     . LEU A 1 168 ? 6.558   -7.951  -2.237  1.00 29.86 ? 258  LEU A C     1 
ATOM   1358 O  O     . LEU A 1 168 ? 5.945   -8.922  -1.790  1.00 28.14 ? 258  LEU A O     1 
ATOM   1359 C  CB    . LEU A 1 168 ? 6.165   -6.992  -4.542  1.00 25.41 ? 258  LEU A CB    1 
ATOM   1360 C  CG    . LEU A 1 168 ? 5.846   -8.288  -5.310  1.00 30.44 ? 258  LEU A CG    1 
ATOM   1361 C  CD1   . LEU A 1 168 ? 4.357   -8.527  -5.447  1.00 25.75 ? 258  LEU A CD1   1 
ATOM   1362 C  CD2   . LEU A 1 168 ? 6.483   -8.264  -6.697  1.00 27.05 ? 258  LEU A CD2   1 
ATOM   1363 N  N     . ALA A 1 169 ? 7.865   -7.767  -2.054  1.00 25.30 ? 259  ALA A N     1 
ATOM   1364 C  CA    . ALA A 1 169 ? 8.704   -8.690  -1.278  1.00 25.31 ? 259  ALA A CA    1 
ATOM   1365 C  C     . ALA A 1 169 ? 8.079   -9.021  0.076   1.00 27.66 ? 259  ALA A C     1 
ATOM   1366 O  O     . ALA A 1 169 ? 8.046   -10.178 0.487   1.00 26.32 ? 259  ALA A O     1 
ATOM   1367 C  CB    . ALA A 1 169 ? 10.107  -8.090  -1.075  1.00 24.59 ? 259  ALA A CB    1 
ATOM   1368 N  N     . VAL A 1 170 ? 7.569   -7.998  0.758   1.00 24.90 ? 260  VAL A N     1 
ATOM   1369 C  CA    . VAL A 1 170 ? 6.883   -8.207  2.022   1.00 25.28 ? 260  VAL A CA    1 
ATOM   1370 C  C     . VAL A 1 170 ? 5.694   -9.160  1.891   1.00 24.37 ? 260  VAL A C     1 
ATOM   1371 O  O     . VAL A 1 170 ? 5.561   -10.107 2.664   1.00 25.47 ? 260  VAL A O     1 
ATOM   1372 C  CB    . VAL A 1 170 ? 6.416   -6.868  2.637   1.00 28.74 ? 260  VAL A CB    1 
ATOM   1373 C  CG1   . VAL A 1 170 ? 5.579   -7.125  3.858   1.00 25.10 ? 260  VAL A CG1   1 
ATOM   1374 C  CG2   . VAL A 1 170 ? 7.610   -5.992  2.986   1.00 22.77 ? 260  VAL A CG2   1 
ATOM   1375 N  N     . GLY A 1 171 ? 4.831   -8.910  0.906   1.00 30.45 ? 261  GLY A N     1 
ATOM   1376 C  CA    . GLY A 1 171 ? 3.652   -9.737  0.699   1.00 24.41 ? 261  GLY A CA    1 
ATOM   1377 C  C     . GLY A 1 171 ? 3.999   -11.179 0.345   1.00 27.58 ? 261  GLY A C     1 
ATOM   1378 O  O     . GLY A 1 171 ? 3.370   -12.129 0.822   1.00 24.81 ? 261  GLY A O     1 
ATOM   1379 N  N     . LEU A 1 172 ? 5.000   -11.344 -0.508  1.00 29.61 ? 262  LEU A N     1 
ATOM   1380 C  CA    . LEU A 1 172 ? 5.455   -12.677 -0.884  1.00 30.23 ? 262  LEU A CA    1 
ATOM   1381 C  C     . LEU A 1 172 ? 6.031   -13.392 0.335   1.00 32.39 ? 262  LEU A C     1 
ATOM   1382 O  O     . LEU A 1 172 ? 5.713   -14.557 0.592   1.00 32.18 ? 262  LEU A O     1 
ATOM   1383 C  CB    . LEU A 1 172 ? 6.488   -12.596 -2.008  1.00 28.98 ? 262  LEU A CB    1 
ATOM   1384 C  CG    . LEU A 1 172 ? 5.973   -11.978 -3.319  1.00 29.67 ? 262  LEU A CG    1 
ATOM   1385 C  CD1   . LEU A 1 172 ? 7.104   -11.808 -4.321  1.00 33.04 ? 262  LEU A CD1   1 
ATOM   1386 C  CD2   . LEU A 1 172 ? 4.872   -12.830 -3.924  1.00 29.08 ? 262  LEU A CD2   1 
ATOM   1387 N  N     . ALA A 1 173 ? 6.846   -12.678 1.108   1.00 29.50 ? 263  ALA A N     1 
ATOM   1388 C  CA    . ALA A 1 173 ? 7.460   -13.268 2.295   1.00 31.92 ? 263  ALA A CA    1 
ATOM   1389 C  C     . ALA A 1 173 ? 6.412   -13.785 3.277   1.00 29.03 ? 263  ALA A C     1 
ATOM   1390 O  O     . ALA A 1 173 ? 6.498   -14.919 3.743   1.00 27.84 ? 263  ALA A O     1 
ATOM   1391 C  CB    . ALA A 1 173 ? 8.394   -12.279 2.967   1.00 27.98 ? 263  ALA A CB    1 
ATOM   1392 N  N     . MET A 1 174 ? 5.408   -12.964 3.569   1.00 26.32 ? 264  MET A N     1 
ATOM   1393 C  CA    . MET A 1 174 ? 4.358   -13.373 4.497   1.00 27.39 ? 264  MET A CA    1 
ATOM   1394 C  C     . MET A 1 174 ? 3.469   -14.496 3.953   1.00 30.80 ? 264  MET A C     1 
ATOM   1395 O  O     . MET A 1 174 ? 3.043   -15.371 4.714   1.00 30.50 ? 264  MET A O     1 
ATOM   1396 C  CB    . MET A 1 174 ? 3.507   -12.174 4.937   1.00 24.83 ? 264  MET A CB    1 
ATOM   1397 C  CG    . MET A 1 174 ? 4.279   -11.169 5.795   1.00 27.37 ? 264  MET A CG    1 
ATOM   1398 S  SD    . MET A 1 174 ? 3.304   -9.727  6.318   1.00 29.78 ? 264  MET A SD    1 
ATOM   1399 C  CE    . MET A 1 174 ? 2.141   -10.507 7.449   1.00 29.33 ? 264  MET A CE    1 
ATOM   1400 N  N     . ALA A 1 175 ? 3.169   -14.469 2.655   1.00 29.78 ? 265  ALA A N     1 
ATOM   1401 C  CA    . ALA A 1 175 ? 2.391   -15.557 2.058   1.00 33.98 ? 265  ALA A CA    1 
ATOM   1402 C  C     . ALA A 1 175 ? 3.195   -16.853 2.162   1.00 30.59 ? 265  ALA A C     1 
ATOM   1403 O  O     . ALA A 1 175 ? 2.652   -17.902 2.498   1.00 32.73 ? 265  ALA A O     1 
ATOM   1404 C  CB    . ALA A 1 175 ? 2.030   -15.261 0.598   1.00 27.31 ? 265  ALA A CB    1 
ATOM   1405 N  N     . PHE A 1 176 ? 4.489   -16.763 1.878   1.00 29.16 ? 266  PHE A N     1 
ATOM   1406 C  CA    . PHE A 1 176 ? 5.376   -17.926 1.961   1.00 35.85 ? 266  PHE A CA    1 
ATOM   1407 C  C     . PHE A 1 176 ? 5.382   -18.518 3.369   1.00 38.61 ? 266  PHE A C     1 
ATOM   1408 O  O     . PHE A 1 176 ? 5.212   -19.720 3.550   1.00 40.25 ? 266  PHE A O     1 
ATOM   1409 C  CB    . PHE A 1 176 ? 6.792   -17.547 1.545   1.00 31.34 ? 266  PHE A CB    1 
ATOM   1410 C  CG    . PHE A 1 176 ? 7.796   -18.648 1.730   1.00 44.58 ? 266  PHE A CG    1 
ATOM   1411 C  CD1   . PHE A 1 176 ? 7.957   -19.625 0.765   1.00 45.20 ? 266  PHE A CD1   1 
ATOM   1412 C  CD2   . PHE A 1 176 ? 8.595   -18.695 2.863   1.00 43.34 ? 266  PHE A CD2   1 
ATOM   1413 C  CE1   . PHE A 1 176 ? 8.885   -20.633 0.929   1.00 46.90 ? 266  PHE A CE1   1 
ATOM   1414 C  CE2   . PHE A 1 176 ? 9.526   -19.702 3.032   1.00 41.57 ? 266  PHE A CE2   1 
ATOM   1415 C  CZ    . PHE A 1 176 ? 9.669   -20.670 2.065   1.00 44.67 ? 266  PHE A CZ    1 
ATOM   1416 N  N     . VAL A 1 177 ? 5.569   -17.657 4.362   1.00 32.11 ? 267  VAL A N     1 
ATOM   1417 C  CA    . VAL A 1 177 ? 5.533   -18.073 5.752   1.00 31.66 ? 267  VAL A CA    1 
ATOM   1418 C  C     . VAL A 1 177 ? 4.192   -18.735 6.063   1.00 41.95 ? 267  VAL A C     1 
ATOM   1419 O  O     . VAL A 1 177 ? 4.147   -19.816 6.671   1.00 39.94 ? 267  VAL A O     1 
ATOM   1420 C  CB    . VAL A 1 177 ? 5.751   -16.856 6.679   1.00 34.16 ? 267  VAL A CB    1 
ATOM   1421 C  CG1   . VAL A 1 177 ? 5.193   -17.118 8.061   1.00 30.73 ? 267  VAL A CG1   1 
ATOM   1422 C  CG2   . VAL A 1 177 ? 7.228   -16.475 6.721   1.00 29.28 ? 267  VAL A CG2   1 
ATOM   1423 N  N     . ASP A 1 178 ? 3.111   -18.094 5.610   1.00 33.92 ? 268  ASP A N     1 
ATOM   1424 C  CA    . ASP A 1 178 ? 1.750   -18.543 5.894   1.00 36.08 ? 268  ASP A CA    1 
ATOM   1425 C  C     . ASP A 1 178 ? 1.399   -19.884 5.236   1.00 44.58 ? 268  ASP A C     1 
ATOM   1426 O  O     . ASP A 1 178 ? 0.566   -20.632 5.745   1.00 47.23 ? 268  ASP A O     1 
ATOM   1427 C  CB    . ASP A 1 178 ? 0.729   -17.473 5.474   1.00 35.21 ? 268  ASP A CB    1 
ATOM   1428 C  CG    . ASP A 1 178 ? 0.621   -16.335 6.479   1.00 38.34 ? 268  ASP A CG    1 
ATOM   1429 O  OD1   . ASP A 1 178 ? 1.376   -16.359 7.488   1.00 33.53 ? 268  ASP A OD1   1 
ATOM   1430 O  OD2   . ASP A 1 178 ? -0.222  -15.421 6.265   1.00 30.79 ? 268  ASP A OD2   1 
ATOM   1431 N  N     . SER A 1 179 ? 2.028   -20.187 4.107   1.00 40.28 ? 269  SER A N     1 
ATOM   1432 C  CA    . SER A 1 179 ? 1.707   -21.409 3.384   1.00 44.12 ? 269  SER A CA    1 
ATOM   1433 C  C     . SER A 1 179 ? 2.695   -22.535 3.696   1.00 54.91 ? 269  SER A C     1 
ATOM   1434 O  O     . SER A 1 179 ? 2.910   -23.431 2.876   1.00 63.83 ? 269  SER A O     1 
ATOM   1435 C  CB    . SER A 1 179 ? 1.683   -21.141 1.882   1.00 43.39 ? 269  SER A CB    1 
ATOM   1436 O  OG    . SER A 1 179 ? 2.995   -20.897 1.412   1.00 47.90 ? 269  SER A OG    1 
ATOM   1437 N  N     . LEU A 1 180 ? 3.315   -22.466 4.871   1.00 52.28 ? 270  LEU A N     1 
ATOM   1438 C  CA    . LEU A 1 180 ? 4.093   -23.580 5.406   1.00 55.34 ? 270  LEU A CA    1 
ATOM   1439 C  C     . LEU A 1 180 ? 3.227   -24.308 6.433   1.00 63.79 ? 270  LEU A C     1 
ATOM   1440 O  O     . LEU A 1 180 ? 3.480   -25.462 6.784   1.00 65.02 ? 270  LEU A O     1 
ATOM   1441 C  CB    . LEU A 1 180 ? 5.364   -23.081 6.097   1.00 48.11 ? 270  LEU A CB    1 
ATOM   1442 C  CG    . LEU A 1 180 ? 6.495   -22.430 5.305   1.00 47.37 ? 270  LEU A CG    1 
ATOM   1443 C  CD1   . LEU A 1 180 ? 7.497   -21.795 6.259   1.00 45.19 ? 270  LEU A CD1   1 
ATOM   1444 C  CD2   . LEU A 1 180 ? 7.185   -23.454 4.421   1.00 49.23 ? 270  LEU A CD2   1 
ATOM   1445 O  OXT   . LEU A 1 180 ? 2.253   -23.739 6.949   1.00 63.68 ? 270  LEU A OXT   1 
HETATM 1446 O  O2    . L62 B 2 .   ? -0.095  0.412   -9.585  1.00 41.34 ? 401  L62 A O2    1 
HETATM 1447 C  C5    . L62 B 2 .   ? -0.842  0.476   -8.612  1.00 37.28 ? 401  L62 A C5    1 
HETATM 1448 O  O3    . L62 B 2 .   ? -1.339  -0.700  -8.088  1.00 39.32 ? 401  L62 A O3    1 
HETATM 1449 C  C6    . L62 B 2 .   ? -1.378  -1.835  -8.884  1.00 37.60 ? 401  L62 A C6    1 
HETATM 1450 C  C7    . L62 B 2 .   ? -0.206  -2.670  -8.546  1.00 40.70 ? 401  L62 A C7    1 
HETATM 1451 C  C8    . L62 B 2 .   ? -0.761  -3.411  -7.372  1.00 45.57 ? 401  L62 A C8    1 
HETATM 1452 C  C9    . L62 B 2 .   ? -2.140  -3.801  -7.845  1.00 41.57 ? 401  L62 A C9    1 
HETATM 1453 C  C10   . L62 B 2 .   ? -2.617  -2.615  -8.615  1.00 34.35 ? 401  L62 A C10   1 
HETATM 1454 N  N1    . L62 B 2 .   ? -1.233  1.744   -8.072  1.00 33.72 ? 401  L62 A N1    1 
HETATM 1455 C  C4    . L62 B 2 .   ? -0.483  2.819   -8.659  1.00 31.29 ? 401  L62 A C4    1 
HETATM 1456 C  C3    . L62 B 2 .   ? 0.162   3.606   -7.563  1.00 29.18 ? 401  L62 A C3    1 
HETATM 1457 C  C2    . L62 B 2 .   ? 0.947   2.670   -6.709  1.00 32.71 ? 401  L62 A C2    1 
HETATM 1458 O  O1    . L62 B 2 .   ? 1.788   1.933   -7.228  1.00 33.76 ? 401  L62 A O1    1 
HETATM 1459 C  C11   . L62 B 2 .   ? -1.378  3.698   -9.471  1.00 33.33 ? 401  L62 A C11   1 
HETATM 1460 C  C12   . L62 B 2 .   ? -1.238  5.081   -9.403  1.00 32.92 ? 401  L62 A C12   1 
HETATM 1461 C  C13   . L62 B 2 .   ? -2.064  5.909   -10.150 1.00 39.20 ? 401  L62 A C13   1 
HETATM 1462 C  C14   . L62 B 2 .   ? -3.035  5.361   -10.982 1.00 35.58 ? 401  L62 A C14   1 
HETATM 1463 C  C15   . L62 B 2 .   ? -3.171  3.981   -11.067 1.00 33.78 ? 401  L62 A C15   1 
HETATM 1464 C  C16   . L62 B 2 .   ? -2.351  3.158   -10.311 1.00 36.98 ? 401  L62 A C16   1 
HETATM 1465 O  O1    . 78C C 3 .   ? -6.887  -2.329  -11.976 1.00 36.11 ? 402  78C A O1    1 
HETATM 1466 C  C2    . 78C C 3 .   ? -7.856  -2.803  -12.475 1.00 40.59 ? 402  78C A C2    1 
HETATM 1467 C  C3    . 78C C 3 .   ? -8.781  -4.027  -12.269 1.00 40.50 ? 402  78C A C3    1 
HETATM 1468 C  C4    . 78C C 3 .   ? -9.621  -3.551  -13.503 1.00 40.12 ? 402  78C A C4    1 
HETATM 1469 C  C11   . 78C C 3 .   ? -11.054 -3.290  -13.223 1.00 43.72 ? 402  78C A C11   1 
HETATM 1470 C  C12   . 78C C 3 .   ? -11.423 -2.135  -12.520 1.00 45.03 ? 402  78C A C12   1 
HETATM 1471 C  C13   . 78C C 3 .   ? -12.754 -1.880  -12.244 1.00 46.20 ? 402  78C A C13   1 
HETATM 1472 C  C14   . 78C C 3 .   ? -13.738 -2.766  -12.666 1.00 56.55 ? 402  78C A C14   1 
HETATM 1473 C  C15   . 78C C 3 .   ? -13.379 -3.915  -13.368 1.00 48.60 ? 402  78C A C15   1 
HETATM 1474 C  C16   . 78C C 3 .   ? -12.046 -4.173  -13.646 1.00 41.65 ? 402  78C A C16   1 
HETATM 1475 N  N1    . 78C C 3 .   ? -8.652  -2.393  -13.572 1.00 44.43 ? 402  78C A N1    1 
HETATM 1476 C  C5    . 78C C 3 .   ? -8.607  -1.326  -14.475 1.00 43.64 ? 402  78C A C5    1 
HETATM 1477 O  O2    . 78C C 3 .   ? -7.583  -0.675  -14.627 1.00 39.88 ? 402  78C A O2    1 
HETATM 1478 O  O3    . 78C C 3 .   ? -9.680  -1.300  -15.320 1.00 40.12 ? 402  78C A O3    1 
HETATM 1479 C  C6    . 78C C 3 .   ? -9.737  -0.286  -16.300 1.00 40.01 ? 402  78C A C6    1 
HETATM 1480 C  C7    . 78C C 3 .   ? -10.522 -0.803  -17.523 1.00 36.06 ? 402  78C A C7    1 
HETATM 1481 C  C8    . 78C C 3 .   ? -12.000 -0.488  -17.191 1.00 39.20 ? 402  78C A C8    1 
HETATM 1482 C  C9    . 78C C 3 .   ? -12.011 0.319   -15.883 1.00 35.77 ? 402  78C A C9    1 
HETATM 1483 C  C10   . 78C C 3 .   ? -10.589 0.843   -15.740 1.00 37.35 ? 402  78C A C10   1 
HETATM 1484 C  "C1'" . BNG D 4 .   ? 11.413  -19.967 7.780   1.00 42.85 ? 403  BNG A "C1'" 1 
HETATM 1485 C  "C2'" . BNG D 4 .   ? 10.749  -18.596 7.819   1.00 40.20 ? 403  BNG A "C2'" 1 
HETATM 1486 C  "C3'" . BNG D 4 .   ? 11.310  -17.716 6.714   1.00 44.33 ? 403  BNG A "C3'" 1 
HETATM 1487 C  "C4'" . BNG D 4 .   ? 10.855  -16.267 6.828   1.00 40.75 ? 403  BNG A "C4'" 1 
HETATM 1488 C  "C5'" . BNG D 4 .   ? 11.448  -15.472 5.668   1.00 45.20 ? 403  BNG A "C5'" 1 
HETATM 1489 C  "C6'" . BNG D 4 .   ? 10.864  -14.081 5.600   1.00 39.98 ? 403  BNG A "C6'" 1 
HETATM 1490 C  "C1'" . BNG E 4 .   ? 15.299  11.646  23.120  1.00 53.30 ? 404  BNG A "C1'" 1 
HETATM 1491 C  "C2'" . BNG E 4 .   ? 14.168  10.638  22.913  1.00 49.60 ? 404  BNG A "C2'" 1 
HETATM 1492 C  "C3'" . BNG E 4 .   ? 14.651  9.376   22.197  1.00 43.34 ? 404  BNG A "C3'" 1 
HETATM 1493 C  "C4'" . BNG E 4 .   ? 13.519  8.375   21.972  1.00 40.76 ? 404  BNG A "C4'" 1 
HETATM 1494 C  "C5'" . BNG E 4 .   ? 14.023  7.154   21.209  1.00 39.68 ? 404  BNG A "C5'" 1 
HETATM 1495 C  "C6'" . BNG E 4 .   ? 12.979  6.063   21.083  1.00 34.73 ? 404  BNG A "C6'" 1 
HETATM 1496 C  "C1'" . BNG F 4 .   ? 15.437  22.858  6.781   0.50 47.48 ? 405  BNG A "C1'" 1 
HETATM 1497 C  "C2'" . BNG F 4 .   ? 14.427  21.926  7.424   0.50 48.71 ? 405  BNG A "C2'" 1 
HETATM 1498 C  "C3'" . BNG F 4 .   ? 13.260  22.717  7.991   0.50 46.66 ? 405  BNG A "C3'" 1 
HETATM 1499 C  "C4'" . BNG F 4 .   ? 12.327  21.808  8.766   0.50 46.45 ? 405  BNG A "C4'" 1 
HETATM 1500 C  "C5'" . BNG F 4 .   ? 11.055  22.504  9.160   0.50 45.01 ? 405  BNG A "C5'" 1 
HETATM 1501 C  "C6'" . BNG F 4 .   ? 10.098  21.575  9.867   0.50 45.78 ? 405  BNG A "C6'" 1 
HETATM 1502 C  "C7'" . BNG F 4 .   ? 8.731   22.226  9.969   0.50 45.76 ? 405  BNG A "C7'" 1 
HETATM 1503 C  "C8'" . BNG F 4 .   ? 7.818   21.523  10.951  0.50 46.17 ? 405  BNG A "C8'" 1 
HETATM 1504 C  "C9'" . BNG F 4 .   ? 6.416   22.020  10.737  0.50 47.27 ? 405  BNG A "C9'" 1 
HETATM 1505 O  O1    . BNG F 4 .   ? 15.627  24.018  7.589   0.50 46.23 ? 405  BNG A O1    1 
HETATM 1506 C  "C1'" . BNG G 4 .   ? -15.512 7.348   11.964  1.00 54.64 ? 406  BNG A "C1'" 1 
HETATM 1507 C  "C2'" . BNG G 4 .   ? -16.054 5.934   12.138  1.00 65.77 ? 406  BNG A "C2'" 1 
HETATM 1508 C  "C3'" . BNG G 4 .   ? -16.991 5.577   10.989  1.00 59.68 ? 406  BNG A "C3'" 1 
HETATM 1509 C  "C4'" . BNG G 4 .   ? -17.756 4.282   11.252  1.00 56.82 ? 406  BNG A "C4'" 1 
HETATM 1510 C  "C5'" . BNG G 4 .   ? -18.886 4.128   10.238  1.00 57.25 ? 406  BNG A "C5'" 1 
HETATM 1511 C  "C6'" . BNG G 4 .   ? -19.599 2.783   10.350  1.00 53.87 ? 406  BNG A "C6'" 1 
HETATM 1512 C  "C7'" . BNG G 4 .   ? -20.089 2.290   8.988   1.00 47.33 ? 406  BNG A "C7'" 1 
HETATM 1513 C  "C8'" . BNG G 4 .   ? -20.631 3.418   8.117   1.00 57.69 ? 406  BNG A "C8'" 1 
HETATM 1514 C  "C9'" . BNG G 4 .   ? -20.975 2.913   6.727   1.00 44.65 ? 406  BNG A "C9'" 1 
HETATM 1515 C  "C1'" . BNG H 4 .   ? -0.973  5.901   12.367  1.00 47.63 ? 407  BNG A "C1'" 1 
HETATM 1516 C  "C2'" . BNG H 4 .   ? -0.616  5.812   10.885  1.00 46.41 ? 407  BNG A "C2'" 1 
HETATM 1517 C  "C3'" . BNG H 4 .   ? -0.786  4.398   10.325  1.00 43.83 ? 407  BNG A "C3'" 1 
HETATM 1518 C  "C4'" . BNG H 4 .   ? -0.645  4.400   8.803   1.00 37.30 ? 407  BNG A "C4'" 1 
HETATM 1519 C  "C5'" . BNG H 4 .   ? -0.917  3.009   8.252   1.00 35.94 ? 407  BNG A "C5'" 1 
HETATM 1520 C  "C6'" . BNG H 4 .   ? 0.068   2.627   7.168   1.00 37.70 ? 407  BNG A "C6'" 1 
HETATM 1521 C  "C1'" . BNG I 4 .   ? -6.047  6.602   12.426  1.00 51.35 ? 408  BNG A "C1'" 1 
HETATM 1522 C  "C2'" . BNG I 4 .   ? -5.221  6.105   11.244  1.00 46.41 ? 408  BNG A "C2'" 1 
HETATM 1523 C  "C3'" . BNG I 4 .   ? -5.674  4.722   10.782  1.00 49.23 ? 408  BNG A "C3'" 1 
HETATM 1524 C  "C4'" . BNG I 4 .   ? -5.185  4.420   9.379   1.00 35.84 ? 408  BNG A "C4'" 1 
HETATM 1525 CL CL    . CL  J 5 .   ? 3.323   5.099   -6.140  1.00 35.34 ? 409  CL  A CL    1 
HETATM 1526 CL CL    . CL  K 5 .   ? -18.039 -2.499  1.228   1.00 42.50 ? 410  CL  A CL    1 
HETATM 1527 O  O     . HOH L 6 .   ? -13.698 -7.059  5.157   1.00 37.34 ? 2001 HOH A O     1 
HETATM 1528 O  O     . HOH L 6 .   ? -5.001  10.227  0.583   1.00 25.66 ? 2002 HOH A O     1 
HETATM 1529 O  O     . HOH L 6 .   ? -3.449  19.640  -3.304  1.00 39.28 ? 2003 HOH A O     1 
HETATM 1530 O  O     . HOH L 6 .   ? -3.459  15.503  -3.617  1.00 33.67 ? 2004 HOH A O     1 
HETATM 1531 O  O     . HOH L 6 .   ? 0.504   23.669  1.059   1.00 47.76 ? 2005 HOH A O     1 
HETATM 1532 O  O     . HOH L 6 .   ? -1.031  20.933  -4.139  1.00 46.21 ? 2006 HOH A O     1 
HETATM 1533 O  O     . HOH L 6 .   ? -1.587  16.854  -6.331  1.00 41.04 ? 2007 HOH A O     1 
HETATM 1534 O  O     . HOH L 6 .   ? 3.029   24.716  9.358   1.00 47.50 ? 2008 HOH A O     1 
HETATM 1535 O  O     . HOH L 6 .   ? 6.884   10.839  2.885   1.00 24.89 ? 2009 HOH A O     1 
HETATM 1536 O  O     . HOH L 6 .   ? -14.138 -8.318  7.758   1.00 38.67 ? 2010 HOH A O     1 
HETATM 1537 O  O     . HOH L 6 .   ? 12.177  14.446  16.381  1.00 30.70 ? 2011 HOH A O     1 
HETATM 1538 O  O     . HOH L 6 .   ? 14.423  9.299   10.356  1.00 29.91 ? 2012 HOH A O     1 
HETATM 1539 O  O     . HOH L 6 .   ? 10.217  14.742  18.605  1.00 40.81 ? 2013 HOH A O     1 
HETATM 1540 O  O     . HOH L 6 .   ? 4.099   5.626   0.898   1.00 24.71 ? 2014 HOH A O     1 
HETATM 1541 O  O     . HOH L 6 .   ? 4.654   2.992   1.748   1.00 24.85 ? 2015 HOH A O     1 
HETATM 1542 O  O     . HOH L 6 .   ? -0.154  11.088  -8.974  1.00 32.05 ? 2016 HOH A O     1 
HETATM 1543 O  O     . HOH L 6 .   ? -5.865  11.938  -11.585 1.00 35.23 ? 2017 HOH A O     1 
HETATM 1544 O  O     . HOH L 6 .   ? 1.663   5.390   -3.642  1.00 29.94 ? 2018 HOH A O     1 
HETATM 1545 O  O     . HOH L 6 .   ? -9.379  -12.598 -6.908  1.00 41.75 ? 2019 HOH A O     1 
HETATM 1546 O  O     . HOH L 6 .   ? -12.748 -10.402 9.816   1.00 44.60 ? 2020 HOH A O     1 
HETATM 1547 O  O     . HOH L 6 .   ? -5.729  -12.224 11.521  1.00 36.05 ? 2021 HOH A O     1 
HETATM 1548 O  O     . HOH L 6 .   ? -10.545 -10.296 12.462  1.00 37.43 ? 2022 HOH A O     1 
HETATM 1549 O  O     . HOH L 6 .   ? -2.909  -17.793 7.646   1.00 36.27 ? 2023 HOH A O     1 
HETATM 1550 O  O     . HOH L 6 .   ? 10.607  10.247  -2.820  1.00 30.82 ? 2024 HOH A O     1 
HETATM 1551 O  O     . HOH L 6 .   ? 10.985  8.256   -7.128  1.00 45.60 ? 2025 HOH A O     1 
HETATM 1552 O  O     . HOH L 6 .   ? 15.316  10.727  3.106   1.00 41.07 ? 2026 HOH A O     1 
HETATM 1553 O  O     . HOH L 6 .   ? 18.697  8.550   2.951   1.00 48.54 ? 2027 HOH A O     1 
HETATM 1554 O  O     . HOH L 6 .   ? 23.961  3.892   1.435   1.00 40.09 ? 2028 HOH A O     1 
HETATM 1555 O  O     . HOH L 6 .   ? 21.130  2.930   -1.794  1.00 48.41 ? 2029 HOH A O     1 
HETATM 1556 O  O     . HOH L 6 .   ? 12.272  13.212  -2.003  1.00 35.39 ? 2030 HOH A O     1 
HETATM 1557 O  O     . HOH L 6 .   ? 2.490   2.337   0.489   1.00 22.42 ? 2031 HOH A O     1 
HETATM 1558 O  O     . HOH L 6 .   ? 2.573   0.216   -10.475 1.00 31.97 ? 2032 HOH A O     1 
HETATM 1559 O  O     . HOH L 6 .   ? 6.311   -0.296  -10.546 1.00 42.12 ? 2033 HOH A O     1 
HETATM 1560 O  O     . HOH L 6 .   ? -3.737  -16.761 -6.402  1.00 33.17 ? 2034 HOH A O     1 
HETATM 1561 O  O     . HOH L 6 .   ? -3.679  -18.847 -8.203  1.00 40.28 ? 2035 HOH A O     1 
HETATM 1562 O  O     . HOH L 6 .   ? -15.270 -13.039 -11.460 1.00 50.25 ? 2036 HOH A O     1 
HETATM 1563 O  O     . HOH L 6 .   ? -7.210  -23.362 -18.095 1.00 30.63 ? 2037 HOH A O     1 
HETATM 1564 O  O     . HOH L 6 .   ? 6.920   3.751   -10.535 1.00 41.09 ? 2038 HOH A O     1 
# 
